data_5R4M
# 
_entry.id   5R4M 
# 
_audit_conform.dict_name       mmcif_pdbx.dic 
_audit_conform.dict_version    5.387 
_audit_conform.dict_location   http://mmcif.pdb.org/dictionaries/ascii/mmcif_pdbx.dic 
# 
loop_
_database_2.database_id 
_database_2.database_code 
_database_2.pdbx_database_accession 
_database_2.pdbx_DOI 
PDB   5R4M         pdb_00005r4m 10.2210/pdb5r4m/pdb 
WWPDB D_1001402763 ?            ?                   
# 
loop_
_pdbx_audit_revision_history.ordinal 
_pdbx_audit_revision_history.data_content_type 
_pdbx_audit_revision_history.major_revision 
_pdbx_audit_revision_history.minor_revision 
_pdbx_audit_revision_history.revision_date 
1 'Structure model' 1 0 2020-04-01 
2 'Structure model' 1 1 2024-03-06 
# 
_pdbx_audit_revision_details.ordinal             1 
_pdbx_audit_revision_details.revision_ordinal    1 
_pdbx_audit_revision_details.data_content_type   'Structure model' 
_pdbx_audit_revision_details.provider            repository 
_pdbx_audit_revision_details.type                'Initial release' 
_pdbx_audit_revision_details.description         ? 
_pdbx_audit_revision_details.details             ? 
# 
loop_
_pdbx_audit_revision_group.ordinal 
_pdbx_audit_revision_group.revision_ordinal 
_pdbx_audit_revision_group.data_content_type 
_pdbx_audit_revision_group.group 
1 2 'Structure model' 'Data collection'     
2 2 'Structure model' 'Database references' 
# 
loop_
_pdbx_audit_revision_category.ordinal 
_pdbx_audit_revision_category.revision_ordinal 
_pdbx_audit_revision_category.data_content_type 
_pdbx_audit_revision_category.category 
1 2 'Structure model' chem_comp_atom 
2 2 'Structure model' chem_comp_bond 
3 2 'Structure model' database_2     
# 
loop_
_pdbx_audit_revision_item.ordinal 
_pdbx_audit_revision_item.revision_ordinal 
_pdbx_audit_revision_item.data_content_type 
_pdbx_audit_revision_item.item 
1 2 'Structure model' '_database_2.pdbx_DOI'                
2 2 'Structure model' '_database_2.pdbx_database_accession' 
# 
_pdbx_database_status.entry_id                        5R4M 
_pdbx_database_status.status_code                     REL 
_pdbx_database_status.status_code_sf                  REL 
_pdbx_database_status.status_code_mr                  ? 
_pdbx_database_status.status_code_cs                  ? 
_pdbx_database_status.recvd_initial_deposition_date   2020-02-24 
_pdbx_database_status.deposit_site                    RCSB 
_pdbx_database_status.process_site                    RCSB 
_pdbx_database_status.SG_entry                        ? 
_pdbx_database_status.pdb_format_compatible           Y 
_pdbx_database_status.methods_development_category    ? 
_pdbx_database_status.status_code_nmr_data            ? 
# 
loop_
_audit_author.name 
_audit_author.pdbx_ordinal 
_audit_author.identifier_ORCID 
'Talon, R.'        1  ? 
'Krojer, T.'       2  ? 
'Fairhead, M.'     3  ? 
'Sethi, R.'        4  ? 
'Bradley, A.R.'    5  ? 
'Aimon, A.'        6  ? 
'Collins, P.'      7  ? 
'Brandao-Neto, J.' 8  ? 
'Douangamath, A.'  9  ? 
'Wright, N.'       10 ? 
'MacLean, E.'      11 ? 
'Renjie, Z.'       12 ? 
'Dias, A.'         13 ? 
'Brennan, P.E.'    14 ? 
'Bountra, C.'      15 ? 
'Arrowsmith, C.H.' 16 ? 
'Edwards, A.'      17 ? 
'von Delft, F.'    18 ? 
# 
_citation.id                        primary 
_citation.title                     'PanDDA analysis group deposition' 
_citation.journal_abbrev            'To Be Published' 
_citation.journal_volume            ? 
_citation.page_first                ? 
_citation.page_last                 ? 
_citation.year                      ? 
_citation.journal_id_ASTM           ? 
_citation.country                   ? 
_citation.journal_id_ISSN           ? 
_citation.journal_id_CSD            0353 
_citation.book_publisher            ? 
_citation.pdbx_database_id_PubMed   ? 
_citation.pdbx_database_id_DOI      ? 
# 
loop_
_citation_author.citation_id 
_citation_author.name 
_citation_author.identifier_ORCID 
_citation_author.ordinal 
primary 'Talon, R.'        ? 1  
primary 'Krojer, T.'       ? 2  
primary 'Fairhead, M.'     ? 3  
primary 'Sethi, R.'        ? 4  
primary 'Bradley, A.R.'    ? 5  
primary 'Aimon, A.'        ? 6  
primary 'Collins, P.'      ? 7  
primary 'Brandao-Neto, J.' ? 8  
primary 'Douangamath, A.'  ? 9  
primary 'Wright, N.'       ? 10 
primary 'MacLean, E.'      ? 11 
primary 'Renjie, Z.'       ? 12 
primary 'Dias, A.'         ? 13 
primary 'Brennan, P.E.'    ? 14 
primary 'Bountra, C.'      ? 15 
primary 'Arrowsmith, C.H.' ? 16 
primary 'Edwards, A.'      ? 17 
primary 'von Delft, F.'    ? 18 
# 
loop_
_entity.id 
_entity.type 
_entity.src_method 
_entity.pdbx_description 
_entity.formula_weight 
_entity.pdbx_number_of_molecules 
_entity.pdbx_ec 
_entity.pdbx_mutation 
_entity.pdbx_fragment 
_entity.details 
1 polymer     man 'Nucleosome-remodeling factor subunit BPTF'     14455.415 1   ? ? ? ? 
2 non-polymer syn 'DIMETHYL SULFOXIDE'                            78.133    1   ? ? ? ? 
3 non-polymer syn 2-AMINO-2-HYDROXYMETHYL-PROPANE-1,3-DIOL        122.143   1   ? ? ? ? 
4 non-polymer syn 'N-{2-[4-(AMINOSULFONYL)PHENYL]ETHYL}ACETAMIDE' 242.295   1   ? ? ? ? 
5 water       nat water                                           18.015    151 ? ? ? ? 
# 
_entity_name_com.entity_id   1 
_entity_name_com.name        
'Bromodomain and PHD finger-containing transcription factor,Fetal Alz-50 clone 1 protein,Fetal Alzheimer antigen' 
# 
_entity_poly.entity_id                      1 
_entity_poly.type                           'polypeptide(L)' 
_entity_poly.nstd_linkage                   no 
_entity_poly.nstd_monomer                   no 
_entity_poly.pdbx_seq_one_letter_code       
;SMSTEDAMTVLTPLTEKDYEGLKRVLRSLQAHKMAWPFLEPVDPNDAPDYYGVIKEPMDLATMEERVQRRYYEKLTEFVA
DMTKIFDNCRYYNPSDSPFYQCAEVLESFFVQKLKGFKASRSH
;
_entity_poly.pdbx_seq_one_letter_code_can   
;SMSTEDAMTVLTPLTEKDYEGLKRVLRSLQAHKMAWPFLEPVDPNDAPDYYGVIKEPMDLATMEERVQRRYYEKLTEFVA
DMTKIFDNCRYYNPSDSPFYQCAEVLESFFVQKLKGFKASRSH
;
_entity_poly.pdbx_strand_id                 A 
_entity_poly.pdbx_target_identifier         ? 
# 
loop_
_pdbx_entity_nonpoly.entity_id 
_pdbx_entity_nonpoly.name 
_pdbx_entity_nonpoly.comp_id 
2 'DIMETHYL SULFOXIDE'                            DMS 
3 2-AMINO-2-HYDROXYMETHYL-PROPANE-1,3-DIOL        TRS 
4 'N-{2-[4-(AMINOSULFONYL)PHENYL]ETHYL}ACETAMIDE' M25 
5 water                                           HOH 
# 
loop_
_entity_poly_seq.entity_id 
_entity_poly_seq.num 
_entity_poly_seq.mon_id 
_entity_poly_seq.hetero 
1 1   SER n 
1 2   MET n 
1 3   SER n 
1 4   THR n 
1 5   GLU n 
1 6   ASP n 
1 7   ALA n 
1 8   MET n 
1 9   THR n 
1 10  VAL n 
1 11  LEU n 
1 12  THR n 
1 13  PRO n 
1 14  LEU n 
1 15  THR n 
1 16  GLU n 
1 17  LYS n 
1 18  ASP n 
1 19  TYR n 
1 20  GLU n 
1 21  GLY n 
1 22  LEU n 
1 23  LYS n 
1 24  ARG n 
1 25  VAL n 
1 26  LEU n 
1 27  ARG n 
1 28  SER n 
1 29  LEU n 
1 30  GLN n 
1 31  ALA n 
1 32  HIS n 
1 33  LYS n 
1 34  MET n 
1 35  ALA n 
1 36  TRP n 
1 37  PRO n 
1 38  PHE n 
1 39  LEU n 
1 40  GLU n 
1 41  PRO n 
1 42  VAL n 
1 43  ASP n 
1 44  PRO n 
1 45  ASN n 
1 46  ASP n 
1 47  ALA n 
1 48  PRO n 
1 49  ASP n 
1 50  TYR n 
1 51  TYR n 
1 52  GLY n 
1 53  VAL n 
1 54  ILE n 
1 55  LYS n 
1 56  GLU n 
1 57  PRO n 
1 58  MET n 
1 59  ASP n 
1 60  LEU n 
1 61  ALA n 
1 62  THR n 
1 63  MET n 
1 64  GLU n 
1 65  GLU n 
1 66  ARG n 
1 67  VAL n 
1 68  GLN n 
1 69  ARG n 
1 70  ARG n 
1 71  TYR n 
1 72  TYR n 
1 73  GLU n 
1 74  LYS n 
1 75  LEU n 
1 76  THR n 
1 77  GLU n 
1 78  PHE n 
1 79  VAL n 
1 80  ALA n 
1 81  ASP n 
1 82  MET n 
1 83  THR n 
1 84  LYS n 
1 85  ILE n 
1 86  PHE n 
1 87  ASP n 
1 88  ASN n 
1 89  CYS n 
1 90  ARG n 
1 91  TYR n 
1 92  TYR n 
1 93  ASN n 
1 94  PRO n 
1 95  SER n 
1 96  ASP n 
1 97  SER n 
1 98  PRO n 
1 99  PHE n 
1 100 TYR n 
1 101 GLN n 
1 102 CYS n 
1 103 ALA n 
1 104 GLU n 
1 105 VAL n 
1 106 LEU n 
1 107 GLU n 
1 108 SER n 
1 109 PHE n 
1 110 PHE n 
1 111 VAL n 
1 112 GLN n 
1 113 LYS n 
1 114 LEU n 
1 115 LYS n 
1 116 GLY n 
1 117 PHE n 
1 118 LYS n 
1 119 ALA n 
1 120 SER n 
1 121 ARG n 
1 122 SER n 
1 123 HIS n 
# 
_entity_src_gen.entity_id                          1 
_entity_src_gen.pdbx_src_id                        1 
_entity_src_gen.pdbx_alt_source_flag               sample 
_entity_src_gen.pdbx_seq_type                      'Biological sequence' 
_entity_src_gen.pdbx_beg_seq_num                   1 
_entity_src_gen.pdbx_end_seq_num                   123 
_entity_src_gen.gene_src_common_name               Human 
_entity_src_gen.gene_src_genus                     ? 
_entity_src_gen.pdbx_gene_src_gene                 'BPTF, FAC1, FALZ' 
_entity_src_gen.gene_src_species                   ? 
_entity_src_gen.gene_src_strain                    ? 
_entity_src_gen.gene_src_tissue                    ? 
_entity_src_gen.gene_src_tissue_fraction           ? 
_entity_src_gen.gene_src_details                   ? 
_entity_src_gen.pdbx_gene_src_fragment             ? 
_entity_src_gen.pdbx_gene_src_scientific_name      'Homo sapiens' 
_entity_src_gen.pdbx_gene_src_ncbi_taxonomy_id     9606 
_entity_src_gen.pdbx_gene_src_variant              ? 
_entity_src_gen.pdbx_gene_src_cell_line            ? 
_entity_src_gen.pdbx_gene_src_atcc                 ? 
_entity_src_gen.pdbx_gene_src_organ                ? 
_entity_src_gen.pdbx_gene_src_organelle            ? 
_entity_src_gen.pdbx_gene_src_cell                 ? 
_entity_src_gen.pdbx_gene_src_cellular_location    ? 
_entity_src_gen.host_org_common_name               ? 
_entity_src_gen.pdbx_host_org_scientific_name      'Escherichia coli' 
_entity_src_gen.pdbx_host_org_ncbi_taxonomy_id     562 
_entity_src_gen.host_org_genus                     ? 
_entity_src_gen.pdbx_host_org_gene                 ? 
_entity_src_gen.pdbx_host_org_organ                ? 
_entity_src_gen.host_org_species                   ? 
_entity_src_gen.pdbx_host_org_tissue               ? 
_entity_src_gen.pdbx_host_org_tissue_fraction      ? 
_entity_src_gen.pdbx_host_org_strain               ? 
_entity_src_gen.pdbx_host_org_variant              ? 
_entity_src_gen.pdbx_host_org_cell_line            ? 
_entity_src_gen.pdbx_host_org_atcc                 ? 
_entity_src_gen.pdbx_host_org_culture_collection   ? 
_entity_src_gen.pdbx_host_org_cell                 ? 
_entity_src_gen.pdbx_host_org_organelle            ? 
_entity_src_gen.pdbx_host_org_cellular_location    ? 
_entity_src_gen.pdbx_host_org_vector_type          ? 
_entity_src_gen.pdbx_host_org_vector               ? 
_entity_src_gen.host_org_details                   ? 
_entity_src_gen.expression_system_id               ? 
_entity_src_gen.plasmid_name                       ? 
_entity_src_gen.plasmid_details                    ? 
_entity_src_gen.pdbx_description                   ? 
# 
loop_
_chem_comp.id 
_chem_comp.type 
_chem_comp.mon_nstd_flag 
_chem_comp.name 
_chem_comp.pdbx_synonyms 
_chem_comp.formula 
_chem_comp.formula_weight 
ALA 'L-peptide linking' y ALANINE                                         ?             'C3 H7 N O2'      89.093  
ARG 'L-peptide linking' y ARGININE                                        ?             'C6 H15 N4 O2 1'  175.209 
ASN 'L-peptide linking' y ASPARAGINE                                      ?             'C4 H8 N2 O3'     132.118 
ASP 'L-peptide linking' y 'ASPARTIC ACID'                                 ?             'C4 H7 N O4'      133.103 
CYS 'L-peptide linking' y CYSTEINE                                        ?             'C3 H7 N O2 S'    121.158 
DMS non-polymer         . 'DIMETHYL SULFOXIDE'                            ?             'C2 H6 O S'       78.133  
GLN 'L-peptide linking' y GLUTAMINE                                       ?             'C5 H10 N2 O3'    146.144 
GLU 'L-peptide linking' y 'GLUTAMIC ACID'                                 ?             'C5 H9 N O4'      147.129 
GLY 'peptide linking'   y GLYCINE                                         ?             'C2 H5 N O2'      75.067  
HIS 'L-peptide linking' y HISTIDINE                                       ?             'C6 H10 N3 O2 1'  156.162 
HOH non-polymer         . WATER                                           ?             'H2 O'            18.015  
ILE 'L-peptide linking' y ISOLEUCINE                                      ?             'C6 H13 N O2'     131.173 
LEU 'L-peptide linking' y LEUCINE                                         ?             'C6 H13 N O2'     131.173 
LYS 'L-peptide linking' y LYSINE                                          ?             'C6 H15 N2 O2 1'  147.195 
M25 non-polymer         . 'N-{2-[4-(AMINOSULFONYL)PHENYL]ETHYL}ACETAMIDE' ?             'C10 H14 N2 O3 S' 242.295 
MET 'L-peptide linking' y METHIONINE                                      ?             'C5 H11 N O2 S'   149.211 
PHE 'L-peptide linking' y PHENYLALANINE                                   ?             'C9 H11 N O2'     165.189 
PRO 'L-peptide linking' y PROLINE                                         ?             'C5 H9 N O2'      115.130 
SER 'L-peptide linking' y SERINE                                          ?             'C3 H7 N O3'      105.093 
THR 'L-peptide linking' y THREONINE                                       ?             'C4 H9 N O3'      119.119 
TRP 'L-peptide linking' y TRYPTOPHAN                                      ?             'C11 H12 N2 O2'   204.225 
TRS non-polymer         . 2-AMINO-2-HYDROXYMETHYL-PROPANE-1,3-DIOL        'TRIS BUFFER' 'C4 H12 N O3 1'   122.143 
TYR 'L-peptide linking' y TYROSINE                                        ?             'C9 H11 N O3'     181.189 
VAL 'L-peptide linking' y VALINE                                          ?             'C5 H11 N O2'     117.146 
# 
loop_
_pdbx_poly_seq_scheme.asym_id 
_pdbx_poly_seq_scheme.entity_id 
_pdbx_poly_seq_scheme.seq_id 
_pdbx_poly_seq_scheme.mon_id 
_pdbx_poly_seq_scheme.ndb_seq_num 
_pdbx_poly_seq_scheme.pdb_seq_num 
_pdbx_poly_seq_scheme.auth_seq_num 
_pdbx_poly_seq_scheme.pdb_mon_id 
_pdbx_poly_seq_scheme.auth_mon_id 
_pdbx_poly_seq_scheme.pdb_strand_id 
_pdbx_poly_seq_scheme.pdb_ins_code 
_pdbx_poly_seq_scheme.hetero 
A 1 1   SER 1   2789 ?    ?   ?   A . n 
A 1 2   MET 2   2790 ?    ?   ?   A . n 
A 1 3   SER 3   2791 ?    ?   ?   A . n 
A 1 4   THR 4   2792 ?    ?   ?   A . n 
A 1 5   GLU 5   2793 2793 GLU GLU A . n 
A 1 6   ASP 6   2794 2794 ASP ASP A . n 
A 1 7   ALA 7   2795 2795 ALA ALA A . n 
A 1 8   MET 8   2796 2796 MET MET A . n 
A 1 9   THR 9   2797 2797 THR THR A . n 
A 1 10  VAL 10  2798 2798 VAL VAL A . n 
A 1 11  LEU 11  2799 2799 LEU LEU A . n 
A 1 12  THR 12  2800 2800 THR THR A . n 
A 1 13  PRO 13  2801 2801 PRO PRO A . n 
A 1 14  LEU 14  2802 2802 LEU LEU A . n 
A 1 15  THR 15  2803 2803 THR THR A . n 
A 1 16  GLU 16  2804 2804 GLU GLU A . n 
A 1 17  LYS 17  2805 2805 LYS LYS A . n 
A 1 18  ASP 18  2806 2806 ASP ASP A . n 
A 1 19  TYR 19  2807 2807 TYR TYR A . n 
A 1 20  GLU 20  2808 2808 GLU GLU A . n 
A 1 21  GLY 21  2809 2809 GLY GLY A . n 
A 1 22  LEU 22  2810 2810 LEU LEU A . n 
A 1 23  LYS 23  2811 2811 LYS LYS A . n 
A 1 24  ARG 24  2812 2812 ARG ARG A . n 
A 1 25  VAL 25  2813 2813 VAL VAL A . n 
A 1 26  LEU 26  2814 2814 LEU LEU A . n 
A 1 27  ARG 27  2815 2815 ARG ARG A . n 
A 1 28  SER 28  2816 2816 SER SER A . n 
A 1 29  LEU 29  2817 2817 LEU LEU A . n 
A 1 30  GLN 30  2818 2818 GLN GLN A . n 
A 1 31  ALA 31  2819 2819 ALA ALA A . n 
A 1 32  HIS 32  2820 2820 HIS HIS A . n 
A 1 33  LYS 33  2821 2821 LYS LYS A . n 
A 1 34  MET 34  2822 2822 MET MET A . n 
A 1 35  ALA 35  2823 2823 ALA ALA A . n 
A 1 36  TRP 36  2824 2824 TRP TRP A . n 
A 1 37  PRO 37  2825 2825 PRO PRO A . n 
A 1 38  PHE 38  2826 2826 PHE PHE A . n 
A 1 39  LEU 39  2827 2827 LEU LEU A . n 
A 1 40  GLU 40  2828 2828 GLU GLU A . n 
A 1 41  PRO 41  2829 2829 PRO PRO A . n 
A 1 42  VAL 42  2830 2830 VAL VAL A . n 
A 1 43  ASP 43  2831 2831 ASP ASP A . n 
A 1 44  PRO 44  2832 2832 PRO PRO A . n 
A 1 45  ASN 45  2833 2833 ASN ASN A . n 
A 1 46  ASP 46  2834 2834 ASP ASP A . n 
A 1 47  ALA 47  2835 2835 ALA ALA A . n 
A 1 48  PRO 48  2836 2836 PRO PRO A . n 
A 1 49  ASP 49  2837 2837 ASP ASP A . n 
A 1 50  TYR 50  2838 2838 TYR TYR A . n 
A 1 51  TYR 51  2839 2839 TYR TYR A . n 
A 1 52  GLY 52  2840 2840 GLY GLY A . n 
A 1 53  VAL 53  2841 2841 VAL VAL A . n 
A 1 54  ILE 54  2842 2842 ILE ILE A . n 
A 1 55  LYS 55  2843 2843 LYS LYS A . n 
A 1 56  GLU 56  2844 2844 GLU GLU A . n 
A 1 57  PRO 57  2845 2845 PRO PRO A . n 
A 1 58  MET 58  2846 2846 MET MET A . n 
A 1 59  ASP 59  2847 2847 ASP ASP A . n 
A 1 60  LEU 60  2848 2848 LEU LEU A . n 
A 1 61  ALA 61  2849 2849 ALA ALA A . n 
A 1 62  THR 62  2850 2850 THR THR A . n 
A 1 63  MET 63  2851 2851 MET MET A . n 
A 1 64  GLU 64  2852 2852 GLU GLU A . n 
A 1 65  GLU 65  2853 2853 GLU GLU A . n 
A 1 66  ARG 66  2854 2854 ARG ARG A . n 
A 1 67  VAL 67  2855 2855 VAL VAL A . n 
A 1 68  GLN 68  2856 2856 GLN GLN A . n 
A 1 69  ARG 69  2857 2857 ARG ARG A . n 
A 1 70  ARG 70  2858 2858 ARG ARG A . n 
A 1 71  TYR 71  2859 2859 TYR TYR A . n 
A 1 72  TYR 72  2860 2860 TYR TYR A . n 
A 1 73  GLU 73  2861 2861 GLU GLU A . n 
A 1 74  LYS 74  2862 2862 LYS LYS A . n 
A 1 75  LEU 75  2863 2863 LEU LEU A . n 
A 1 76  THR 76  2864 2864 THR THR A . n 
A 1 77  GLU 77  2865 2865 GLU GLU A . n 
A 1 78  PHE 78  2866 2866 PHE PHE A . n 
A 1 79  VAL 79  2867 2867 VAL VAL A . n 
A 1 80  ALA 80  2868 2868 ALA ALA A . n 
A 1 81  ASP 81  2869 2869 ASP ASP A . n 
A 1 82  MET 82  2870 2870 MET MET A . n 
A 1 83  THR 83  2871 2871 THR THR A . n 
A 1 84  LYS 84  2872 2872 LYS LYS A . n 
A 1 85  ILE 85  2873 2873 ILE ILE A . n 
A 1 86  PHE 86  2874 2874 PHE PHE A . n 
A 1 87  ASP 87  2875 2875 ASP ASP A . n 
A 1 88  ASN 88  2876 2876 ASN ASN A . n 
A 1 89  CYS 89  2877 2877 CYS CYS A . n 
A 1 90  ARG 90  2878 2878 ARG ARG A . n 
A 1 91  TYR 91  2879 2879 TYR TYR A . n 
A 1 92  TYR 92  2880 2880 TYR TYR A . n 
A 1 93  ASN 93  2881 2881 ASN ASN A . n 
A 1 94  PRO 94  2882 2882 PRO PRO A . n 
A 1 95  SER 95  2883 2883 SER SER A . n 
A 1 96  ASP 96  2884 2884 ASP ASP A . n 
A 1 97  SER 97  2885 2885 SER SER A . n 
A 1 98  PRO 98  2886 2886 PRO PRO A . n 
A 1 99  PHE 99  2887 2887 PHE PHE A . n 
A 1 100 TYR 100 2888 2888 TYR TYR A . n 
A 1 101 GLN 101 2889 2889 GLN GLN A . n 
A 1 102 CYS 102 2890 2890 CYS CYS A . n 
A 1 103 ALA 103 2891 2891 ALA ALA A . n 
A 1 104 GLU 104 2892 2892 GLU GLU A . n 
A 1 105 VAL 105 2893 2893 VAL VAL A . n 
A 1 106 LEU 106 2894 2894 LEU LEU A . n 
A 1 107 GLU 107 2895 2895 GLU GLU A . n 
A 1 108 SER 108 2896 2896 SER SER A . n 
A 1 109 PHE 109 2897 2897 PHE PHE A . n 
A 1 110 PHE 110 2898 2898 PHE PHE A . n 
A 1 111 VAL 111 2899 2899 VAL VAL A . n 
A 1 112 GLN 112 2900 2900 GLN GLN A . n 
A 1 113 LYS 113 2901 2901 LYS LYS A . n 
A 1 114 LEU 114 2902 2902 LEU LEU A . n 
A 1 115 LYS 115 2903 2903 LYS LYS A . n 
A 1 116 GLY 116 2904 2904 GLY GLY A . n 
A 1 117 PHE 117 2905 2905 PHE PHE A . n 
A 1 118 LYS 118 2906 2906 LYS LYS A . n 
A 1 119 ALA 119 2907 2907 ALA ALA A . n 
A 1 120 SER 120 2908 2908 SER SER A . n 
A 1 121 ARG 121 2909 2909 ARG ARG A . n 
A 1 122 SER 122 2910 2910 SER SER A . n 
A 1 123 HIS 123 2911 2911 HIS HIS A . n 
# 
loop_
_pdbx_nonpoly_scheme.asym_id 
_pdbx_nonpoly_scheme.entity_id 
_pdbx_nonpoly_scheme.mon_id 
_pdbx_nonpoly_scheme.ndb_seq_num 
_pdbx_nonpoly_scheme.pdb_seq_num 
_pdbx_nonpoly_scheme.auth_seq_num 
_pdbx_nonpoly_scheme.pdb_mon_id 
_pdbx_nonpoly_scheme.auth_mon_id 
_pdbx_nonpoly_scheme.pdb_strand_id 
_pdbx_nonpoly_scheme.pdb_ins_code 
B 2 DMS 1   3001 2   DMS DMS A . 
C 3 TRS 1   3002 1   TRS TRS A . 
D 4 M25 1   3003 1   M25 LIG A . 
E 5 HOH 1   3101 40  HOH HOH A . 
E 5 HOH 2   3102 147 HOH HOH A . 
E 5 HOH 3   3103 34  HOH HOH A . 
E 5 HOH 4   3104 1   HOH HOH A . 
E 5 HOH 5   3105 37  HOH HOH A . 
E 5 HOH 6   3106 101 HOH HOH A . 
E 5 HOH 7   3107 145 HOH HOH A . 
E 5 HOH 8   3108 153 HOH HOH A . 
E 5 HOH 9   3109 23  HOH HOH A . 
E 5 HOH 10  3110 21  HOH HOH A . 
E 5 HOH 11  3111 128 HOH HOH A . 
E 5 HOH 12  3112 33  HOH HOH A . 
E 5 HOH 13  3113 103 HOH HOH A . 
E 5 HOH 14  3114 44  HOH HOH A . 
E 5 HOH 15  3115 66  HOH HOH A . 
E 5 HOH 16  3116 91  HOH HOH A . 
E 5 HOH 17  3117 19  HOH HOH A . 
E 5 HOH 18  3118 163 HOH HOH A . 
E 5 HOH 19  3119 53  HOH HOH A . 
E 5 HOH 20  3120 98  HOH HOH A . 
E 5 HOH 21  3121 61  HOH HOH A . 
E 5 HOH 22  3122 20  HOH HOH A . 
E 5 HOH 23  3123 151 HOH HOH A . 
E 5 HOH 24  3124 122 HOH HOH A . 
E 5 HOH 25  3125 68  HOH HOH A . 
E 5 HOH 26  3126 166 HOH HOH A . 
E 5 HOH 27  3127 157 HOH HOH A . 
E 5 HOH 28  3128 77  HOH HOH A . 
E 5 HOH 29  3129 54  HOH HOH A . 
E 5 HOH 30  3130 25  HOH HOH A . 
E 5 HOH 31  3131 83  HOH HOH A . 
E 5 HOH 32  3132 116 HOH HOH A . 
E 5 HOH 33  3133 117 HOH HOH A . 
E 5 HOH 34  3134 115 HOH HOH A . 
E 5 HOH 35  3135 12  HOH HOH A . 
E 5 HOH 36  3136 92  HOH HOH A . 
E 5 HOH 37  3137 124 HOH HOH A . 
E 5 HOH 38  3138 8   HOH HOH A . 
E 5 HOH 39  3139 162 HOH HOH A . 
E 5 HOH 40  3140 18  HOH HOH A . 
E 5 HOH 41  3141 72  HOH HOH A . 
E 5 HOH 42  3142 118 HOH HOH A . 
E 5 HOH 43  3143 141 HOH HOH A . 
E 5 HOH 44  3144 160 HOH HOH A . 
E 5 HOH 45  3145 135 HOH HOH A . 
E 5 HOH 46  3146 80  HOH HOH A . 
E 5 HOH 47  3147 111 HOH HOH A . 
E 5 HOH 48  3148 46  HOH HOH A . 
E 5 HOH 49  3149 146 HOH HOH A . 
E 5 HOH 50  3150 36  HOH HOH A . 
E 5 HOH 51  3151 4   HOH HOH A . 
E 5 HOH 52  3152 52  HOH HOH A . 
E 5 HOH 53  3153 59  HOH HOH A . 
E 5 HOH 54  3154 113 HOH HOH A . 
E 5 HOH 55  3155 170 HOH HOH A . 
E 5 HOH 56  3156 104 HOH HOH A . 
E 5 HOH 57  3157 45  HOH HOH A . 
E 5 HOH 58  3158 126 HOH HOH A . 
E 5 HOH 59  3159 26  HOH HOH A . 
E 5 HOH 60  3160 131 HOH HOH A . 
E 5 HOH 61  3161 11  HOH HOH A . 
E 5 HOH 62  3162 64  HOH HOH A . 
E 5 HOH 63  3163 106 HOH HOH A . 
E 5 HOH 64  3164 94  HOH HOH A . 
E 5 HOH 65  3165 16  HOH HOH A . 
E 5 HOH 66  3166 50  HOH HOH A . 
E 5 HOH 67  3167 82  HOH HOH A . 
E 5 HOH 68  3168 95  HOH HOH A . 
E 5 HOH 69  3169 39  HOH HOH A . 
E 5 HOH 70  3170 65  HOH HOH A . 
E 5 HOH 71  3171 134 HOH HOH A . 
E 5 HOH 72  3172 81  HOH HOH A . 
E 5 HOH 73  3173 17  HOH HOH A . 
E 5 HOH 74  3174 150 HOH HOH A . 
E 5 HOH 75  3175 27  HOH HOH A . 
E 5 HOH 76  3176 22  HOH HOH A . 
E 5 HOH 77  3177 48  HOH HOH A . 
E 5 HOH 78  3178 9   HOH HOH A . 
E 5 HOH 79  3179 3   HOH HOH A . 
E 5 HOH 80  3180 79  HOH HOH A . 
E 5 HOH 81  3181 78  HOH HOH A . 
E 5 HOH 82  3182 29  HOH HOH A . 
E 5 HOH 83  3183 24  HOH HOH A . 
E 5 HOH 84  3184 31  HOH HOH A . 
E 5 HOH 85  3185 102 HOH HOH A . 
E 5 HOH 86  3186 69  HOH HOH A . 
E 5 HOH 87  3187 62  HOH HOH A . 
E 5 HOH 88  3188 6   HOH HOH A . 
E 5 HOH 89  3189 47  HOH HOH A . 
E 5 HOH 90  3190 42  HOH HOH A . 
E 5 HOH 91  3191 5   HOH HOH A . 
E 5 HOH 92  3192 13  HOH HOH A . 
E 5 HOH 93  3193 32  HOH HOH A . 
E 5 HOH 94  3194 51  HOH HOH A . 
E 5 HOH 95  3195 149 HOH HOH A . 
E 5 HOH 96  3196 133 HOH HOH A . 
E 5 HOH 97  3197 15  HOH HOH A . 
E 5 HOH 98  3198 89  HOH HOH A . 
E 5 HOH 99  3199 71  HOH HOH A . 
E 5 HOH 100 3200 63  HOH HOH A . 
E 5 HOH 101 3201 96  HOH HOH A . 
E 5 HOH 102 3202 67  HOH HOH A . 
E 5 HOH 103 3203 2   HOH HOH A . 
E 5 HOH 104 3204 73  HOH HOH A . 
E 5 HOH 105 3205 108 HOH HOH A . 
E 5 HOH 106 3206 112 HOH HOH A . 
E 5 HOH 107 3207 155 HOH HOH A . 
E 5 HOH 108 3208 161 HOH HOH A . 
E 5 HOH 109 3209 90  HOH HOH A . 
E 5 HOH 110 3210 109 HOH HOH A . 
E 5 HOH 111 3211 35  HOH HOH A . 
E 5 HOH 112 3212 171 HOH HOH A . 
E 5 HOH 113 3213 120 HOH HOH A . 
E 5 HOH 114 3214 130 HOH HOH A . 
E 5 HOH 115 3215 86  HOH HOH A . 
E 5 HOH 116 3216 7   HOH HOH A . 
E 5 HOH 117 3217 148 HOH HOH A . 
E 5 HOH 118 3218 49  HOH HOH A . 
E 5 HOH 119 3219 43  HOH HOH A . 
E 5 HOH 120 3220 60  HOH HOH A . 
E 5 HOH 121 3221 76  HOH HOH A . 
E 5 HOH 122 3222 125 HOH HOH A . 
E 5 HOH 123 3223 30  HOH HOH A . 
E 5 HOH 124 3224 114 HOH HOH A . 
E 5 HOH 125 3225 87  HOH HOH A . 
E 5 HOH 126 3226 168 HOH HOH A . 
E 5 HOH 127 3227 165 HOH HOH A . 
E 5 HOH 128 3228 70  HOH HOH A . 
E 5 HOH 129 3229 100 HOH HOH A . 
E 5 HOH 130 3230 97  HOH HOH A . 
E 5 HOH 131 3231 10  HOH HOH A . 
E 5 HOH 132 3232 88  HOH HOH A . 
E 5 HOH 133 3233 57  HOH HOH A . 
E 5 HOH 134 3234 138 HOH HOH A . 
E 5 HOH 135 3235 129 HOH HOH A . 
E 5 HOH 136 3236 136 HOH HOH A . 
E 5 HOH 137 3237 75  HOH HOH A . 
E 5 HOH 138 3238 156 HOH HOH A . 
E 5 HOH 139 3239 167 HOH HOH A . 
E 5 HOH 140 3240 85  HOH HOH A . 
E 5 HOH 141 3241 56  HOH HOH A . 
E 5 HOH 142 3242 152 HOH HOH A . 
E 5 HOH 143 3243 107 HOH HOH A . 
E 5 HOH 144 3244 144 HOH HOH A . 
E 5 HOH 145 3245 132 HOH HOH A . 
E 5 HOH 146 3246 58  HOH HOH A . 
E 5 HOH 147 3247 169 HOH HOH A . 
E 5 HOH 148 3248 139 HOH HOH A . 
E 5 HOH 149 3249 84  HOH HOH A . 
E 5 HOH 150 3250 28  HOH HOH A . 
E 5 HOH 151 3251 140 HOH HOH A . 
# 
loop_
_pdbx_unobs_or_zero_occ_atoms.id 
_pdbx_unobs_or_zero_occ_atoms.PDB_model_num 
_pdbx_unobs_or_zero_occ_atoms.polymer_flag 
_pdbx_unobs_or_zero_occ_atoms.occupancy_flag 
_pdbx_unobs_or_zero_occ_atoms.auth_asym_id 
_pdbx_unobs_or_zero_occ_atoms.auth_comp_id 
_pdbx_unobs_or_zero_occ_atoms.auth_seq_id 
_pdbx_unobs_or_zero_occ_atoms.PDB_ins_code 
_pdbx_unobs_or_zero_occ_atoms.auth_atom_id 
_pdbx_unobs_or_zero_occ_atoms.label_alt_id 
_pdbx_unobs_or_zero_occ_atoms.label_asym_id 
_pdbx_unobs_or_zero_occ_atoms.label_comp_id 
_pdbx_unobs_or_zero_occ_atoms.label_seq_id 
_pdbx_unobs_or_zero_occ_atoms.label_atom_id 
1 1 Y 1 A LYS 2843 ? CD ? A LYS 55 CD 
2 1 Y 1 A LYS 2843 ? CE ? A LYS 55 CE 
3 1 Y 1 A LYS 2843 ? NZ ? A LYS 55 NZ 
# 
loop_
_software.pdbx_ordinal 
_software.name 
_software.version 
_software.date 
_software.type 
_software.contact_author 
_software.contact_author_email 
_software.classification 
_software.location 
_software.language 
_software.citation_id 
1 REFMAC      5.8.0158 ?               program 'Garib N. Murshudov' garib@ysbl.york.ac.uk    refinement        
http://www.ccp4.ac.uk/dist/html/refmac5.html        Fortran_77 ? 
2 Aimless     0.5.31   12/12/16        program 'Phil Evans'         ?                        'data scaling'    
http://www.mrc-lmb.cam.ac.uk/harry/pre/aimless.html ?          ? 
3 PDB_EXTRACT 3.23     'SEP. 23, 2016' package PDB                  deposit@deposit.rcsb.org 'data extraction' 
http://sw-tools.pdb.org/apps/PDB_EXTRACT/           C++        ? 
4 XDS         .        ?               program ?                    ?                        'data reduction'  ? ?          ? 
5 REFMAC      .        ?               program ?                    ?                        phasing           ? ?          ? 
# 
_cell.entry_id           5R4M 
_cell.length_a           111.846 
_cell.length_b           27.385 
_cell.length_c           38.245 
_cell.angle_alpha        90.000 
_cell.angle_beta         96.080 
_cell.angle_gamma        90.000 
_cell.Z_PDB              4 
_cell.pdbx_unique_axis   ? 
# 
_symmetry.entry_id                         5R4M 
_symmetry.Int_Tables_number                5 
_symmetry.space_group_name_H-M             'C 1 2 1' 
_symmetry.pdbx_full_space_group_name_H-M   ? 
_symmetry.cell_setting                     ? 
# 
_exptl.crystals_number   1 
_exptl.entry_id          5R4M 
_exptl.method            'X-RAY DIFFRACTION' 
# 
_exptl_crystal.id                    1 
_exptl_crystal.pdbx_mosaicity        0.060 
_exptl_crystal.pdbx_mosaicity_esd    ? 
_exptl_crystal.density_Matthews      2.01 
_exptl_crystal.density_diffrn        ? 
_exptl_crystal.density_meas          ? 
_exptl_crystal.density_meas_temp     ? 
_exptl_crystal.density_percent_sol   38.94 
_exptl_crystal.size_max              ? 
_exptl_crystal.size_mid              ? 
_exptl_crystal.size_min              ? 
_exptl_crystal.size_rad              ? 
_exptl_crystal.description           ? 
# 
_exptl_crystal_grow.crystal_id      1 
_exptl_crystal_grow.method          'VAPOR DIFFUSION, SITTING DROP' 
_exptl_crystal_grow.pH              8.5 
_exptl_crystal_grow.temp            293 
_exptl_crystal_grow.pdbx_details    '30% PEG4000, 0.1M Tris pH 8.5, 0.2M MgCl2' 
_exptl_crystal_grow.temp_details    ? 
_exptl_crystal_grow.pdbx_pH_range   ? 
# 
_diffrn.id                     1 
_diffrn.ambient_temp           100 
_diffrn.crystal_id             1 
_diffrn.ambient_temp_details   ? 
# 
_diffrn_detector.detector               PIXEL 
_diffrn_detector.type                   'DECTRIS PILATUS 6M' 
_diffrn_detector.pdbx_collection_date   2017-03-09 
_diffrn_detector.diffrn_id              1 
_diffrn_detector.details                ? 
# 
_diffrn_radiation.diffrn_id                        1 
_diffrn_radiation.wavelength_id                    1 
_diffrn_radiation.pdbx_diffrn_protocol             'SINGLE WAVELENGTH' 
_diffrn_radiation.pdbx_monochromatic_or_laue_m_l   ? 
_diffrn_radiation.monochromator                    ? 
_diffrn_radiation.pdbx_scattering_type             x-ray 
# 
_diffrn_radiation_wavelength.id           1 
_diffrn_radiation_wavelength.wavelength   0.92819 
_diffrn_radiation_wavelength.wt           1.0 
# 
_diffrn_source.diffrn_id                   1 
_diffrn_source.source                      SYNCHROTRON 
_diffrn_source.type                        'DIAMOND BEAMLINE I04-1' 
_diffrn_source.pdbx_wavelength_list        0.92819 
_diffrn_source.pdbx_synchrotron_site       Diamond 
_diffrn_source.pdbx_synchrotron_beamline   I04-1 
_diffrn_source.pdbx_wavelength             ? 
# 
_reflns.entry_id                     5R4M 
_reflns.pdbx_diffrn_id               1 
_reflns.pdbx_ordinal                 1 
_reflns.observed_criterion_sigma_I   ? 
_reflns.observed_criterion_sigma_F   ? 
_reflns.d_resolution_low             29.950 
_reflns.d_resolution_high            1.110 
_reflns.number_obs                   40871 
_reflns.number_all                   ? 
_reflns.percent_possible_obs         87.700 
_reflns.pdbx_Rmerge_I_obs            0.030 
_reflns.pdbx_Rsym_value              ? 
_reflns.pdbx_netI_over_sigmaI        15.800 
_reflns.B_iso_Wilson_estimate        ? 
_reflns.pdbx_redundancy              2.600 
_reflns.pdbx_Rrim_I_all              0.036 
_reflns.pdbx_Rpim_I_all              0.020 
_reflns.pdbx_CC_half                 0.999 
_reflns.pdbx_netI_over_av_sigmaI     ? 
_reflns.pdbx_number_measured_all     107305 
_reflns.pdbx_scaling_rejects         0 
_reflns.pdbx_chi_squared             ? 
_reflns.Rmerge_F_all                 ? 
_reflns.Rmerge_F_obs                 ? 
_reflns.observed_criterion_F_max     ? 
_reflns.observed_criterion_F_min     ? 
_reflns.observed_criterion_I_max     ? 
_reflns.observed_criterion_I_min     ? 
_reflns.pdbx_d_res_high_opt          ? 
_reflns.pdbx_d_res_low_opt           ? 
_reflns.details                      ? 
# 
loop_
_reflns_shell.pdbx_diffrn_id 
_reflns_shell.pdbx_ordinal 
_reflns_shell.d_res_high 
_reflns_shell.d_res_low 
_reflns_shell.number_measured_obs 
_reflns_shell.number_measured_all 
_reflns_shell.number_unique_obs 
_reflns_shell.pdbx_rejects 
_reflns_shell.Rmerge_I_obs 
_reflns_shell.meanI_over_sigI_obs 
_reflns_shell.pdbx_Rsym_value 
_reflns_shell.pdbx_chi_squared 
_reflns_shell.pdbx_redundancy 
_reflns_shell.percent_possible_obs 
_reflns_shell.pdbx_netI_over_sigmaI_obs 
_reflns_shell.number_possible 
_reflns_shell.number_unique_all 
_reflns_shell.Rmerge_F_all 
_reflns_shell.Rmerge_F_obs 
_reflns_shell.Rmerge_I_all 
_reflns_shell.meanI_over_sigI_all 
_reflns_shell.percent_possible_all 
_reflns_shell.pdbx_Rrim_I_all 
_reflns_shell.pdbx_Rpim_I_all 
_reflns_shell.pdbx_CC_half 
1 1 1.110 1.160  ? 3369 ? ? 0.244 ? ? ? 1.200 ? 2.200  ? 2840 ? ? ? ? 42.000 0.340 0.237 0.856 
1 2 3.490 29.950 ? 4898 ? ? 0.024 ? ? ? 3.200 ? 44.300 ? 1526 ? ? ? ? 97.600 0.029 0.016 0.998 
# 
_refine.entry_id                                 5R4M 
_refine.pdbx_refine_id                           'X-RAY DIFFRACTION' 
_refine.ls_d_res_high                            1.1100 
_refine.ls_d_res_low                             55.6700 
_refine.pdbx_ls_sigma_F                          0.000 
_refine.pdbx_data_cutoff_high_absF               ? 
_refine.pdbx_data_cutoff_low_absF                ? 
_refine.ls_percent_reflns_obs                    87.7200 
_refine.ls_number_reflns_obs                     38875 
_refine.ls_number_reflns_all                     ? 
_refine.pdbx_ls_cross_valid_method               THROUGHOUT 
_refine.ls_matrix_type                           ? 
_refine.pdbx_R_Free_selection_details            RANDOM 
_refine.details                                  
'HYDROGENS HAVE BEEN ADDED IN THE RIDING POSITIONS U VALUES      : REFINED INDIVIDUALLY' 
_refine.ls_R_factor_all                          ? 
_refine.ls_R_factor_obs                          0.2031 
_refine.ls_R_factor_R_work                       0.2022 
_refine.ls_wR_factor_R_work                      ? 
_refine.ls_R_factor_R_free                       0.2211 
_refine.ls_wR_factor_R_free                      ? 
_refine.ls_percent_reflns_R_free                 4.9000 
_refine.ls_number_reflns_R_free                  1996 
_refine.ls_number_reflns_R_work                  ? 
_refine.ls_R_factor_R_free_error                 ? 
_refine.B_iso_mean                               15.2450 
_refine.solvent_model_param_bsol                 ? 
_refine.solvent_model_param_ksol                 ? 
_refine.pdbx_isotropic_thermal_model             ? 
_refine.aniso_B[1][1]                            0.1600 
_refine.aniso_B[2][2]                            -0.3200 
_refine.aniso_B[3][3]                            0.1900 
_refine.aniso_B[1][2]                            -0.0000 
_refine.aniso_B[1][3]                            -0.1600 
_refine.aniso_B[2][3]                            0.0000 
_refine.correlation_coeff_Fo_to_Fc               0.9580 
_refine.correlation_coeff_Fo_to_Fc_free          0.9530 
_refine.overall_SU_R_Cruickshank_DPI             ? 
_refine.pdbx_overall_SU_R_free_Cruickshank_DPI   ? 
_refine.pdbx_overall_SU_R_Blow_DPI               ? 
_refine.pdbx_overall_SU_R_free_Blow_DPI          ? 
_refine.overall_SU_R_free                        ? 
_refine.pdbx_overall_ESU_R                       0.0510 
_refine.pdbx_overall_ESU_R_Free                  0.0510 
_refine.overall_SU_ML                            0.0330 
_refine.overall_SU_B                             0.6650 
_refine.solvent_model_details                    MASK 
_refine.pdbx_solvent_vdw_probe_radii             1.2000 
_refine.pdbx_solvent_ion_probe_radii             0.8000 
_refine.pdbx_solvent_shrinkage_radii             0.8000 
_refine.ls_number_parameters                     ? 
_refine.ls_number_restraints                     ? 
_refine.pdbx_starting_model                      3UV2 
_refine.pdbx_method_to_determine_struct          'FOURIER SYNTHESIS' 
_refine.pdbx_stereochemistry_target_values       'MAXIMUM LIKELIHOOD' 
_refine.pdbx_stereochem_target_val_spec_case     ? 
_refine.overall_FOM_work_R_set                   ? 
_refine.B_iso_max                                82.610 
_refine.B_iso_min                                5.220 
_refine.pdbx_overall_phase_error                 ? 
_refine.occupancy_max                            ? 
_refine.occupancy_min                            ? 
_refine.pdbx_diffrn_id                           1 
_refine.pdbx_TLS_residual_ADP_flag               ? 
_refine.pdbx_ls_sigma_I                          ? 
_refine.pdbx_data_cutoff_high_rms_absF           ? 
_refine.ls_R_factor_R_free_error_details         ? 
# 
_refine_hist.cycle_id                         final 
_refine_hist.pdbx_refine_id                   'X-RAY DIFFRACTION' 
_refine_hist.d_res_high                       1.1100 
_refine_hist.d_res_low                        55.6700 
_refine_hist.pdbx_number_atoms_ligand         28 
_refine_hist.number_atoms_solvent             151 
_refine_hist.number_atoms_total               1162 
_refine_hist.pdbx_number_residues_total       119 
_refine_hist.pdbx_B_iso_mean_ligand           35.17 
_refine_hist.pdbx_B_iso_mean_solvent          27.64 
_refine_hist.pdbx_number_atoms_protein        983 
_refine_hist.pdbx_number_atoms_nucleic_acid   0 
# 
loop_
_refine_ls_restr.pdbx_refine_id 
_refine_ls_restr.type 
_refine_ls_restr.number 
_refine_ls_restr.dev_ideal 
_refine_ls_restr.dev_ideal_target 
_refine_ls_restr.weight 
_refine_ls_restr.pdbx_restraint_function 
'X-RAY DIFFRACTION' r_bond_refined_d       1639 0.008  0.019  ? ? 
'X-RAY DIFFRACTION' r_bond_other_d         1273 0.001  0.020  ? ? 
'X-RAY DIFFRACTION' r_angle_refined_deg    1943 1.195  1.977  ? ? 
'X-RAY DIFFRACTION' r_angle_other_deg      2986 0.878  2.974  ? ? 
'X-RAY DIFFRACTION' r_dihedral_angle_1_deg 187  4.419  5.000  ? ? 
'X-RAY DIFFRACTION' r_dihedral_angle_2_deg 72   32.635 24.167 ? ? 
'X-RAY DIFFRACTION' r_dihedral_angle_3_deg 256  13.309 15.000 ? ? 
'X-RAY DIFFRACTION' r_dihedral_angle_4_deg 10   14.814 15.000 ? ? 
'X-RAY DIFFRACTION' r_chiral_restr         191  0.071  0.200  ? ? 
'X-RAY DIFFRACTION' r_gen_planes_refined   1703 0.005  0.021  ? ? 
'X-RAY DIFFRACTION' r_gen_planes_other     303  0.001  0.020  ? ? 
'X-RAY DIFFRACTION' r_mcbond_it            768  0.669  1.394  ? ? 
'X-RAY DIFFRACTION' r_mcbond_other         760  0.672  1.382  ? ? 
'X-RAY DIFFRACTION' r_mcangle_it           877  1.225  2.069  ? ? 
# 
_refine_ls_shell.d_res_high                       1.1050 
_refine_ls_shell.d_res_low                        1.1340 
_refine_ls_shell.pdbx_total_number_of_bins_used   20 
_refine_ls_shell.percent_reflns_obs               34.2000 
_refine_ls_shell.number_reflns_R_work             1117 
_refine_ls_shell.R_factor_all                     ? 
_refine_ls_shell.R_factor_R_work                  0.2660 
_refine_ls_shell.R_factor_R_free                  0.3370 
_refine_ls_shell.percent_reflns_R_free            ? 
_refine_ls_shell.number_reflns_R_free             58 
_refine_ls_shell.R_factor_R_free_error            ? 
_refine_ls_shell.number_reflns_all                1175 
_refine_ls_shell.number_reflns_obs                ? 
_refine_ls_shell.pdbx_refine_id                   'X-RAY DIFFRACTION' 
_refine_ls_shell.R_factor_obs                     ? 
# 
_struct.entry_id                  5R4M 
_struct.title                     
;PanDDA analysis group deposition -- CRYSTAL STRUCTURE OF THE BROMODOMAIN OF HUMAN NUCLEOSOME-REMODELING FACTOR SUBUNIT BPTF in complex with FMOPL000513a
;
_struct.pdbx_model_details        ? 
_struct.pdbx_CASP_flag            ? 
_struct.pdbx_model_type_details   ? 
# 
_struct_keywords.entry_id        5R4M 
_struct_keywords.text            
;PanDDA, SGC - Diamond I04-1 fragment screening, XChemExplorer, BROMODOMAIN, BPTF, FALZ, FAC1, BROMODOMAIN AND PHD FINGER-CONTAINING TRANSCRIPTION FACTOR, FETAL ALZ-50 CLONE 1 PROTEIN, TRANSCRIPTION
;
_struct_keywords.pdbx_keywords   TRANSCRIPTION 
# 
loop_
_struct_asym.id 
_struct_asym.pdbx_blank_PDB_chainid_flag 
_struct_asym.pdbx_modified 
_struct_asym.entity_id 
_struct_asym.details 
A N N 1 ? 
B N N 2 ? 
C N N 3 ? 
D N N 4 ? 
E N N 5 ? 
# 
_struct_ref.id                         1 
_struct_ref.db_name                    UNP 
_struct_ref.db_code                    BPTF_HUMAN 
_struct_ref.pdbx_db_accession          Q12830 
_struct_ref.pdbx_db_isoform            ? 
_struct_ref.entity_id                  1 
_struct_ref.pdbx_seq_one_letter_code   
;STEDAMTVLTPLTEKDYEGLKRVLRSLQAHKMAWPFLEPVDPNDAPDYYGVIKEPMDLATMEERVQRRYYEKLTEFVADM
TKIFDNCRYYNPSDSPFYQCAEVLESFFVQKLKGFKASRSH
;
_struct_ref.pdbx_align_begin           2917 
# 
_struct_ref_seq.align_id                      1 
_struct_ref_seq.ref_id                        1 
_struct_ref_seq.pdbx_PDB_id_code              5R4M 
_struct_ref_seq.pdbx_strand_id                A 
_struct_ref_seq.seq_align_beg                 3 
_struct_ref_seq.pdbx_seq_align_beg_ins_code   ? 
_struct_ref_seq.seq_align_end                 123 
_struct_ref_seq.pdbx_seq_align_end_ins_code   ? 
_struct_ref_seq.pdbx_db_accession             Q12830 
_struct_ref_seq.db_align_beg                  2917 
_struct_ref_seq.pdbx_db_align_beg_ins_code    ? 
_struct_ref_seq.db_align_end                  3037 
_struct_ref_seq.pdbx_db_align_end_ins_code    ? 
_struct_ref_seq.pdbx_auth_seq_align_beg       2791 
_struct_ref_seq.pdbx_auth_seq_align_end       2911 
# 
loop_
_struct_ref_seq_dif.align_id 
_struct_ref_seq_dif.pdbx_pdb_id_code 
_struct_ref_seq_dif.mon_id 
_struct_ref_seq_dif.pdbx_pdb_strand_id 
_struct_ref_seq_dif.seq_num 
_struct_ref_seq_dif.pdbx_pdb_ins_code 
_struct_ref_seq_dif.pdbx_seq_db_name 
_struct_ref_seq_dif.pdbx_seq_db_accession_code 
_struct_ref_seq_dif.db_mon_id 
_struct_ref_seq_dif.pdbx_seq_db_seq_num 
_struct_ref_seq_dif.details 
_struct_ref_seq_dif.pdbx_auth_seq_num 
_struct_ref_seq_dif.pdbx_ordinal 
1 5R4M SER A 1 ? UNP Q12830 ? ? 'expression tag' 2789 1 
1 5R4M MET A 2 ? UNP Q12830 ? ? 'expression tag' 2790 2 
# 
_pdbx_struct_assembly.id                   1 
_pdbx_struct_assembly.details              author_and_software_defined_assembly 
_pdbx_struct_assembly.method_details       PISA 
_pdbx_struct_assembly.oligomeric_details   monomeric 
_pdbx_struct_assembly.oligomeric_count     1 
# 
_pdbx_struct_assembly_gen.assembly_id       1 
_pdbx_struct_assembly_gen.oper_expression   1 
_pdbx_struct_assembly_gen.asym_id_list      A,B,C,D,E 
# 
_pdbx_struct_oper_list.id                   1 
_pdbx_struct_oper_list.type                 'identity operation' 
_pdbx_struct_oper_list.name                 1_555 
_pdbx_struct_oper_list.symmetry_operation   x,y,z 
_pdbx_struct_oper_list.matrix[1][1]         1.0000000000 
_pdbx_struct_oper_list.matrix[1][2]         0.0000000000 
_pdbx_struct_oper_list.matrix[1][3]         0.0000000000 
_pdbx_struct_oper_list.vector[1]            0.0000000000 
_pdbx_struct_oper_list.matrix[2][1]         0.0000000000 
_pdbx_struct_oper_list.matrix[2][2]         1.0000000000 
_pdbx_struct_oper_list.matrix[2][3]         0.0000000000 
_pdbx_struct_oper_list.vector[2]            0.0000000000 
_pdbx_struct_oper_list.matrix[3][1]         0.0000000000 
_pdbx_struct_oper_list.matrix[3][2]         0.0000000000 
_pdbx_struct_oper_list.matrix[3][3]         1.0000000000 
_pdbx_struct_oper_list.vector[3]            0.0000000000 
# 
loop_
_struct_conf.conf_type_id 
_struct_conf.id 
_struct_conf.pdbx_PDB_helix_id 
_struct_conf.beg_label_comp_id 
_struct_conf.beg_label_asym_id 
_struct_conf.beg_label_seq_id 
_struct_conf.pdbx_beg_PDB_ins_code 
_struct_conf.end_label_comp_id 
_struct_conf.end_label_asym_id 
_struct_conf.end_label_seq_id 
_struct_conf.pdbx_end_PDB_ins_code 
_struct_conf.beg_auth_comp_id 
_struct_conf.beg_auth_asym_id 
_struct_conf.beg_auth_seq_id 
_struct_conf.end_auth_comp_id 
_struct_conf.end_auth_asym_id 
_struct_conf.end_auth_seq_id 
_struct_conf.pdbx_PDB_helix_class 
_struct_conf.details 
_struct_conf.pdbx_PDB_helix_length 
HELX_P HELX_P1 AA1 ASP A 6  ? THR A 12  ? ASP A 2794 THR A 2800 1 ? 7  
HELX_P HELX_P2 AA2 THR A 15 ? ALA A 31  ? THR A 2803 ALA A 2819 1 ? 17 
HELX_P HELX_P3 AA3 ALA A 35 ? LEU A 39  ? ALA A 2823 LEU A 2827 5 ? 5  
HELX_P HELX_P4 AA4 ASP A 49 ? ILE A 54  ? ASP A 2837 ILE A 2842 1 ? 6  
HELX_P HELX_P5 AA5 ASP A 59 ? ARG A 69  ? ASP A 2847 ARG A 2857 1 ? 11 
HELX_P HELX_P6 AA6 LYS A 74 ? ASN A 93  ? LYS A 2862 ASN A 2881 1 ? 20 
HELX_P HELX_P7 AA7 SER A 97 ? HIS A 123 ? SER A 2885 HIS A 2911 1 ? 27 
# 
_struct_conf_type.id          HELX_P 
_struct_conf_type.criteria    ? 
_struct_conf_type.reference   ? 
# 
loop_
_struct_site.id 
_struct_site.pdbx_evidence_code 
_struct_site.pdbx_auth_asym_id 
_struct_site.pdbx_auth_comp_id 
_struct_site.pdbx_auth_seq_id 
_struct_site.pdbx_auth_ins_code 
_struct_site.pdbx_num_residues 
_struct_site.details 
AC1 Software A DMS 3001 ? 4  'binding site for residue DMS A 3001' 
AC2 Software A TRS 3002 ? 10 'binding site for residue TRS A 3002' 
AC3 Software A M25 3003 ? 5  'binding site for residue M25 A 3003' 
# 
loop_
_struct_site_gen.id 
_struct_site_gen.site_id 
_struct_site_gen.pdbx_num_res 
_struct_site_gen.label_comp_id 
_struct_site_gen.label_asym_id 
_struct_site_gen.label_seq_id 
_struct_site_gen.pdbx_auth_ins_code 
_struct_site_gen.auth_comp_id 
_struct_site_gen.auth_asym_id 
_struct_site_gen.auth_seq_id 
_struct_site_gen.label_atom_id 
_struct_site_gen.label_alt_id 
_struct_site_gen.symmetry 
_struct_site_gen.details 
1  AC1 4  GLN A 30  ? GLN A 2818 . ? 1_555 ? 
2  AC1 4  ALA A 31  ? ALA A 2819 . ? 1_555 ? 
3  AC1 4  HIS A 32  ? HIS A 2820 . ? 1_555 ? 
4  AC1 4  TRP A 36  ? TRP A 2824 . ? 1_555 ? 
5  AC2 10 LYS A 23  ? LYS A 2811 . ? 4_455 ? 
6  AC2 10 ARG A 27  ? ARG A 2815 . ? 4_455 ? 
7  AC2 10 SER A 28  ? SER A 2816 . ? 1_555 ? 
8  AC2 10 GLN A 68  ? GLN A 2856 . ? 4_455 ? 
9  AC2 10 PHE A 109 ? PHE A 2897 . ? 1_555 ? 
10 AC2 10 LYS A 113 ? LYS A 2901 . ? 1_555 ? 
11 AC2 10 HOH E .   ? HOH A 3101 . ? 1_555 ? 
12 AC2 10 HOH E .   ? HOH A 3103 . ? 1_555 ? 
13 AC2 10 HOH E .   ? HOH A 3158 . ? 4_455 ? 
14 AC2 10 HOH E .   ? HOH A 3200 . ? 1_555 ? 
15 AC3 5  PRO A 37  ? PRO A 2825 . ? 1_555 ? 
16 AC3 5  ASP A 46  ? ASP A 2834 . ? 1_555 ? 
17 AC3 5  ASN A 93  ? ASN A 2881 . ? 1_555 ? 
18 AC3 5  PHE A 99  ? PHE A 2887 . ? 1_555 ? 
19 AC3 5  HOH E .   ? HOH A 3110 . ? 1_555 ? 
# 
_phasing.method   MR 
# 
_pdbx_entry_details.entry_id                 5R4M 
_pdbx_entry_details.has_ligand_of_interest   Y 
_pdbx_entry_details.compound_details         ? 
_pdbx_entry_details.source_details           ? 
_pdbx_entry_details.nonpolymer_details       ? 
_pdbx_entry_details.sequence_details         ? 
# 
loop_
_pdbx_unobs_or_zero_occ_residues.id 
_pdbx_unobs_or_zero_occ_residues.PDB_model_num 
_pdbx_unobs_or_zero_occ_residues.polymer_flag 
_pdbx_unobs_or_zero_occ_residues.occupancy_flag 
_pdbx_unobs_or_zero_occ_residues.auth_asym_id 
_pdbx_unobs_or_zero_occ_residues.auth_comp_id 
_pdbx_unobs_or_zero_occ_residues.auth_seq_id 
_pdbx_unobs_or_zero_occ_residues.PDB_ins_code 
_pdbx_unobs_or_zero_occ_residues.label_asym_id 
_pdbx_unobs_or_zero_occ_residues.label_comp_id 
_pdbx_unobs_or_zero_occ_residues.label_seq_id 
1 1 Y 1 A SER 2789 ? A SER 1 
2 1 Y 1 A MET 2790 ? A MET 2 
3 1 Y 1 A SER 2791 ? A SER 3 
4 1 Y 1 A THR 2792 ? A THR 4 
# 
loop_
_chem_comp_atom.comp_id 
_chem_comp_atom.atom_id 
_chem_comp_atom.type_symbol 
_chem_comp_atom.pdbx_aromatic_flag 
_chem_comp_atom.pdbx_stereo_config 
_chem_comp_atom.pdbx_ordinal 
ALA N    N N N 1   
ALA CA   C N S 2   
ALA C    C N N 3   
ALA O    O N N 4   
ALA CB   C N N 5   
ALA OXT  O N N 6   
ALA H    H N N 7   
ALA H2   H N N 8   
ALA HA   H N N 9   
ALA HB1  H N N 10  
ALA HB2  H N N 11  
ALA HB3  H N N 12  
ALA HXT  H N N 13  
ARG N    N N N 14  
ARG CA   C N S 15  
ARG C    C N N 16  
ARG O    O N N 17  
ARG CB   C N N 18  
ARG CG   C N N 19  
ARG CD   C N N 20  
ARG NE   N N N 21  
ARG CZ   C N N 22  
ARG NH1  N N N 23  
ARG NH2  N N N 24  
ARG OXT  O N N 25  
ARG H    H N N 26  
ARG H2   H N N 27  
ARG HA   H N N 28  
ARG HB2  H N N 29  
ARG HB3  H N N 30  
ARG HG2  H N N 31  
ARG HG3  H N N 32  
ARG HD2  H N N 33  
ARG HD3  H N N 34  
ARG HE   H N N 35  
ARG HH11 H N N 36  
ARG HH12 H N N 37  
ARG HH21 H N N 38  
ARG HH22 H N N 39  
ARG HXT  H N N 40  
ASN N    N N N 41  
ASN CA   C N S 42  
ASN C    C N N 43  
ASN O    O N N 44  
ASN CB   C N N 45  
ASN CG   C N N 46  
ASN OD1  O N N 47  
ASN ND2  N N N 48  
ASN OXT  O N N 49  
ASN H    H N N 50  
ASN H2   H N N 51  
ASN HA   H N N 52  
ASN HB2  H N N 53  
ASN HB3  H N N 54  
ASN HD21 H N N 55  
ASN HD22 H N N 56  
ASN HXT  H N N 57  
ASP N    N N N 58  
ASP CA   C N S 59  
ASP C    C N N 60  
ASP O    O N N 61  
ASP CB   C N N 62  
ASP CG   C N N 63  
ASP OD1  O N N 64  
ASP OD2  O N N 65  
ASP OXT  O N N 66  
ASP H    H N N 67  
ASP H2   H N N 68  
ASP HA   H N N 69  
ASP HB2  H N N 70  
ASP HB3  H N N 71  
ASP HD2  H N N 72  
ASP HXT  H N N 73  
CYS N    N N N 74  
CYS CA   C N R 75  
CYS C    C N N 76  
CYS O    O N N 77  
CYS CB   C N N 78  
CYS SG   S N N 79  
CYS OXT  O N N 80  
CYS H    H N N 81  
CYS H2   H N N 82  
CYS HA   H N N 83  
CYS HB2  H N N 84  
CYS HB3  H N N 85  
CYS HG   H N N 86  
CYS HXT  H N N 87  
DMS S    S N N 88  
DMS O    O N N 89  
DMS C1   C N N 90  
DMS C2   C N N 91  
DMS H11  H N N 92  
DMS H12  H N N 93  
DMS H13  H N N 94  
DMS H21  H N N 95  
DMS H22  H N N 96  
DMS H23  H N N 97  
GLN N    N N N 98  
GLN CA   C N S 99  
GLN C    C N N 100 
GLN O    O N N 101 
GLN CB   C N N 102 
GLN CG   C N N 103 
GLN CD   C N N 104 
GLN OE1  O N N 105 
GLN NE2  N N N 106 
GLN OXT  O N N 107 
GLN H    H N N 108 
GLN H2   H N N 109 
GLN HA   H N N 110 
GLN HB2  H N N 111 
GLN HB3  H N N 112 
GLN HG2  H N N 113 
GLN HG3  H N N 114 
GLN HE21 H N N 115 
GLN HE22 H N N 116 
GLN HXT  H N N 117 
GLU N    N N N 118 
GLU CA   C N S 119 
GLU C    C N N 120 
GLU O    O N N 121 
GLU CB   C N N 122 
GLU CG   C N N 123 
GLU CD   C N N 124 
GLU OE1  O N N 125 
GLU OE2  O N N 126 
GLU OXT  O N N 127 
GLU H    H N N 128 
GLU H2   H N N 129 
GLU HA   H N N 130 
GLU HB2  H N N 131 
GLU HB3  H N N 132 
GLU HG2  H N N 133 
GLU HG3  H N N 134 
GLU HE2  H N N 135 
GLU HXT  H N N 136 
GLY N    N N N 137 
GLY CA   C N N 138 
GLY C    C N N 139 
GLY O    O N N 140 
GLY OXT  O N N 141 
GLY H    H N N 142 
GLY H2   H N N 143 
GLY HA2  H N N 144 
GLY HA3  H N N 145 
GLY HXT  H N N 146 
HIS N    N N N 147 
HIS CA   C N S 148 
HIS C    C N N 149 
HIS O    O N N 150 
HIS CB   C N N 151 
HIS CG   C Y N 152 
HIS ND1  N Y N 153 
HIS CD2  C Y N 154 
HIS CE1  C Y N 155 
HIS NE2  N Y N 156 
HIS OXT  O N N 157 
HIS H    H N N 158 
HIS H2   H N N 159 
HIS HA   H N N 160 
HIS HB2  H N N 161 
HIS HB3  H N N 162 
HIS HD1  H N N 163 
HIS HD2  H N N 164 
HIS HE1  H N N 165 
HIS HE2  H N N 166 
HIS HXT  H N N 167 
HOH O    O N N 168 
HOH H1   H N N 169 
HOH H2   H N N 170 
ILE N    N N N 171 
ILE CA   C N S 172 
ILE C    C N N 173 
ILE O    O N N 174 
ILE CB   C N S 175 
ILE CG1  C N N 176 
ILE CG2  C N N 177 
ILE CD1  C N N 178 
ILE OXT  O N N 179 
ILE H    H N N 180 
ILE H2   H N N 181 
ILE HA   H N N 182 
ILE HB   H N N 183 
ILE HG12 H N N 184 
ILE HG13 H N N 185 
ILE HG21 H N N 186 
ILE HG22 H N N 187 
ILE HG23 H N N 188 
ILE HD11 H N N 189 
ILE HD12 H N N 190 
ILE HD13 H N N 191 
ILE HXT  H N N 192 
LEU N    N N N 193 
LEU CA   C N S 194 
LEU C    C N N 195 
LEU O    O N N 196 
LEU CB   C N N 197 
LEU CG   C N N 198 
LEU CD1  C N N 199 
LEU CD2  C N N 200 
LEU OXT  O N N 201 
LEU H    H N N 202 
LEU H2   H N N 203 
LEU HA   H N N 204 
LEU HB2  H N N 205 
LEU HB3  H N N 206 
LEU HG   H N N 207 
LEU HD11 H N N 208 
LEU HD12 H N N 209 
LEU HD13 H N N 210 
LEU HD21 H N N 211 
LEU HD22 H N N 212 
LEU HD23 H N N 213 
LEU HXT  H N N 214 
LYS N    N N N 215 
LYS CA   C N S 216 
LYS C    C N N 217 
LYS O    O N N 218 
LYS CB   C N N 219 
LYS CG   C N N 220 
LYS CD   C N N 221 
LYS CE   C N N 222 
LYS NZ   N N N 223 
LYS OXT  O N N 224 
LYS H    H N N 225 
LYS H2   H N N 226 
LYS HA   H N N 227 
LYS HB2  H N N 228 
LYS HB3  H N N 229 
LYS HG2  H N N 230 
LYS HG3  H N N 231 
LYS HD2  H N N 232 
LYS HD3  H N N 233 
LYS HE2  H N N 234 
LYS HE3  H N N 235 
LYS HZ1  H N N 236 
LYS HZ2  H N N 237 
LYS HZ3  H N N 238 
LYS HXT  H N N 239 
M25 C1   C Y N 240 
M25 C2   C Y N 241 
M25 C3   C Y N 242 
M25 C4   C Y N 243 
M25 C5   C Y N 244 
M25 C6   C Y N 245 
M25 S    S N N 246 
M25 O1   O N N 247 
M25 O2   O N N 248 
M25 N1   N N N 249 
M25 C7   C N N 250 
M25 C8   C N N 251 
M25 N2   N N N 252 
M25 C9   C N N 253 
M25 C10  C N N 254 
M25 O3   O N N 255 
M25 H2   H N N 256 
M25 H3   H N N 257 
M25 H5   H N N 258 
M25 H6   H N N 259 
M25 HN11 H N N 260 
M25 HN12 H N N 261 
M25 H71  H N N 262 
M25 H72  H N N 263 
M25 H81  H N N 264 
M25 H82  H N N 265 
M25 HN2  H N N 266 
M25 H101 H N N 267 
M25 H102 H N N 268 
M25 H103 H N N 269 
MET N    N N N 270 
MET CA   C N S 271 
MET C    C N N 272 
MET O    O N N 273 
MET CB   C N N 274 
MET CG   C N N 275 
MET SD   S N N 276 
MET CE   C N N 277 
MET OXT  O N N 278 
MET H    H N N 279 
MET H2   H N N 280 
MET HA   H N N 281 
MET HB2  H N N 282 
MET HB3  H N N 283 
MET HG2  H N N 284 
MET HG3  H N N 285 
MET HE1  H N N 286 
MET HE2  H N N 287 
MET HE3  H N N 288 
MET HXT  H N N 289 
PHE N    N N N 290 
PHE CA   C N S 291 
PHE C    C N N 292 
PHE O    O N N 293 
PHE CB   C N N 294 
PHE CG   C Y N 295 
PHE CD1  C Y N 296 
PHE CD2  C Y N 297 
PHE CE1  C Y N 298 
PHE CE2  C Y N 299 
PHE CZ   C Y N 300 
PHE OXT  O N N 301 
PHE H    H N N 302 
PHE H2   H N N 303 
PHE HA   H N N 304 
PHE HB2  H N N 305 
PHE HB3  H N N 306 
PHE HD1  H N N 307 
PHE HD2  H N N 308 
PHE HE1  H N N 309 
PHE HE2  H N N 310 
PHE HZ   H N N 311 
PHE HXT  H N N 312 
PRO N    N N N 313 
PRO CA   C N S 314 
PRO C    C N N 315 
PRO O    O N N 316 
PRO CB   C N N 317 
PRO CG   C N N 318 
PRO CD   C N N 319 
PRO OXT  O N N 320 
PRO H    H N N 321 
PRO HA   H N N 322 
PRO HB2  H N N 323 
PRO HB3  H N N 324 
PRO HG2  H N N 325 
PRO HG3  H N N 326 
PRO HD2  H N N 327 
PRO HD3  H N N 328 
PRO HXT  H N N 329 
SER N    N N N 330 
SER CA   C N S 331 
SER C    C N N 332 
SER O    O N N 333 
SER CB   C N N 334 
SER OG   O N N 335 
SER OXT  O N N 336 
SER H    H N N 337 
SER H2   H N N 338 
SER HA   H N N 339 
SER HB2  H N N 340 
SER HB3  H N N 341 
SER HG   H N N 342 
SER HXT  H N N 343 
THR N    N N N 344 
THR CA   C N S 345 
THR C    C N N 346 
THR O    O N N 347 
THR CB   C N R 348 
THR OG1  O N N 349 
THR CG2  C N N 350 
THR OXT  O N N 351 
THR H    H N N 352 
THR H2   H N N 353 
THR HA   H N N 354 
THR HB   H N N 355 
THR HG1  H N N 356 
THR HG21 H N N 357 
THR HG22 H N N 358 
THR HG23 H N N 359 
THR HXT  H N N 360 
TRP N    N N N 361 
TRP CA   C N S 362 
TRP C    C N N 363 
TRP O    O N N 364 
TRP CB   C N N 365 
TRP CG   C Y N 366 
TRP CD1  C Y N 367 
TRP CD2  C Y N 368 
TRP NE1  N Y N 369 
TRP CE2  C Y N 370 
TRP CE3  C Y N 371 
TRP CZ2  C Y N 372 
TRP CZ3  C Y N 373 
TRP CH2  C Y N 374 
TRP OXT  O N N 375 
TRP H    H N N 376 
TRP H2   H N N 377 
TRP HA   H N N 378 
TRP HB2  H N N 379 
TRP HB3  H N N 380 
TRP HD1  H N N 381 
TRP HE1  H N N 382 
TRP HE3  H N N 383 
TRP HZ2  H N N 384 
TRP HZ3  H N N 385 
TRP HH2  H N N 386 
TRP HXT  H N N 387 
TRS C    C N N 388 
TRS C1   C N N 389 
TRS C2   C N N 390 
TRS C3   C N N 391 
TRS N    N N N 392 
TRS O1   O N N 393 
TRS O2   O N N 394 
TRS O3   O N N 395 
TRS H11  H N N 396 
TRS H12  H N N 397 
TRS H21  H N N 398 
TRS H22  H N N 399 
TRS H31  H N N 400 
TRS H32  H N N 401 
TRS HN1  H N N 402 
TRS HN2  H N N 403 
TRS HN3  H N N 404 
TRS HO1  H N N 405 
TRS HO2  H N N 406 
TRS HO3  H N N 407 
TYR N    N N N 408 
TYR CA   C N S 409 
TYR C    C N N 410 
TYR O    O N N 411 
TYR CB   C N N 412 
TYR CG   C Y N 413 
TYR CD1  C Y N 414 
TYR CD2  C Y N 415 
TYR CE1  C Y N 416 
TYR CE2  C Y N 417 
TYR CZ   C Y N 418 
TYR OH   O N N 419 
TYR OXT  O N N 420 
TYR H    H N N 421 
TYR H2   H N N 422 
TYR HA   H N N 423 
TYR HB2  H N N 424 
TYR HB3  H N N 425 
TYR HD1  H N N 426 
TYR HD2  H N N 427 
TYR HE1  H N N 428 
TYR HE2  H N N 429 
TYR HH   H N N 430 
TYR HXT  H N N 431 
VAL N    N N N 432 
VAL CA   C N S 433 
VAL C    C N N 434 
VAL O    O N N 435 
VAL CB   C N N 436 
VAL CG1  C N N 437 
VAL CG2  C N N 438 
VAL OXT  O N N 439 
VAL H    H N N 440 
VAL H2   H N N 441 
VAL HA   H N N 442 
VAL HB   H N N 443 
VAL HG11 H N N 444 
VAL HG12 H N N 445 
VAL HG13 H N N 446 
VAL HG21 H N N 447 
VAL HG22 H N N 448 
VAL HG23 H N N 449 
VAL HXT  H N N 450 
# 
loop_
_chem_comp_bond.comp_id 
_chem_comp_bond.atom_id_1 
_chem_comp_bond.atom_id_2 
_chem_comp_bond.value_order 
_chem_comp_bond.pdbx_aromatic_flag 
_chem_comp_bond.pdbx_stereo_config 
_chem_comp_bond.pdbx_ordinal 
ALA N   CA   sing N N 1   
ALA N   H    sing N N 2   
ALA N   H2   sing N N 3   
ALA CA  C    sing N N 4   
ALA CA  CB   sing N N 5   
ALA CA  HA   sing N N 6   
ALA C   O    doub N N 7   
ALA C   OXT  sing N N 8   
ALA CB  HB1  sing N N 9   
ALA CB  HB2  sing N N 10  
ALA CB  HB3  sing N N 11  
ALA OXT HXT  sing N N 12  
ARG N   CA   sing N N 13  
ARG N   H    sing N N 14  
ARG N   H2   sing N N 15  
ARG CA  C    sing N N 16  
ARG CA  CB   sing N N 17  
ARG CA  HA   sing N N 18  
ARG C   O    doub N N 19  
ARG C   OXT  sing N N 20  
ARG CB  CG   sing N N 21  
ARG CB  HB2  sing N N 22  
ARG CB  HB3  sing N N 23  
ARG CG  CD   sing N N 24  
ARG CG  HG2  sing N N 25  
ARG CG  HG3  sing N N 26  
ARG CD  NE   sing N N 27  
ARG CD  HD2  sing N N 28  
ARG CD  HD3  sing N N 29  
ARG NE  CZ   sing N N 30  
ARG NE  HE   sing N N 31  
ARG CZ  NH1  sing N N 32  
ARG CZ  NH2  doub N N 33  
ARG NH1 HH11 sing N N 34  
ARG NH1 HH12 sing N N 35  
ARG NH2 HH21 sing N N 36  
ARG NH2 HH22 sing N N 37  
ARG OXT HXT  sing N N 38  
ASN N   CA   sing N N 39  
ASN N   H    sing N N 40  
ASN N   H2   sing N N 41  
ASN CA  C    sing N N 42  
ASN CA  CB   sing N N 43  
ASN CA  HA   sing N N 44  
ASN C   O    doub N N 45  
ASN C   OXT  sing N N 46  
ASN CB  CG   sing N N 47  
ASN CB  HB2  sing N N 48  
ASN CB  HB3  sing N N 49  
ASN CG  OD1  doub N N 50  
ASN CG  ND2  sing N N 51  
ASN ND2 HD21 sing N N 52  
ASN ND2 HD22 sing N N 53  
ASN OXT HXT  sing N N 54  
ASP N   CA   sing N N 55  
ASP N   H    sing N N 56  
ASP N   H2   sing N N 57  
ASP CA  C    sing N N 58  
ASP CA  CB   sing N N 59  
ASP CA  HA   sing N N 60  
ASP C   O    doub N N 61  
ASP C   OXT  sing N N 62  
ASP CB  CG   sing N N 63  
ASP CB  HB2  sing N N 64  
ASP CB  HB3  sing N N 65  
ASP CG  OD1  doub N N 66  
ASP CG  OD2  sing N N 67  
ASP OD2 HD2  sing N N 68  
ASP OXT HXT  sing N N 69  
CYS N   CA   sing N N 70  
CYS N   H    sing N N 71  
CYS N   H2   sing N N 72  
CYS CA  C    sing N N 73  
CYS CA  CB   sing N N 74  
CYS CA  HA   sing N N 75  
CYS C   O    doub N N 76  
CYS C   OXT  sing N N 77  
CYS CB  SG   sing N N 78  
CYS CB  HB2  sing N N 79  
CYS CB  HB3  sing N N 80  
CYS SG  HG   sing N N 81  
CYS OXT HXT  sing N N 82  
DMS S   O    doub N N 83  
DMS S   C1   sing N N 84  
DMS S   C2   sing N N 85  
DMS C1  H11  sing N N 86  
DMS C1  H12  sing N N 87  
DMS C1  H13  sing N N 88  
DMS C2  H21  sing N N 89  
DMS C2  H22  sing N N 90  
DMS C2  H23  sing N N 91  
GLN N   CA   sing N N 92  
GLN N   H    sing N N 93  
GLN N   H2   sing N N 94  
GLN CA  C    sing N N 95  
GLN CA  CB   sing N N 96  
GLN CA  HA   sing N N 97  
GLN C   O    doub N N 98  
GLN C   OXT  sing N N 99  
GLN CB  CG   sing N N 100 
GLN CB  HB2  sing N N 101 
GLN CB  HB3  sing N N 102 
GLN CG  CD   sing N N 103 
GLN CG  HG2  sing N N 104 
GLN CG  HG3  sing N N 105 
GLN CD  OE1  doub N N 106 
GLN CD  NE2  sing N N 107 
GLN NE2 HE21 sing N N 108 
GLN NE2 HE22 sing N N 109 
GLN OXT HXT  sing N N 110 
GLU N   CA   sing N N 111 
GLU N   H    sing N N 112 
GLU N   H2   sing N N 113 
GLU CA  C    sing N N 114 
GLU CA  CB   sing N N 115 
GLU CA  HA   sing N N 116 
GLU C   O    doub N N 117 
GLU C   OXT  sing N N 118 
GLU CB  CG   sing N N 119 
GLU CB  HB2  sing N N 120 
GLU CB  HB3  sing N N 121 
GLU CG  CD   sing N N 122 
GLU CG  HG2  sing N N 123 
GLU CG  HG3  sing N N 124 
GLU CD  OE1  doub N N 125 
GLU CD  OE2  sing N N 126 
GLU OE2 HE2  sing N N 127 
GLU OXT HXT  sing N N 128 
GLY N   CA   sing N N 129 
GLY N   H    sing N N 130 
GLY N   H2   sing N N 131 
GLY CA  C    sing N N 132 
GLY CA  HA2  sing N N 133 
GLY CA  HA3  sing N N 134 
GLY C   O    doub N N 135 
GLY C   OXT  sing N N 136 
GLY OXT HXT  sing N N 137 
HIS N   CA   sing N N 138 
HIS N   H    sing N N 139 
HIS N   H2   sing N N 140 
HIS CA  C    sing N N 141 
HIS CA  CB   sing N N 142 
HIS CA  HA   sing N N 143 
HIS C   O    doub N N 144 
HIS C   OXT  sing N N 145 
HIS CB  CG   sing N N 146 
HIS CB  HB2  sing N N 147 
HIS CB  HB3  sing N N 148 
HIS CG  ND1  sing Y N 149 
HIS CG  CD2  doub Y N 150 
HIS ND1 CE1  doub Y N 151 
HIS ND1 HD1  sing N N 152 
HIS CD2 NE2  sing Y N 153 
HIS CD2 HD2  sing N N 154 
HIS CE1 NE2  sing Y N 155 
HIS CE1 HE1  sing N N 156 
HIS NE2 HE2  sing N N 157 
HIS OXT HXT  sing N N 158 
HOH O   H1   sing N N 159 
HOH O   H2   sing N N 160 
ILE N   CA   sing N N 161 
ILE N   H    sing N N 162 
ILE N   H2   sing N N 163 
ILE CA  C    sing N N 164 
ILE CA  CB   sing N N 165 
ILE CA  HA   sing N N 166 
ILE C   O    doub N N 167 
ILE C   OXT  sing N N 168 
ILE CB  CG1  sing N N 169 
ILE CB  CG2  sing N N 170 
ILE CB  HB   sing N N 171 
ILE CG1 CD1  sing N N 172 
ILE CG1 HG12 sing N N 173 
ILE CG1 HG13 sing N N 174 
ILE CG2 HG21 sing N N 175 
ILE CG2 HG22 sing N N 176 
ILE CG2 HG23 sing N N 177 
ILE CD1 HD11 sing N N 178 
ILE CD1 HD12 sing N N 179 
ILE CD1 HD13 sing N N 180 
ILE OXT HXT  sing N N 181 
LEU N   CA   sing N N 182 
LEU N   H    sing N N 183 
LEU N   H2   sing N N 184 
LEU CA  C    sing N N 185 
LEU CA  CB   sing N N 186 
LEU CA  HA   sing N N 187 
LEU C   O    doub N N 188 
LEU C   OXT  sing N N 189 
LEU CB  CG   sing N N 190 
LEU CB  HB2  sing N N 191 
LEU CB  HB3  sing N N 192 
LEU CG  CD1  sing N N 193 
LEU CG  CD2  sing N N 194 
LEU CG  HG   sing N N 195 
LEU CD1 HD11 sing N N 196 
LEU CD1 HD12 sing N N 197 
LEU CD1 HD13 sing N N 198 
LEU CD2 HD21 sing N N 199 
LEU CD2 HD22 sing N N 200 
LEU CD2 HD23 sing N N 201 
LEU OXT HXT  sing N N 202 
LYS N   CA   sing N N 203 
LYS N   H    sing N N 204 
LYS N   H2   sing N N 205 
LYS CA  C    sing N N 206 
LYS CA  CB   sing N N 207 
LYS CA  HA   sing N N 208 
LYS C   O    doub N N 209 
LYS C   OXT  sing N N 210 
LYS CB  CG   sing N N 211 
LYS CB  HB2  sing N N 212 
LYS CB  HB3  sing N N 213 
LYS CG  CD   sing N N 214 
LYS CG  HG2  sing N N 215 
LYS CG  HG3  sing N N 216 
LYS CD  CE   sing N N 217 
LYS CD  HD2  sing N N 218 
LYS CD  HD3  sing N N 219 
LYS CE  NZ   sing N N 220 
LYS CE  HE2  sing N N 221 
LYS CE  HE3  sing N N 222 
LYS NZ  HZ1  sing N N 223 
LYS NZ  HZ2  sing N N 224 
LYS NZ  HZ3  sing N N 225 
LYS OXT HXT  sing N N 226 
M25 C1  S    sing N N 227 
M25 C1  C6   doub Y N 228 
M25 C1  C2   sing Y N 229 
M25 C2  C3   doub Y N 230 
M25 C2  H2   sing N N 231 
M25 C3  C4   sing Y N 232 
M25 C3  H3   sing N N 233 
M25 C4  C5   doub Y N 234 
M25 C4  C7   sing N N 235 
M25 C5  C6   sing Y N 236 
M25 C5  H5   sing N N 237 
M25 C6  H6   sing N N 238 
M25 S   O1   doub N N 239 
M25 S   O2   doub N N 240 
M25 S   N1   sing N N 241 
M25 N1  HN11 sing N N 242 
M25 N1  HN12 sing N N 243 
M25 C7  C8   sing N N 244 
M25 C7  H71  sing N N 245 
M25 C7  H72  sing N N 246 
M25 C8  N2   sing N N 247 
M25 C8  H81  sing N N 248 
M25 C8  H82  sing N N 249 
M25 N2  C9   sing N N 250 
M25 N2  HN2  sing N N 251 
M25 C9  O3   doub N N 252 
M25 C9  C10  sing N N 253 
M25 C10 H101 sing N N 254 
M25 C10 H102 sing N N 255 
M25 C10 H103 sing N N 256 
MET N   CA   sing N N 257 
MET N   H    sing N N 258 
MET N   H2   sing N N 259 
MET CA  C    sing N N 260 
MET CA  CB   sing N N 261 
MET CA  HA   sing N N 262 
MET C   O    doub N N 263 
MET C   OXT  sing N N 264 
MET CB  CG   sing N N 265 
MET CB  HB2  sing N N 266 
MET CB  HB3  sing N N 267 
MET CG  SD   sing N N 268 
MET CG  HG2  sing N N 269 
MET CG  HG3  sing N N 270 
MET SD  CE   sing N N 271 
MET CE  HE1  sing N N 272 
MET CE  HE2  sing N N 273 
MET CE  HE3  sing N N 274 
MET OXT HXT  sing N N 275 
PHE N   CA   sing N N 276 
PHE N   H    sing N N 277 
PHE N   H2   sing N N 278 
PHE CA  C    sing N N 279 
PHE CA  CB   sing N N 280 
PHE CA  HA   sing N N 281 
PHE C   O    doub N N 282 
PHE C   OXT  sing N N 283 
PHE CB  CG   sing N N 284 
PHE CB  HB2  sing N N 285 
PHE CB  HB3  sing N N 286 
PHE CG  CD1  doub Y N 287 
PHE CG  CD2  sing Y N 288 
PHE CD1 CE1  sing Y N 289 
PHE CD1 HD1  sing N N 290 
PHE CD2 CE2  doub Y N 291 
PHE CD2 HD2  sing N N 292 
PHE CE1 CZ   doub Y N 293 
PHE CE1 HE1  sing N N 294 
PHE CE2 CZ   sing Y N 295 
PHE CE2 HE2  sing N N 296 
PHE CZ  HZ   sing N N 297 
PHE OXT HXT  sing N N 298 
PRO N   CA   sing N N 299 
PRO N   CD   sing N N 300 
PRO N   H    sing N N 301 
PRO CA  C    sing N N 302 
PRO CA  CB   sing N N 303 
PRO CA  HA   sing N N 304 
PRO C   O    doub N N 305 
PRO C   OXT  sing N N 306 
PRO CB  CG   sing N N 307 
PRO CB  HB2  sing N N 308 
PRO CB  HB3  sing N N 309 
PRO CG  CD   sing N N 310 
PRO CG  HG2  sing N N 311 
PRO CG  HG3  sing N N 312 
PRO CD  HD2  sing N N 313 
PRO CD  HD3  sing N N 314 
PRO OXT HXT  sing N N 315 
SER N   CA   sing N N 316 
SER N   H    sing N N 317 
SER N   H2   sing N N 318 
SER CA  C    sing N N 319 
SER CA  CB   sing N N 320 
SER CA  HA   sing N N 321 
SER C   O    doub N N 322 
SER C   OXT  sing N N 323 
SER CB  OG   sing N N 324 
SER CB  HB2  sing N N 325 
SER CB  HB3  sing N N 326 
SER OG  HG   sing N N 327 
SER OXT HXT  sing N N 328 
THR N   CA   sing N N 329 
THR N   H    sing N N 330 
THR N   H2   sing N N 331 
THR CA  C    sing N N 332 
THR CA  CB   sing N N 333 
THR CA  HA   sing N N 334 
THR C   O    doub N N 335 
THR C   OXT  sing N N 336 
THR CB  OG1  sing N N 337 
THR CB  CG2  sing N N 338 
THR CB  HB   sing N N 339 
THR OG1 HG1  sing N N 340 
THR CG2 HG21 sing N N 341 
THR CG2 HG22 sing N N 342 
THR CG2 HG23 sing N N 343 
THR OXT HXT  sing N N 344 
TRP N   CA   sing N N 345 
TRP N   H    sing N N 346 
TRP N   H2   sing N N 347 
TRP CA  C    sing N N 348 
TRP CA  CB   sing N N 349 
TRP CA  HA   sing N N 350 
TRP C   O    doub N N 351 
TRP C   OXT  sing N N 352 
TRP CB  CG   sing N N 353 
TRP CB  HB2  sing N N 354 
TRP CB  HB3  sing N N 355 
TRP CG  CD1  doub Y N 356 
TRP CG  CD2  sing Y N 357 
TRP CD1 NE1  sing Y N 358 
TRP CD1 HD1  sing N N 359 
TRP CD2 CE2  doub Y N 360 
TRP CD2 CE3  sing Y N 361 
TRP NE1 CE2  sing Y N 362 
TRP NE1 HE1  sing N N 363 
TRP CE2 CZ2  sing Y N 364 
TRP CE3 CZ3  doub Y N 365 
TRP CE3 HE3  sing N N 366 
TRP CZ2 CH2  doub Y N 367 
TRP CZ2 HZ2  sing N N 368 
TRP CZ3 CH2  sing Y N 369 
TRP CZ3 HZ3  sing N N 370 
TRP CH2 HH2  sing N N 371 
TRP OXT HXT  sing N N 372 
TRS C   C1   sing N N 373 
TRS C   C2   sing N N 374 
TRS C   C3   sing N N 375 
TRS C   N    sing N N 376 
TRS C1  O1   sing N N 377 
TRS C1  H11  sing N N 378 
TRS C1  H12  sing N N 379 
TRS C2  O2   sing N N 380 
TRS C2  H21  sing N N 381 
TRS C2  H22  sing N N 382 
TRS C3  O3   sing N N 383 
TRS C3  H31  sing N N 384 
TRS C3  H32  sing N N 385 
TRS N   HN1  sing N N 386 
TRS N   HN2  sing N N 387 
TRS N   HN3  sing N N 388 
TRS O1  HO1  sing N N 389 
TRS O2  HO2  sing N N 390 
TRS O3  HO3  sing N N 391 
TYR N   CA   sing N N 392 
TYR N   H    sing N N 393 
TYR N   H2   sing N N 394 
TYR CA  C    sing N N 395 
TYR CA  CB   sing N N 396 
TYR CA  HA   sing N N 397 
TYR C   O    doub N N 398 
TYR C   OXT  sing N N 399 
TYR CB  CG   sing N N 400 
TYR CB  HB2  sing N N 401 
TYR CB  HB3  sing N N 402 
TYR CG  CD1  doub Y N 403 
TYR CG  CD2  sing Y N 404 
TYR CD1 CE1  sing Y N 405 
TYR CD1 HD1  sing N N 406 
TYR CD2 CE2  doub Y N 407 
TYR CD2 HD2  sing N N 408 
TYR CE1 CZ   doub Y N 409 
TYR CE1 HE1  sing N N 410 
TYR CE2 CZ   sing Y N 411 
TYR CE2 HE2  sing N N 412 
TYR CZ  OH   sing N N 413 
TYR OH  HH   sing N N 414 
TYR OXT HXT  sing N N 415 
VAL N   CA   sing N N 416 
VAL N   H    sing N N 417 
VAL N   H2   sing N N 418 
VAL CA  C    sing N N 419 
VAL CA  CB   sing N N 420 
VAL CA  HA   sing N N 421 
VAL C   O    doub N N 422 
VAL C   OXT  sing N N 423 
VAL CB  CG1  sing N N 424 
VAL CB  CG2  sing N N 425 
VAL CB  HB   sing N N 426 
VAL CG1 HG11 sing N N 427 
VAL CG1 HG12 sing N N 428 
VAL CG1 HG13 sing N N 429 
VAL CG2 HG21 sing N N 430 
VAL CG2 HG22 sing N N 431 
VAL CG2 HG23 sing N N 432 
VAL OXT HXT  sing N N 433 
# 
_pdbx_deposit_group.group_id            G_1002123 
_pdbx_deposit_group.group_description   
;BROMODOMAIN OF HUMAN NUCLEOSOME-REMODELING FACTOR SUBUNIT BPTF screened against the 3D-Fragment Consortium Library by
X-ray Crystallography at the XChem facility of Diamond Light Source beamline I04-1
;
_pdbx_deposit_group.group_title         
;PanDDA analysis group deposition of the bromodomain of human nucleosome-remodeling factor subunit BPTF fragment
screening
;
_pdbx_deposit_group.group_type          'changed state' 
# 
_pdbx_entity_instance_feature.ordinal        1 
_pdbx_entity_instance_feature.comp_id        M25 
_pdbx_entity_instance_feature.asym_id        ? 
_pdbx_entity_instance_feature.seq_num        ? 
_pdbx_entity_instance_feature.auth_comp_id   M25 
_pdbx_entity_instance_feature.auth_asym_id   ? 
_pdbx_entity_instance_feature.auth_seq_num   ? 
_pdbx_entity_instance_feature.feature_type   'SUBJECT OF INVESTIGATION' 
_pdbx_entity_instance_feature.details        ? 
# 
_atom_sites.entry_id                    5R4M 
_atom_sites.fract_transf_matrix[1][1]   0.00782230 
_atom_sites.fract_transf_matrix[1][2]   -0.00375280 
_atom_sites.fract_transf_matrix[1][3]   -0.00236132 
_atom_sites.fract_transf_matrix[2][1]   -0.01668097 
_atom_sites.fract_transf_matrix[2][2]   -0.03223193 
_atom_sites.fract_transf_matrix[2][3]   -0.00403316 
_atom_sites.fract_transf_matrix[3][1]   -0.00243370 
_atom_sites.fract_transf_matrix[3][2]   0.00448720 
_atom_sites.fract_transf_matrix[3][3]   -0.02579475 
_atom_sites.fract_transf_vector[1]      -0.130132 
_atom_sites.fract_transf_vector[2]      0.445660 
_atom_sites.fract_transf_vector[3]      0.042839 
# 
loop_
_atom_type.symbol 
C 
N 
O 
S 
# 
loop_
_atom_site.group_PDB 
_atom_site.id 
_atom_site.type_symbol 
_atom_site.label_atom_id 
_atom_site.label_alt_id 
_atom_site.label_comp_id 
_atom_site.label_asym_id 
_atom_site.label_entity_id 
_atom_site.label_seq_id 
_atom_site.pdbx_PDB_ins_code 
_atom_site.Cartn_x 
_atom_site.Cartn_y 
_atom_site.Cartn_z 
_atom_site.occupancy 
_atom_site.B_iso_or_equiv 
_atom_site.pdbx_formal_charge 
_atom_site.auth_seq_id 
_atom_site.auth_comp_id 
_atom_site.auth_asym_id 
_atom_site.auth_atom_id 
_atom_site.pdbx_PDB_model_num 
ATOM   1    N N   . GLU A 1 5   ? 1.646   -5.818  -15.664 1.00 28.74 ? 2793 GLU A N   1 
ATOM   2    C CA  . GLU A 1 5   ? 0.281   -5.212  -15.616 1.00 27.63 ? 2793 GLU A CA  1 
ATOM   3    C C   . GLU A 1 5   ? -0.285  -5.087  -17.030 1.00 27.49 ? 2793 GLU A C   1 
ATOM   4    O O   . GLU A 1 5   ? 0.466   -4.798  -17.974 1.00 28.63 ? 2793 GLU A O   1 
ATOM   5    C CB  . GLU A 1 5   ? 0.334   -3.821  -14.978 1.00 26.77 ? 2793 GLU A CB  1 
ATOM   6    C CG  . GLU A 1 5   ? 0.941   -3.769  -13.581 1.00 26.24 ? 2793 GLU A CG  1 
ATOM   7    C CD  . GLU A 1 5   ? 1.093   -2.350  -13.048 1.00 25.95 ? 2793 GLU A CD  1 
ATOM   8    O OE1 . GLU A 1 5   ? 1.528   -1.458  -13.808 1.00 26.08 ? 2793 GLU A OE1 1 
ATOM   9    O OE2 . GLU A 1 5   ? 0.790   -2.119  -11.859 1.00 23.64 ? 2793 GLU A OE2 1 
ATOM   10   N N   A ASP A 1 6   ? -1.592  -5.300  -17.177 0.25 27.06 ? 2794 ASP A N   1 
ATOM   11   N N   B ASP A 1 6   ? -1.597  -5.288  -17.163 0.25 27.78 ? 2794 ASP A N   1 
ATOM   12   C CA  A ASP A 1 6   ? -2.248  -5.198  -18.481 0.25 26.49 ? 2794 ASP A CA  1 
ATOM   13   C CA  B ASP A 1 6   ? -2.285  -5.185  -18.450 0.25 27.63 ? 2794 ASP A CA  1 
ATOM   14   C C   A ASP A 1 6   ? -2.524  -3.737  -18.828 0.25 26.75 ? 2794 ASP A C   1 
ATOM   15   C C   B ASP A 1 6   ? -2.494  -3.724  -18.836 0.25 27.43 ? 2794 ASP A C   1 
ATOM   16   O O   A ASP A 1 6   ? -2.352  -2.847  -17.988 0.25 26.88 ? 2794 ASP A O   1 
ATOM   17   O O   B ASP A 1 6   ? -2.252  -2.819  -18.031 0.25 27.55 ? 2794 ASP A O   1 
ATOM   18   C CB  A ASP A 1 6   ? -3.539  -6.019  -18.504 0.25 25.89 ? 2794 ASP A CB  1 
ATOM   19   C CB  B ASP A 1 6   ? -3.634  -5.902  -18.395 0.25 27.88 ? 2794 ASP A CB  1 
ATOM   20   C CG  A ASP A 1 6   ? -4.654  -5.382  -17.705 0.25 25.45 ? 2794 ASP A CG  1 
ATOM   21   C CG  B ASP A 1 6   ? -4.679  -5.123  -17.620 0.25 28.24 ? 2794 ASP A CG  1 
ATOM   22   O OD1 A ASP A 1 6   ? -4.654  -4.142  -17.558 0.25 24.55 ? 2794 ASP A OD1 1 
ATOM   23   O OD1 B ASP A 1 6   ? -4.334  -4.054  -17.064 0.25 28.74 ? 2794 ASP A OD1 1 
ATOM   24   O OD2 A ASP A 1 6   ? -5.538  -6.130  -17.231 0.25 25.31 ? 2794 ASP A OD2 1 
ATOM   25   O OD2 B ASP A 1 6   ? -5.844  -5.579  -17.565 0.25 29.01 ? 2794 ASP A OD2 1 
ATOM   26   N N   . ALA A 1 7   ? -2.953  -3.505  -20.066 1.00 26.91 ? 2795 ALA A N   1 
ATOM   27   C CA  . ALA A 1 7   ? -3.162  -2.138  -20.606 1.00 26.45 ? 2795 ALA A CA  1 
ATOM   28   C C   . ALA A 1 7   ? -4.182  -1.261  -19.878 1.00 25.83 ? 2795 ALA A C   1 
ATOM   29   O O   . ALA A 1 7   ? -3.969  -0.051  -19.742 1.00 26.47 ? 2795 ALA A O   1 
ATOM   30   C CB  . ALA A 1 7   ? -3.517  -2.210  -22.084 1.00 26.66 ? 2795 ALA A CB  1 
ATOM   31   N N   . MET A 1 8   ? -5.271  -1.860  -19.409 1.00 23.34 ? 2796 MET A N   1 
ATOM   32   C CA  . MET A 1 8   ? -6.266  -1.109  -18.637 1.00 22.70 ? 2796 MET A CA  1 
ATOM   33   C C   . MET A 1 8   ? -5.665  -0.506  -17.353 1.00 20.56 ? 2796 MET A C   1 
ATOM   34   O O   . MET A 1 8   ? -5.963  0.632   -17.005 1.00 16.92 ? 2796 MET A O   1 
ATOM   35   C CB  . MET A 1 8   ? -7.480  -1.985  -18.286 1.00 24.14 ? 2796 MET A CB  1 
ATOM   36   C CG  . MET A 1 8   ? -8.700  -1.171  -17.868 1.00 26.34 ? 2796 MET A CG  1 
ATOM   37   S SD  . MET A 1 8   ? -10.089 -2.134  -17.239 1.00 29.87 ? 2796 MET A SD  1 
ATOM   38   C CE  . MET A 1 8   ? -11.345 -0.860  -17.161 1.00 29.31 ? 2796 MET A CE  1 
ATOM   39   N N   . THR A 1 9   ? -4.829  -1.273  -16.656 1.00 20.31 ? 2797 THR A N   1 
ATOM   40   C CA  . THR A 1 9   ? -4.212  -0.831  -15.392 1.00 20.02 ? 2797 THR A CA  1 
ATOM   41   C C   . THR A 1 9   ? -3.256  0.349   -15.627 1.00 19.68 ? 2797 THR A C   1 
ATOM   42   O O   . THR A 1 9   ? -3.282  1.369   -14.903 1.00 16.57 ? 2797 THR A O   1 
ATOM   43   C CB  . THR A 1 9   ? -3.484  -2.025  -14.705 1.00 20.48 ? 2797 THR A CB  1 
ATOM   44   O OG1 . THR A 1 9   ? -4.449  -3.020  -14.333 1.00 21.85 ? 2797 THR A OG1 1 
ATOM   45   C CG2 . THR A 1 9   ? -2.709  -1.588  -13.463 1.00 20.63 ? 2797 THR A CG2 1 
ATOM   46   N N   . VAL A 1 10  ? -2.425  0.213   -16.655 1.00 20.43 ? 2798 VAL A N   1 
ATOM   47   C CA  . VAL A 1 10  ? -1.414  1.219   -16.952 1.00 21.51 ? 2798 VAL A CA  1 
ATOM   48   C C   . VAL A 1 10  ? -2.040  2.511   -17.520 1.00 22.42 ? 2798 VAL A C   1 
ATOM   49   O O   . VAL A 1 10  ? -1.655  3.608   -17.108 1.00 23.01 ? 2798 VAL A O   1 
ATOM   50   C CB  . VAL A 1 10  ? -0.328  0.648   -17.903 1.00 22.02 ? 2798 VAL A CB  1 
ATOM   51   C CG1 . VAL A 1 10  ? 0.720   1.700   -18.240 1.00 22.53 ? 2798 VAL A CG1 1 
ATOM   52   C CG2 . VAL A 1 10  ? 0.352   -0.576  -17.284 1.00 22.10 ? 2798 VAL A CG2 1 
ATOM   53   N N   . LEU A 1 11  ? -3.006  2.376   -18.431 1.00 23.71 ? 2799 LEU A N   1 
ATOM   54   C CA  . LEU A 1 11  ? -3.402  3.488   -19.316 1.00 23.76 ? 2799 LEU A CA  1 
ATOM   55   C C   . LEU A 1 11  ? -4.794  4.090   -19.129 1.00 23.91 ? 2799 LEU A C   1 
ATOM   56   O O   . LEU A 1 11  ? -5.035  5.191   -19.620 1.00 24.64 ? 2799 LEU A O   1 
ATOM   57   C CB  . LEU A 1 11  ? -3.250  3.055   -20.778 1.00 24.81 ? 2799 LEU A CB  1 
ATOM   58   C CG  . LEU A 1 11  ? -1.857  2.582   -21.193 1.00 25.55 ? 2799 LEU A CG  1 
ATOM   59   C CD1 . LEU A 1 11  ? -1.898  2.052   -22.618 1.00 25.94 ? 2799 LEU A CD1 1 
ATOM   60   C CD2 . LEU A 1 11  ? -0.834  3.701   -21.060 1.00 26.07 ? 2799 LEU A CD2 1 
ATOM   61   N N   . THR A 1 12  ? -5.707  3.405   -18.442 1.00 23.26 ? 2800 THR A N   1 
ATOM   62   C CA  . THR A 1 12  ? -7.067  3.924   -18.302 1.00 22.13 ? 2800 THR A CA  1 
ATOM   63   C C   . THR A 1 12  ? -7.082  4.933   -17.136 1.00 20.77 ? 2800 THR A C   1 
ATOM   64   O O   . THR A 1 12  ? -6.660  4.599   -16.017 1.00 21.31 ? 2800 THR A O   1 
ATOM   65   C CB  . THR A 1 12  ? -8.093  2.789   -18.126 1.00 23.34 ? 2800 THR A CB  1 
ATOM   66   O OG1 . THR A 1 12  ? -8.003  1.908   -19.257 1.00 24.00 ? 2800 THR A OG1 1 
ATOM   67   C CG2 . THR A 1 12  ? -9.516  3.331   -18.045 1.00 23.91 ? 2800 THR A CG2 1 
ATOM   68   N N   . PRO A 1 13  ? -7.510  6.189   -17.391 1.00 19.31 ? 2801 PRO A N   1 
ATOM   69   C CA  . PRO A 1 13  ? -7.647  7.138   -16.282 1.00 18.60 ? 2801 PRO A CA  1 
ATOM   70   C C   . PRO A 1 13  ? -8.575  6.632   -15.187 1.00 17.81 ? 2801 PRO A C   1 
ATOM   71   O O   . PRO A 1 13  ? -9.514  5.878   -15.459 1.00 18.69 ? 2801 PRO A O   1 
ATOM   72   C CB  . PRO A 1 13  ? -8.239  8.382   -16.952 1.00 18.65 ? 2801 PRO A CB  1 
ATOM   73   C CG  . PRO A 1 13  ? -7.762  8.305   -18.355 1.00 18.96 ? 2801 PRO A CG  1 
ATOM   74   C CD  . PRO A 1 13  ? -7.758  6.845   -18.693 1.00 19.18 ? 2801 PRO A CD  1 
ATOM   75   N N   . LEU A 1 14  ? -8.287  7.024   -13.949 1.00 16.24 ? 2802 LEU A N   1 
ATOM   76   C CA  . LEU A 1 14  ? -9.145  6.678   -12.829 1.00 15.78 ? 2802 LEU A CA  1 
ATOM   77   C C   . LEU A 1 14  ? -10.362 7.598   -12.821 1.00 16.22 ? 2802 LEU A C   1 
ATOM   78   O O   . LEU A 1 14  ? -10.220 8.813   -12.713 1.00 18.16 ? 2802 LEU A O   1 
ATOM   79   C CB  . LEU A 1 14  ? -8.388  6.801   -11.503 1.00 14.85 ? 2802 LEU A CB  1 
ATOM   80   C CG  . LEU A 1 14  ? -7.258  5.790   -11.287 1.00 14.44 ? 2802 LEU A CG  1 
ATOM   81   C CD1 . LEU A 1 14  ? -6.357  6.228   -10.138 1.00 13.99 ? 2802 LEU A CD1 1 
ATOM   82   C CD2 . LEU A 1 14  ? -7.817  4.397   -11.039 1.00 14.63 ? 2802 LEU A CD2 1 
ATOM   83   N N   . THR A 1 15  ? -11.545 7.009   -12.937 1.00 16.16 ? 2803 THR A N   1 
ATOM   84   C CA  . THR A 1 15  ? -12.810 7.746   -12.880 1.00 16.29 ? 2803 THR A CA  1 
ATOM   85   C C   . THR A 1 15  ? -13.265 7.934   -11.432 1.00 16.11 ? 2803 THR A C   1 
ATOM   86   O O   . THR A 1 15  ? -12.661 7.373   -10.509 1.00 15.10 ? 2803 THR A O   1 
ATOM   87   C CB  . THR A 1 15  ? -13.899 6.963   -13.618 1.00 16.76 ? 2803 THR A CB  1 
ATOM   88   O OG1 . THR A 1 15  ? -14.120 5.727   -12.929 1.00 16.73 ? 2803 THR A OG1 1 
ATOM   89   C CG2 . THR A 1 15  ? -13.492 6.690   -15.075 1.00 17.15 ? 2803 THR A CG2 1 
ATOM   90   N N   . GLU A 1 16  ? -14.341 8.697   -11.218 1.00 17.11 ? 2804 GLU A N   1 
ATOM   91   C CA  . GLU A 1 16  ? -14.926 8.806   -9.868  1.00 17.86 ? 2804 GLU A CA  1 
ATOM   92   C C   . GLU A 1 16  ? -15.384 7.461   -9.280  1.00 17.35 ? 2804 GLU A C   1 
ATOM   93   O O   . GLU A 1 16  ? -15.194 7.226   -8.077  1.00 16.65 ? 2804 GLU A O   1 
ATOM   94   C CB  . GLU A 1 16  ? -16.031 9.878   -9.789  1.00 20.06 ? 2804 GLU A CB  1 
ATOM   95   C CG  . GLU A 1 16  ? -15.478 11.298  -9.658  1.00 22.23 ? 2804 GLU A CG  1 
ATOM   96   C CD  . GLU A 1 16  ? -14.767 11.565  -8.328  1.00 24.31 ? 2804 GLU A CD  1 
ATOM   97   O OE1 . GLU A 1 16  ? -15.370 11.331  -7.259  1.00 27.24 ? 2804 GLU A OE1 1 
ATOM   98   O OE2 . GLU A 1 16  ? -13.601 12.019  -8.344  1.00 26.42 ? 2804 GLU A OE2 1 
ATOM   99   N N   . LYS A 1 17  ? -15.966 6.602   -10.117 0.50 17.24 ? 2805 LYS A N   1 
ATOM   100  C CA  . LYS A 1 17  ? -16.363 5.255   -9.704  0.50 17.33 ? 2805 LYS A CA  1 
ATOM   101  C C   . LYS A 1 17  ? -15.158 4.401   -9.301  0.50 16.77 ? 2805 LYS A C   1 
ATOM   102  O O   . LYS A 1 17  ? -15.221 3.667   -8.315  0.50 16.93 ? 2805 LYS A O   1 
ATOM   103  C CB  . LYS A 1 17  ? -17.151 4.566   -10.820 0.50 17.83 ? 2805 LYS A CB  1 
ATOM   104  C CG  . LYS A 1 17  ? -18.555 5.118   -11.001 0.50 18.21 ? 2805 LYS A CG  1 
ATOM   105  C CD  . LYS A 1 17  ? -19.269 4.464   -12.171 0.50 18.59 ? 2805 LYS A CD  1 
ATOM   106  C CE  . LYS A 1 17  ? -20.550 5.203   -12.518 0.50 18.83 ? 2805 LYS A CE  1 
ATOM   107  N NZ  . LYS A 1 17  ? -21.428 5.382   -11.329 0.50 19.02 ? 2805 LYS A NZ  1 
ATOM   108  N N   . ASP A 1 18  ? -14.066 4.510   -10.059 1.00 16.24 ? 2806 ASP A N   1 
ATOM   109  C CA  . ASP A 1 18  ? -12.781 3.854   -9.698  1.00 15.17 ? 2806 ASP A CA  1 
ATOM   110  C C   . ASP A 1 18  ? -12.292 4.327   -8.315  1.00 13.58 ? 2806 ASP A C   1 
ATOM   111  O O   . ASP A 1 18  ? -11.851 3.506   -7.505  1.00 12.77 ? 2806 ASP A O   1 
ATOM   112  C CB  . ASP A 1 18  ? -11.664 4.154   -10.713 1.00 15.01 ? 2806 ASP A CB  1 
ATOM   113  C CG  . ASP A 1 18  ? -11.844 3.443   -12.051 1.00 15.54 ? 2806 ASP A CG  1 
ATOM   114  O OD1 . ASP A 1 18  ? -12.363 2.307   -12.090 1.00 16.44 ? 2806 ASP A OD1 1 
ATOM   115  O OD2 . ASP A 1 18  ? -11.410 4.024   -13.067 1.00 15.67 ? 2806 ASP A OD2 1 
ATOM   116  N N   . TYR A 1 19  ? -12.408 5.633   -8.044  1.00 13.52 ? 2807 TYR A N   1 
ATOM   117  C CA  . TYR A 1 19  ? -11.987 6.194   -6.751  1.00 13.42 ? 2807 TYR A CA  1 
ATOM   118  C C   . TYR A 1 19  ? -12.783 5.665   -5.555  1.00 14.07 ? 2807 TYR A C   1 
ATOM   119  O O   . TYR A 1 19  ? -12.206 5.456   -4.487  1.00 13.79 ? 2807 TYR A O   1 
ATOM   120  C CB  . TYR A 1 19  ? -11.951 7.738   -6.764  1.00 13.00 ? 2807 TYR A CB  1 
ATOM   121  C CG  . TYR A 1 19  ? -10.552 8.265   -6.956  1.00 12.52 ? 2807 TYR A CG  1 
ATOM   122  C CD1 . TYR A 1 19  ? -10.039 8.523   -8.226  1.00 12.16 ? 2807 TYR A CD1 1 
ATOM   123  C CD2 . TYR A 1 19  ? -9.709  8.455   -5.859  1.00 12.77 ? 2807 TYR A CD2 1 
ATOM   124  C CE1 . TYR A 1 19  ? -8.735  8.985   -8.396  1.00 12.10 ? 2807 TYR A CE1 1 
ATOM   125  C CE2 . TYR A 1 19  ? -8.412  8.911   -6.016  1.00 12.63 ? 2807 TYR A CE2 1 
ATOM   126  C CZ  . TYR A 1 19  ? -7.918  9.173   -7.275  1.00 12.32 ? 2807 TYR A CZ  1 
ATOM   127  O OH  . TYR A 1 19  ? -6.627  9.635   -7.373  1.00 12.67 ? 2807 TYR A OH  1 
ATOM   128  N N   . GLU A 1 20  ? -14.080 5.418   -5.720  1.00 15.50 ? 2808 GLU A N   1 
ATOM   129  C CA  . GLU A 1 20  ? -14.848 4.767   -4.649  1.00 16.71 ? 2808 GLU A CA  1 
ATOM   130  C C   . GLU A 1 20  ? -14.324 3.356   -4.333  1.00 15.91 ? 2808 GLU A C   1 
ATOM   131  O O   . GLU A 1 20  ? -14.240 2.977   -3.156  1.00 16.29 ? 2808 GLU A O   1 
ATOM   132  C CB  . GLU A 1 20  ? -16.350 4.758   -4.958  1.00 18.78 ? 2808 GLU A CB  1 
ATOM   133  C CG  . GLU A 1 20  ? -16.988 6.145   -4.956  1.00 20.88 ? 2808 GLU A CG  1 
ATOM   134  C CD  . GLU A 1 20  ? -16.842 6.883   -3.631  1.00 22.79 ? 2808 GLU A CD  1 
ATOM   135  O OE1 . GLU A 1 20  ? -17.058 6.269   -2.563  1.00 25.68 ? 2808 GLU A OE1 1 
ATOM   136  O OE2 . GLU A 1 20  ? -16.511 8.086   -3.652  1.00 25.95 ? 2808 GLU A OE2 1 
ATOM   137  N N   . GLY A 1 21  ? -13.936 2.605   -5.366  1.00 15.12 ? 2809 GLY A N   1 
ATOM   138  C CA  . GLY A 1 21  ? -13.295 1.301   -5.183  1.00 14.50 ? 2809 GLY A CA  1 
ATOM   139  C C   . GLY A 1 21  ? -11.931 1.372   -4.504  1.00 14.08 ? 2809 GLY A C   1 
ATOM   140  O O   . GLY A 1 21  ? -11.619 0.534   -3.647  1.00 14.65 ? 2809 GLY A O   1 
ATOM   141  N N   . LEU A 1 22  ? -11.110 2.360   -4.874  1.00 13.45 ? 2810 LEU A N   1 
ATOM   142  C CA  . LEU A 1 22  ? -9.801  2.556   -4.226  1.00 13.17 ? 2810 LEU A CA  1 
ATOM   143  C C   . LEU A 1 22  ? -9.954  2.870   -2.740  1.00 12.46 ? 2810 LEU A C   1 
ATOM   144  O O   . LEU A 1 22  ? -9.178  2.373   -1.925  1.00 12.07 ? 2810 LEU A O   1 
ATOM   145  C CB  . LEU A 1 22  ? -8.992  3.670   -4.895  1.00 13.98 ? 2810 LEU A CB  1 
ATOM   146  C CG  . LEU A 1 22  ? -8.503  3.461   -6.330  1.00 14.68 ? 2810 LEU A CG  1 
ATOM   147  C CD1 . LEU A 1 22  ? -7.664  4.664   -6.730  1.00 14.90 ? 2810 LEU A CD1 1 
ATOM   148  C CD2 . LEU A 1 22  ? -7.721  2.168   -6.505  1.00 15.27 ? 2810 LEU A CD2 1 
ATOM   149  N N   . LYS A 1 23  ? -10.945 3.691   -2.388  1.00 13.19 ? 2811 LYS A N   1 
ATOM   150  C CA  . LYS A 1 23  ? -11.198 3.996   -0.971  1.00 13.64 ? 2811 LYS A CA  1 
ATOM   151  C C   . LYS A 1 23  ? -11.534 2.742   -0.180  1.00 13.61 ? 2811 LYS A C   1 
ATOM   152  O O   . LYS A 1 23  ? -11.054 2.568   0.933   1.00 13.36 ? 2811 LYS A O   1 
ATOM   153  C CB  . LYS A 1 23  ? -12.329 5.000   -0.813  1.00 14.75 ? 2811 LYS A CB  1 
ATOM   154  C CG  . LYS A 1 23  ? -11.986 6.389   -1.301  1.00 16.31 ? 2811 LYS A CG  1 
ATOM   155  C CD  . LYS A 1 23  ? -13.262 7.184   -1.440  1.00 18.79 ? 2811 LYS A CD  1 
ATOM   156  C CE  . LYS A 1 23  ? -13.049 8.436   -2.255  1.00 20.51 ? 2811 LYS A CE  1 
ATOM   157  N NZ  . LYS A 1 23  ? -14.344 9.125   -2.481  1.00 22.35 ? 2811 LYS A NZ  1 
ATOM   158  N N   . ARG A 1 24  ? -12.349 1.874   -0.766  1.00 13.42 ? 2812 ARG A N   1 
ATOM   159  C CA  . ARG A 1 24  ? -12.720 0.609   -0.124  1.00 14.31 ? 2812 ARG A CA  1 
ATOM   160  C C   . ARG A 1 24  ? -11.507 -0.302  0.059   1.00 13.11 ? 2812 ARG A C   1 
ATOM   161  O O   . ARG A 1 24  ? -11.344 -0.888  1.137   1.00 12.92 ? 2812 ARG A O   1 
ATOM   162  C CB  . ARG A 1 24  ? -13.810 -0.105  -0.927  1.00 16.11 ? 2812 ARG A CB  1 
ATOM   163  C CG  . ARG A 1 24  ? -14.163 -1.516  -0.451  1.00 18.39 ? 2812 ARG A CG  1 
ATOM   164  C CD  . ARG A 1 24  ? -14.848 -2.332  -1.548  1.00 20.67 ? 2812 ARG A CD  1 
ATOM   165  N NE  . ARG A 1 24  ? -16.291 -2.121  -1.570  1.00 22.23 ? 2812 ARG A NE  1 
ATOM   166  C CZ  . ARG A 1 24  ? -17.139 -2.670  -2.443  1.00 22.77 ? 2812 ARG A CZ  1 
ATOM   167  N NH1 . ARG A 1 24  ? -18.437 -2.405  -2.330  1.00 23.61 ? 2812 ARG A NH1 1 
ATOM   168  N NH2 . ARG A 1 24  ? -16.712 -3.456  -3.434  1.00 24.13 ? 2812 ARG A NH2 1 
ATOM   169  N N   . VAL A 1 25  ? -10.660 -0.424  -0.972  1.00 12.24 ? 2813 VAL A N   1 
ATOM   170  C CA  . VAL A 1 25  ? -9.441  -1.256  -0.878  1.00 11.94 ? 2813 VAL A CA  1 
ATOM   171  C C   . VAL A 1 25  ? -8.566  -0.750  0.266   1.00 11.48 ? 2813 VAL A C   1 
ATOM   172  O O   . VAL A 1 25  ? -8.102  -1.530  1.106   1.00 10.86 ? 2813 VAL A O   1 
ATOM   173  C CB  . VAL A 1 25  ? -8.631  -1.279  -2.213  1.00 12.25 ? 2813 VAL A CB  1 
ATOM   174  C CG1 . VAL A 1 25  ? -7.247  -1.900  -2.032  1.00 12.44 ? 2813 VAL A CG1 1 
ATOM   175  C CG2 . VAL A 1 25  ? -9.404  -2.021  -3.307  1.00 12.94 ? 2813 VAL A CG2 1 
ATOM   176  N N   . LEU A 1 26  ? -8.349  0.560   0.295   1.00 11.21 ? 2814 LEU A N   1 
ATOM   177  C CA  . LEU A 1 26  ? -7.507  1.155   1.323   1.00 11.34 ? 2814 LEU A CA  1 
ATOM   178  C C   . LEU A 1 26  ? -8.043  0.910   2.749   1.00 11.00 ? 2814 LEU A C   1 
ATOM   179  O O   . LEU A 1 26  ? -7.269  0.549   3.642   1.00 10.91 ? 2814 LEU A O   1 
ATOM   180  C CB  . LEU A 1 26  ? -7.315  2.647   1.055   1.00 12.25 ? 2814 LEU A CB  1 
ATOM   181  C CG  . LEU A 1 26  ? -6.338  3.398   1.958   1.00 12.74 ? 2814 LEU A CG  1 
ATOM   182  C CD1 . LEU A 1 26  ? -4.950  2.772   1.976   1.00 13.11 ? 2814 LEU A CD1 1 
ATOM   183  C CD2 . LEU A 1 26  ? -6.252  4.833   1.490   1.00 13.27 ? 2814 LEU A CD2 1 
ATOM   184  N N   A ARG A 1 27  ? -9.351  1.092   2.949   0.25 11.13 ? 2815 ARG A N   1 
ATOM   185  N N   B ARG A 1 27  ? -9.349  1.092   2.948   0.25 11.13 ? 2815 ARG A N   1 
ATOM   186  C CA  A ARG A 1 27  ? -9.967  0.863   4.262   0.25 11.31 ? 2815 ARG A CA  1 
ATOM   187  C CA  B ARG A 1 27  ? -9.965  0.863   4.259   0.25 11.30 ? 2815 ARG A CA  1 
ATOM   188  C C   A ARG A 1 27  ? -9.861  -0.603  4.711   0.25 11.34 ? 2815 ARG A C   1 
ATOM   189  C C   B ARG A 1 27  ? -9.872  -0.601  4.694   0.25 11.05 ? 2815 ARG A C   1 
ATOM   190  O O   A ARG A 1 27  ? -9.684  -0.878  5.895   0.25 11.25 ? 2815 ARG A O   1 
ATOM   191  O O   B ARG A 1 27  ? -9.722  -0.893  5.877   0.25 10.98 ? 2815 ARG A O   1 
ATOM   192  C CB  A ARG A 1 27  ? -11.431 1.321   4.269   0.25 11.62 ? 2815 ARG A CB  1 
ATOM   193  C CB  B ARG A 1 27  ? -11.420 1.327   4.244   0.25 11.86 ? 2815 ARG A CB  1 
ATOM   194  C CG  A ARG A 1 27  ? -11.619 2.834   4.313   0.25 11.84 ? 2815 ARG A CG  1 
ATOM   195  C CG  B ARG A 1 27  ? -11.547 2.839   4.204   0.25 12.32 ? 2815 ARG A CG  1 
ATOM   196  C CD  A ARG A 1 27  ? -13.064 3.201   4.612   0.25 12.01 ? 2815 ARG A CD  1 
ATOM   197  C CD  B ARG A 1 27  ? -12.946 3.303   3.857   0.25 12.79 ? 2815 ARG A CD  1 
ATOM   198  N NE  A ARG A 1 27  ? -13.979 2.449   3.763   0.25 12.25 ? 2815 ARG A NE  1 
ATOM   199  N NE  B ARG A 1 27  ? -13.001 4.758   3.860   0.25 13.17 ? 2815 ARG A NE  1 
ATOM   200  C CZ  A ARG A 1 27  ? -14.619 2.952   2.714   0.25 12.27 ? 2815 ARG A CZ  1 
ATOM   201  C CZ  B ARG A 1 27  ? -13.923 5.473   3.234   0.25 13.40 ? 2815 ARG A CZ  1 
ATOM   202  N NH1 A ARG A 1 27  ? -14.467 4.228   2.384   0.25 12.45 ? 2815 ARG A NH1 1 
ATOM   203  N NH1 B ARG A 1 27  ? -14.878 4.874   2.543   0.25 13.48 ? 2815 ARG A NH1 1 
ATOM   204  N NH2 A ARG A 1 27  ? -15.416 2.175   1.998   0.25 12.26 ? 2815 ARG A NH2 1 
ATOM   205  N NH2 B ARG A 1 27  ? -13.874 6.793   3.297   0.25 13.58 ? 2815 ARG A NH2 1 
ATOM   206  N N   A SER A 1 28  ? -9.948  -1.532  3.760   0.38 11.47 ? 2816 SER A N   1 
ATOM   207  N N   B SER A 1 28  ? -9.936  -1.509  3.725   0.12 10.87 ? 2816 SER A N   1 
ATOM   208  C CA  A SER A 1 28  ? -9.786  -2.957  4.065   0.38 11.84 ? 2816 SER A CA  1 
ATOM   209  C CA  B SER A 1 28  ? -9.825  -2.935  4.004   0.12 10.83 ? 2816 SER A CA  1 
ATOM   210  C C   A SER A 1 28  ? -8.393  -3.249  4.625   0.38 11.34 ? 2816 SER A C   1 
ATOM   211  C C   B SER A 1 28  ? -8.414  -3.280  4.495   0.12 10.89 ? 2816 SER A C   1 
ATOM   212  O O   A SER A 1 28  ? -8.244  -3.991  5.598   0.38 11.35 ? 2816 SER A O   1 
ATOM   213  O O   B SER A 1 28  ? -8.245  -4.138  5.362   0.12 10.90 ? 2816 SER A O   1 
ATOM   214  C CB  A SER A 1 28  ? -10.017 -3.810  2.813   0.38 12.64 ? 2816 SER A CB  1 
ATOM   215  C CB  B SER A 1 28  ? -10.185 -3.747  2.754   0.12 10.77 ? 2816 SER A CB  1 
ATOM   216  O OG  A SER A 1 28  ? -11.370 -3.780  2.405   0.38 14.09 ? 2816 SER A OG  1 
ATOM   217  O OG  B SER A 1 28  ? -9.057  -3.969  1.930   0.12 10.44 ? 2816 SER A OG  1 
ATOM   218  N N   A LEU A 1 29  ? -7.365  -2.675  4.000   0.25 11.16 ? 2817 LEU A N   1 
ATOM   219  N N   B LEU A 1 29  ? -7.404  -2.607  3.941   0.25 11.03 ? 2817 LEU A N   1 
ATOM   220  C CA  A LEU A 1 29  ? -5.996  -2.840  4.491   0.25 11.12 ? 2817 LEU A CA  1 
ATOM   221  C CA  B LEU A 1 29  ? -6.020  -2.764  4.399   0.25 11.27 ? 2817 LEU A CA  1 
ATOM   222  C C   A LEU A 1 29  ? -5.796  -2.181  5.852   0.25 11.06 ? 2817 LEU A C   1 
ATOM   223  C C   B LEU A 1 29  ? -5.813  -2.181  5.805   0.25 11.17 ? 2817 LEU A C   1 
ATOM   224  O O   A LEU A 1 29  ? -5.162  -2.765  6.732   0.25 11.27 ? 2817 LEU A O   1 
ATOM   225  O O   B LEU A 1 29  ? -5.194  -2.816  6.662   0.25 11.46 ? 2817 LEU A O   1 
ATOM   226  C CB  A LEU A 1 29  ? -4.972  -2.300  3.490   0.25 11.10 ? 2817 LEU A CB  1 
ATOM   227  C CB  B LEU A 1 29  ? -5.051  -2.101  3.411   0.25 11.56 ? 2817 LEU A CB  1 
ATOM   228  C CG  A LEU A 1 29  ? -4.341  -3.358  2.585   0.25 11.11 ? 2817 LEU A CG  1 
ATOM   229  C CG  B LEU A 1 29  ? -4.622  -2.911  2.183   0.25 11.83 ? 2817 LEU A CG  1 
ATOM   230  C CD1 A LEU A 1 29  ? -5.327  -3.845  1.539   0.25 11.14 ? 2817 LEU A CD1 1 
ATOM   231  C CD1 B LEU A 1 29  ? -3.523  -3.881  2.572   0.25 11.98 ? 2817 LEU A CD1 1 
ATOM   232  C CD2 A LEU A 1 29  ? -3.098  -2.803  1.917   0.25 11.10 ? 2817 LEU A CD2 1 
ATOM   233  C CD2 B LEU A 1 29  ? -5.784  -3.640  1.529   0.25 11.95 ? 2817 LEU A CD2 1 
ATOM   234  N N   . GLN A 1 30  ? -6.337  -0.975  6.034   1.00 11.13 ? 2818 GLN A N   1 
ATOM   235  C CA  . GLN A 1 30  ? -6.229  -0.278  7.347   1.00 11.12 ? 2818 GLN A CA  1 
ATOM   236  C C   . GLN A 1 30  ? -6.899  -1.050  8.514   1.00 11.20 ? 2818 GLN A C   1 
ATOM   237  O O   . GLN A 1 30  ? -6.474  -0.912  9.667   1.00 11.99 ? 2818 GLN A O   1 
ATOM   238  C CB  . GLN A 1 30  ? -6.785  1.150   7.270   1.00 11.05 ? 2818 GLN A CB  1 
ATOM   239  C CG  . GLN A 1 30  ? -5.953  2.100   6.414   1.00 11.07 ? 2818 GLN A CG  1 
ATOM   240  C CD  . GLN A 1 30  ? -6.681  3.389   6.097   1.00 11.03 ? 2818 GLN A CD  1 
ATOM   241  O OE1 . GLN A 1 30  ? -7.858  3.376   5.745   1.00 11.69 ? 2818 GLN A OE1 1 
ATOM   242  N NE2 . GLN A 1 30  ? -5.981  4.511   6.214   1.00 11.37 ? 2818 GLN A NE2 1 
ATOM   243  N N   . ALA A 1 31  ? -7.904  -1.873  8.194   1.00 11.21 ? 2819 ALA A N   1 
ATOM   244  C CA  . ALA A 1 31  ? -8.627  -2.726  9.170   1.00 11.64 ? 2819 ALA A CA  1 
ATOM   245  C C   . ALA A 1 31  ? -7.999  -4.110  9.413   1.00 12.05 ? 2819 ALA A C   1 
ATOM   246  O O   . ALA A 1 31  ? -8.455  -4.837  10.299  1.00 12.48 ? 2819 ALA A O   1 
ATOM   247  C CB  . ALA A 1 31  ? -10.076 -2.896  8.728   1.00 11.75 ? 2819 ALA A CB  1 
ATOM   248  N N   . HIS A 1 32  ? -6.959  -4.478  8.664   1.00 11.78 ? 2820 HIS A N   1 
ATOM   249  C CA  . HIS A 1 32  ? -6.340  -5.818  8.776   1.00 12.03 ? 2820 HIS A CA  1 
ATOM   250  C C   . HIS A 1 32  ? -5.498  -5.870  10.065  1.00 12.69 ? 2820 HIS A C   1 
ATOM   251  O O   . HIS A 1 32  ? -4.844  -4.886  10.406  1.00 12.23 ? 2820 HIS A O   1 
ATOM   252  C CB  . HIS A 1 32  ? -5.466  -6.091  7.537   1.00 11.59 ? 2820 HIS A CB  1 
ATOM   253  C CG  . HIS A 1 32  ? -5.092  -7.532  7.352   1.00 11.46 ? 2820 HIS A CG  1 
ATOM   254  N ND1 . HIS A 1 32  ? -4.093  -8.138  8.073   1.00 12.13 ? 2820 HIS A ND1 1 
ATOM   255  C CD2 . HIS A 1 32  ? -5.567  -8.479  6.505   1.00 11.45 ? 2820 HIS A CD2 1 
ATOM   256  C CE1 . HIS A 1 32  ? -3.983  -9.403  7.705   1.00 11.69 ? 2820 HIS A CE1 1 
ATOM   257  N NE2 . HIS A 1 32  ? -4.863  -9.635  6.750   1.00 11.93 ? 2820 HIS A NE2 1 
ATOM   258  N N   . LYS A 1 33  ? -5.500  -7.016  10.747  0.50 13.15 ? 2821 LYS A N   1 
ATOM   259  C CA  . LYS A 1 33  ? -4.818  -7.176  12.043  0.50 13.85 ? 2821 LYS A CA  1 
ATOM   260  C C   . LYS A 1 33  ? -3.286  -7.082  11.967  0.50 13.71 ? 2821 LYS A C   1 
ATOM   261  O O   . LYS A 1 33  ? -2.622  -6.844  12.977  0.50 13.84 ? 2821 LYS A O   1 
ATOM   262  C CB  . LYS A 1 33  ? -5.218  -8.513  12.669  0.50 14.58 ? 2821 LYS A CB  1 
ATOM   263  C CG  . LYS A 1 33  ? -4.612  -8.783  14.036  0.50 15.34 ? 2821 LYS A CG  1 
ATOM   264  C CD  . LYS A 1 33  ? -5.199  -10.049 14.642  0.50 15.83 ? 2821 LYS A CD  1 
ATOM   265  C CE  . LYS A 1 33  ? -4.546  -10.402 15.967  0.50 16.19 ? 2821 LYS A CE  1 
ATOM   266  N NZ  . LYS A 1 33  ? -5.042  -11.702 16.497  0.50 16.38 ? 2821 LYS A NZ  1 
ATOM   267  N N   A MET A 1 34  ? -2.735  -7.287  10.776  0.25 13.38 ? 2822 MET A N   1 
ATOM   268  N N   B MET A 1 34  ? -2.733  -7.304  10.774  0.25 14.32 ? 2822 MET A N   1 
ATOM   269  C CA  A MET A 1 34  ? -1.294  -7.187  10.554  0.25 13.47 ? 2822 MET A CA  1 
ATOM   270  C CA  B MET A 1 34  ? -1.291  -7.181  10.551  0.25 14.82 ? 2822 MET A CA  1 
ATOM   271  C C   A MET A 1 34  ? -0.864  -5.872  9.882   0.25 13.26 ? 2822 MET A C   1 
ATOM   272  C C   B MET A 1 34  ? -0.848  -5.847  9.936   0.25 14.04 ? 2822 MET A C   1 
ATOM   273  O O   A MET A 1 34  ? 0.286   -5.756  9.442   0.25 13.45 ? 2822 MET A O   1 
ATOM   274  O O   B MET A 1 34  ? 0.331   -5.689  9.598   0.25 14.12 ? 2822 MET A O   1 
ATOM   275  C CB  A MET A 1 34  ? -0.807  -8.370  9.707   0.25 13.66 ? 2822 MET A CB  1 
ATOM   276  C CB  B MET A 1 34  ? -0.794  -8.310  9.647   0.25 16.03 ? 2822 MET A CB  1 
ATOM   277  C CG  A MET A 1 34  ? -1.100  -9.741  10.302  0.25 13.92 ? 2822 MET A CG  1 
ATOM   278  C CG  B MET A 1 34  ? -0.984  -9.699  10.221  0.25 17.16 ? 2822 MET A CG  1 
ATOM   279  S SD  A MET A 1 34  ? -0.259  -10.039 11.869  0.25 14.20 ? 2822 MET A SD  1 
ATOM   280  S SD  B MET A 1 34  ? 0.567   -10.607 10.181  0.25 19.37 ? 2822 MET A SD  1 
ATOM   281  C CE  A MET A 1 34  ? -1.480  -9.428  13.032  0.25 14.41 ? 2822 MET A CE  1 
ATOM   282  C CE  B MET A 1 34  ? 1.135   -10.354 11.861  0.25 19.22 ? 2822 MET A CE  1 
ATOM   283  N N   . ALA A 1 35  ? -1.765  -4.888  9.807   1.00 13.27 ? 2823 ALA A N   1 
ATOM   284  C CA  . ALA A 1 35  ? -1.439  -3.568  9.223   1.00 12.60 ? 2823 ALA A CA  1 
ATOM   285  C C   . ALA A 1 35  ? -0.832  -2.582  10.219  1.00 12.15 ? 2823 ALA A C   1 
ATOM   286  O O   . ALA A 1 35  ? -0.382  -1.506  9.800   1.00 10.89 ? 2823 ALA A O   1 
ATOM   287  C CB  . ALA A 1 35  ? -2.663  -2.961  8.590   1.00 12.57 ? 2823 ALA A CB  1 
ATOM   288  N N   . TRP A 1 36  ? -0.797  -2.921  11.516  1.00 13.21 ? 2824 TRP A N   1 
ATOM   289  C CA  . TRP A 1 36  ? -0.320  -1.973  12.531  1.00 14.47 ? 2824 TRP A CA  1 
ATOM   290  C C   . TRP A 1 36  ? 1.044   -1.307  12.243  1.00 13.88 ? 2824 TRP A C   1 
ATOM   291  O O   . TRP A 1 36  ? 1.160   -0.129  12.526  1.00 14.24 ? 2824 TRP A O   1 
ATOM   292  C CB  . TRP A 1 36  ? -0.332  -2.559  13.964  1.00 16.70 ? 2824 TRP A CB  1 
ATOM   293  C CG  . TRP A 1 36  ? -1.718  -2.741  14.571  1.00 19.39 ? 2824 TRP A CG  1 
ATOM   294  C CD1 . TRP A 1 36  ? -2.336  -3.924  14.803  1.00 20.74 ? 2824 TRP A CD1 1 
ATOM   295  C CD2 . TRP A 1 36  ? -2.634  -1.721  15.017  1.00 21.26 ? 2824 TRP A CD2 1 
ATOM   296  N NE1 . TRP A 1 36  ? -3.573  -3.723  15.359  1.00 22.33 ? 2824 TRP A NE1 1 
ATOM   297  C CE2 . TRP A 1 36  ? -3.784  -2.380  15.504  1.00 21.89 ? 2824 TRP A CE2 1 
ATOM   298  C CE3 . TRP A 1 36  ? -2.591  -0.323  15.060  1.00 21.55 ? 2824 TRP A CE3 1 
ATOM   299  C CZ2 . TRP A 1 36  ? -4.892  -1.687  16.017  1.00 22.55 ? 2824 TRP A CZ2 1 
ATOM   300  C CZ3 . TRP A 1 36  ? -3.699  0.368   15.562  1.00 22.57 ? 2824 TRP A CZ3 1 
ATOM   301  C CH2 . TRP A 1 36  ? -4.826  -0.318  16.042  1.00 22.74 ? 2824 TRP A CH2 1 
ATOM   302  N N   . PRO A 1 37  ? 2.051   -2.025  11.661  1.00 12.91 ? 2825 PRO A N   1 
ATOM   303  C CA  . PRO A 1 37  ? 3.324   -1.305  11.410  1.00 12.28 ? 2825 PRO A CA  1 
ATOM   304  C C   . PRO A 1 37  ? 3.266   -0.197  10.340  1.00 11.05 ? 2825 PRO A C   1 
ATOM   305  O O   . PRO A 1 37  ? 4.168   0.640   10.287  1.00 11.23 ? 2825 PRO A O   1 
ATOM   306  C CB  . PRO A 1 37  ? 4.284   -2.413  10.930  1.00 12.89 ? 2825 PRO A CB  1 
ATOM   307  C CG  . PRO A 1 37  ? 3.615   -3.715  11.188  1.00 13.08 ? 2825 PRO A CG  1 
ATOM   308  C CD  . PRO A 1 37  ? 2.141   -3.434  11.226  1.00 13.22 ? 2825 PRO A CD  1 
ATOM   309  N N   . PHE A 1 38  ? 2.211   -0.205  9.516   1.00 9.78  ? 2826 PHE A N   1 
ATOM   310  C CA  . PHE A 1 38  ? 2.140   0.583   8.277   1.00 9.67  ? 2826 PHE A CA  1 
ATOM   311  C C   . PHE A 1 38  ? 1.098   1.698   8.307   1.00 9.66  ? 2826 PHE A C   1 
ATOM   312  O O   . PHE A 1 38  ? 0.958   2.420   7.311   1.00 9.72  ? 2826 PHE A O   1 
ATOM   313  C CB  . PHE A 1 38  ? 1.831   -0.349  7.078   1.00 9.79  ? 2826 PHE A CB  1 
ATOM   314  C CG  . PHE A 1 38  ? 2.696   -1.586  7.022   1.00 9.74  ? 2826 PHE A CG  1 
ATOM   315  C CD1 . PHE A 1 38  ? 4.079   -1.473  6.876   1.00 9.79  ? 2826 PHE A CD1 1 
ATOM   316  C CD2 . PHE A 1 38  ? 2.136   -2.867  7.146   1.00 10.11 ? 2826 PHE A CD2 1 
ATOM   317  C CE1 . PHE A 1 38  ? 4.882   -2.599  6.851   1.00 10.06 ? 2826 PHE A CE1 1 
ATOM   318  C CE2 . PHE A 1 38  ? 2.937   -3.993  7.114   1.00 10.45 ? 2826 PHE A CE2 1 
ATOM   319  C CZ  . PHE A 1 38  ? 4.312   -3.858  6.964   1.00 10.32 ? 2826 PHE A CZ  1 
ATOM   320  N N   . LEU A 1 39  ? 0.353   1.851   9.413   1.00 10.10 ? 2827 LEU A N   1 
ATOM   321  C CA  . LEU A 1 39  ? -0.766  2.801   9.455   1.00 10.46 ? 2827 LEU A CA  1 
ATOM   322  C C   . LEU A 1 39  ? -0.319  4.265   9.367   1.00 10.83 ? 2827 LEU A C   1 
ATOM   323  O O   . LEU A 1 39  ? -1.020  5.088   8.754   1.00 12.28 ? 2827 LEU A O   1 
ATOM   324  C CB  . LEU A 1 39  ? -1.629  2.589   10.715  1.00 10.90 ? 2827 LEU A CB  1 
ATOM   325  C CG  . LEU A 1 39  ? -2.384  1.257   10.836  1.00 11.32 ? 2827 LEU A CG  1 
ATOM   326  C CD1 . LEU A 1 39  ? -3.106  1.175   12.177  1.00 11.58 ? 2827 LEU A CD1 1 
ATOM   327  C CD2 . LEU A 1 39  ? -3.366  1.045   9.688   1.00 11.81 ? 2827 LEU A CD2 1 
ATOM   328  N N   . GLU A 1 40  ? 0.830   4.573   9.963   1.00 11.44 ? 2828 GLU A N   1 
ATOM   329  C CA  . GLU A 1 40  ? 1.363   5.939   10.029  1.00 12.07 ? 2828 GLU A CA  1 
ATOM   330  C C   . GLU A 1 40  ? 2.850   5.917   9.663   1.00 11.28 ? 2828 GLU A C   1 
ATOM   331  O O   . GLU A 1 40  ? 3.468   4.850   9.693   1.00 10.43 ? 2828 GLU A O   1 
ATOM   332  C CB  . GLU A 1 40  ? 1.187   6.497   11.451  1.00 13.84 ? 2828 GLU A CB  1 
ATOM   333  C CG  . GLU A 1 40  ? -0.252  6.601   11.955  1.00 15.94 ? 2828 GLU A CG  1 
ATOM   334  C CD  . GLU A 1 40  ? -1.063  7.710   11.312  1.00 18.17 ? 2828 GLU A CD  1 
ATOM   335  O OE1 . GLU A 1 40  ? -0.482  8.751   10.948  1.00 21.05 ? 2828 GLU A OE1 1 
ATOM   336  O OE2 . GLU A 1 40  ? -2.303  7.558   11.194  1.00 21.17 ? 2828 GLU A OE2 1 
ATOM   337  N N   . PRO A 1 41  ? 3.438   7.091   9.332   1.00 11.77 ? 2829 PRO A N   1 
ATOM   338  C CA  . PRO A 1 41  ? 4.876   7.109   9.034   1.00 12.07 ? 2829 PRO A CA  1 
ATOM   339  C C   . PRO A 1 41  ? 5.732   6.500   10.149  1.00 12.19 ? 2829 PRO A C   1 
ATOM   340  O O   . PRO A 1 41  ? 5.367   6.602   11.338  1.00 12.17 ? 2829 PRO A O   1 
ATOM   341  C CB  . PRO A 1 41  ? 5.185   8.607   8.886   1.00 12.70 ? 2829 PRO A CB  1 
ATOM   342  C CG  . PRO A 1 41  ? 3.910   9.217   8.460   1.00 12.90 ? 2829 PRO A CG  1 
ATOM   343  C CD  . PRO A 1 41  ? 2.836   8.430   9.161   1.00 12.50 ? 2829 PRO A CD  1 
ATOM   344  N N   . VAL A 1 42  ? 6.858   5.889   9.782   1.00 12.90 ? 2830 VAL A N   1 
ATOM   345  C CA  . VAL A 1 42  ? 7.793   5.339   10.766  1.00 13.91 ? 2830 VAL A CA  1 
ATOM   346  C C   . VAL A 1 42  ? 8.244   6.460   11.711  1.00 14.61 ? 2830 VAL A C   1 
ATOM   347  O O   . VAL A 1 42  ? 8.542   7.567   11.263  1.00 14.00 ? 2830 VAL A O   1 
ATOM   348  C CB  . VAL A 1 42  ? 9.016   4.679   10.079  1.00 14.37 ? 2830 VAL A CB  1 
ATOM   349  C CG1 . VAL A 1 42  ? 10.101  4.303   11.094  1.00 14.68 ? 2830 VAL A CG1 1 
ATOM   350  C CG2 . VAL A 1 42  ? 8.559   3.461   9.283   1.00 14.52 ? 2830 VAL A CG2 1 
ATOM   351  N N   . ASP A 1 43  ? 8.248   6.176   13.016  1.00 16.14 ? 2831 ASP A N   1 
ATOM   352  C CA  . ASP A 1 43  ? 8.629   7.159   14.042  1.00 17.62 ? 2831 ASP A CA  1 
ATOM   353  C C   . ASP A 1 43  ? 10.157  7.162   14.163  1.00 18.15 ? 2831 ASP A C   1 
ATOM   354  O O   . ASP A 1 43  ? 10.737  6.141   14.528  1.00 18.50 ? 2831 ASP A O   1 
ATOM   355  C CB  . ASP A 1 43  ? 7.993   6.799   15.398  1.00 19.03 ? 2831 ASP A CB  1 
ATOM   356  C CG  . ASP A 1 43  ? 8.170   7.893   16.460  1.00 20.22 ? 2831 ASP A CG  1 
ATOM   357  O OD1 . ASP A 1 43  ? 9.087   8.737   16.357  1.00 21.09 ? 2831 ASP A OD1 1 
ATOM   358  O OD2 . ASP A 1 43  ? 7.377   7.894   17.428  1.00 22.17 ? 2831 ASP A OD2 1 
ATOM   359  N N   . PRO A 1 44  ? 10.813  8.305   13.856  1.00 18.59 ? 2832 PRO A N   1 
ATOM   360  C CA  . PRO A 1 44  ? 12.284  8.346   13.952  1.00 19.13 ? 2832 PRO A CA  1 
ATOM   361  C C   . PRO A 1 44  ? 12.864  8.092   15.356  1.00 19.75 ? 2832 PRO A C   1 
ATOM   362  O O   . PRO A 1 44  ? 13.972  7.579   15.452  1.00 19.35 ? 2832 PRO A O   1 
ATOM   363  C CB  . PRO A 1 44  ? 12.661  9.745   13.443  1.00 19.24 ? 2832 PRO A CB  1 
ATOM   364  C CG  . PRO A 1 44  ? 11.400  10.460  13.145  1.00 19.55 ? 2832 PRO A CG  1 
ATOM   365  C CD  . PRO A 1 44  ? 10.228  9.576   13.391  1.00 18.79 ? 2832 PRO A CD  1 
ATOM   366  N N   . ASN A 1 45  ? 12.128  8.432   16.417  1.00 21.32 ? 2833 ASN A N   1 
ATOM   367  C CA  . ASN A 1 45  ? 12.545  8.066   17.793  1.00 22.66 ? 2833 ASN A CA  1 
ATOM   368  C C   . ASN A 1 45  ? 12.698  6.547   18.052  1.00 23.29 ? 2833 ASN A C   1 
ATOM   369  O O   . ASN A 1 45  ? 13.529  6.151   18.879  1.00 23.08 ? 2833 ASN A O   1 
ATOM   370  C CB  . ASN A 1 45  ? 11.627  8.708   18.863  1.00 23.78 ? 2833 ASN A CB  1 
ATOM   371  C CG  . ASN A 1 45  ? 12.071  10.115  19.277  1.00 24.83 ? 2833 ASN A CG  1 
ATOM   372  O OD1 . ASN A 1 45  ? 13.253  10.464  19.217  1.00 26.57 ? 2833 ASN A OD1 1 
ATOM   373  N ND2 . ASN A 1 45  ? 11.115  10.921  19.726  1.00 26.54 ? 2833 ASN A ND2 1 
ATOM   374  N N   . ASP A 1 46  ? 11.918  5.723   17.355  0.52 23.26 ? 2834 ASP A N   1 
ATOM   375  C CA  . ASP A 1 46  ? 12.021  4.261   17.482  0.52 23.45 ? 2834 ASP A CA  1 
ATOM   376  C C   . ASP A 1 46  ? 13.043  3.633   16.524  0.52 23.39 ? 2834 ASP A C   1 
ATOM   377  O O   . ASP A 1 46  ? 13.535  2.533   16.790  0.52 23.12 ? 2834 ASP A O   1 
ATOM   378  C CB  . ASP A 1 46  ? 10.642  3.612   17.301  0.52 23.83 ? 2834 ASP A CB  1 
ATOM   379  C CG  . ASP A 1 46  ? 9.653   4.017   18.390  0.52 24.11 ? 2834 ASP A CG  1 
ATOM   380  O OD1 . ASP A 1 46  ? 10.059  4.135   19.567  0.52 24.51 ? 2834 ASP A OD1 1 
ATOM   381  O OD2 . ASP A 1 46  ? 8.461   4.214   18.069  0.52 24.47 ? 2834 ASP A OD2 1 
ATOM   382  N N   . ALA A 1 47  ? 13.344  4.310   15.412  1.00 23.17 ? 2835 ALA A N   1 
ATOM   383  C CA  . ALA A 1 47  ? 14.383  3.859   14.459  1.00 23.09 ? 2835 ALA A CA  1 
ATOM   384  C C   . ALA A 1 47  ? 15.197  5.068   13.964  1.00 22.91 ? 2835 ALA A C   1 
ATOM   385  O O   . ALA A 1 47  ? 14.921  5.598   12.878  1.00 21.78 ? 2835 ALA A O   1 
ATOM   386  C CB  . ALA A 1 47  ? 13.731  3.130   13.293  1.00 23.31 ? 2835 ALA A CB  1 
ATOM   387  N N   . PRO A 1 48  ? 16.198  5.516   14.762  1.00 23.16 ? 2836 PRO A N   1 
ATOM   388  C CA  . PRO A 1 48  ? 16.963  6.730   14.418  1.00 22.91 ? 2836 PRO A CA  1 
ATOM   389  C C   . PRO A 1 48  ? 17.700  6.766   13.064  1.00 22.42 ? 2836 PRO A C   1 
ATOM   390  O O   . PRO A 1 48  ? 17.975  7.859   12.557  1.00 23.35 ? 2836 PRO A O   1 
ATOM   391  C CB  . PRO A 1 48  ? 17.969  6.876   15.583  1.00 23.48 ? 2836 PRO A CB  1 
ATOM   392  C CG  . PRO A 1 48  ? 17.761  5.709   16.484  1.00 23.73 ? 2836 PRO A CG  1 
ATOM   393  C CD  . PRO A 1 48  ? 16.430  5.114   16.164  1.00 23.67 ? 2836 PRO A CD  1 
ATOM   394  N N   . ASP A 1 49  ? 18.017  5.602   12.498  1.00 21.25 ? 2837 ASP A N   1 
ATOM   395  C CA  . ASP A 1 49  ? 18.690  5.520   11.189  1.00 20.28 ? 2837 ASP A CA  1 
ATOM   396  C C   . ASP A 1 49  ? 17.751  5.326   9.989   1.00 18.00 ? 2837 ASP A C   1 
ATOM   397  O O   . ASP A 1 49  ? 18.217  5.363   8.847   1.00 18.69 ? 2837 ASP A O   1 
ATOM   398  C CB  . ASP A 1 49  ? 19.737  4.399   11.192  1.00 21.53 ? 2837 ASP A CB  1 
ATOM   399  C CG  . ASP A 1 49  ? 19.123  3.005   11.254  1.00 22.84 ? 2837 ASP A CG  1 
ATOM   400  O OD1 . ASP A 1 49  ? 17.997  2.861   11.781  1.00 23.92 ? 2837 ASP A OD1 1 
ATOM   401  O OD2 . ASP A 1 49  ? 19.778  2.053   10.783  1.00 24.98 ? 2837 ASP A OD2 1 
ATOM   402  N N   . TYR A 1 50  ? 16.453  5.123   10.241  1.00 15.56 ? 2838 TYR A N   1 
ATOM   403  C CA  . TYR A 1 50  ? 15.502  4.716   9.193   1.00 13.49 ? 2838 TYR A CA  1 
ATOM   404  C C   . TYR A 1 50  ? 15.511  5.657   7.982   1.00 13.16 ? 2838 TYR A C   1 
ATOM   405  O O   . TYR A 1 50  ? 15.631  5.207   6.838   1.00 12.66 ? 2838 TYR A O   1 
ATOM   406  C CB  . TYR A 1 50  ? 14.070  4.600   9.753   1.00 12.58 ? 2838 TYR A CB  1 
ATOM   407  C CG  . TYR A 1 50  ? 13.079  4.044   8.746   1.00 11.47 ? 2838 TYR A CG  1 
ATOM   408  C CD1 . TYR A 1 50  ? 12.906  2.662   8.599   1.00 11.21 ? 2838 TYR A CD1 1 
ATOM   409  C CD2 . TYR A 1 50  ? 12.335  4.898   7.917   1.00 11.28 ? 2838 TYR A CD2 1 
ATOM   410  C CE1 . TYR A 1 50  ? 12.011  2.146   7.659   1.00 10.54 ? 2838 TYR A CE1 1 
ATOM   411  C CE2 . TYR A 1 50  ? 11.448  4.395   6.968   1.00 10.86 ? 2838 TYR A CE2 1 
ATOM   412  C CZ  . TYR A 1 50  ? 11.282  3.022   6.844   1.00 10.34 ? 2838 TYR A CZ  1 
ATOM   413  O OH  . TYR A 1 50  ? 10.397  2.531   5.894   1.00 10.46 ? 2838 TYR A OH  1 
ATOM   414  N N   . TYR A 1 51  ? 15.410  6.960   8.233   1.00 12.72 ? 2839 TYR A N   1 
ATOM   415  C CA  . TYR A 1 51  ? 15.278  7.952   7.148   1.00 12.97 ? 2839 TYR A CA  1 
ATOM   416  C C   . TYR A 1 51  ? 16.595  8.270   6.410   1.00 13.45 ? 2839 TYR A C   1 
ATOM   417  O O   . TYR A 1 51  ? 16.577  8.858   5.323   1.00 13.98 ? 2839 TYR A O   1 
ATOM   418  C CB  . TYR A 1 51  ? 14.560  9.215   7.660   1.00 12.74 ? 2839 TYR A CB  1 
ATOM   419  C CG  . TYR A 1 51  ? 13.094  8.960   7.956   1.00 12.35 ? 2839 TYR A CG  1 
ATOM   420  C CD1 . TYR A 1 51  ? 12.669  8.509   9.213   1.00 12.36 ? 2839 TYR A CD1 1 
ATOM   421  C CD2 . TYR A 1 51  ? 12.132  9.135   6.974   1.00 12.66 ? 2839 TYR A CD2 1 
ATOM   422  C CE1 . TYR A 1 51  ? 11.325  8.249   9.471   1.00 12.50 ? 2839 TYR A CE1 1 
ATOM   423  C CE2 . TYR A 1 51  ? 10.790  8.877   7.224   1.00 12.56 ? 2839 TYR A CE2 1 
ATOM   424  C CZ  . TYR A 1 51  ? 10.384  8.442   8.477   1.00 12.40 ? 2839 TYR A CZ  1 
ATOM   425  O OH  . TYR A 1 51  ? 9.053   8.194   8.723   1.00 12.85 ? 2839 TYR A OH  1 
ATOM   426  N N   . GLY A 1 52  ? 17.724  7.840   6.966   1.00 14.15 ? 2840 GLY A N   1 
ATOM   427  C CA  . GLY A 1 52  ? 18.993  7.807   6.225   1.00 14.94 ? 2840 GLY A CA  1 
ATOM   428  C C   . GLY A 1 52  ? 19.156  6.662   5.227   1.00 15.19 ? 2840 GLY A C   1 
ATOM   429  O O   . GLY A 1 52  ? 19.901  6.809   4.244   1.00 17.43 ? 2840 GLY A O   1 
ATOM   430  N N   A VAL A 1 53  ? 18.481  5.533   5.444   0.25 15.12 ? 2841 VAL A N   1 
ATOM   431  N N   B VAL A 1 53  ? 18.461  5.553   5.501   0.25 14.82 ? 2841 VAL A N   1 
ATOM   432  C CA  A VAL A 1 53  ? 18.627  4.381   4.543   0.25 14.85 ? 2841 VAL A CA  1 
ATOM   433  C CA  B VAL A 1 53  ? 18.530  4.310   4.735   0.25 14.38 ? 2841 VAL A CA  1 
ATOM   434  C C   A VAL A 1 53  ? 17.435  4.134   3.609   0.25 14.30 ? 2841 VAL A C   1 
ATOM   435  C C   B VAL A 1 53  ? 17.467  4.223   3.635   0.25 14.03 ? 2841 VAL A C   1 
ATOM   436  O O   A VAL A 1 53  ? 17.626  3.531   2.552   0.25 14.17 ? 2841 VAL A O   1 
ATOM   437  O O   B VAL A 1 53  ? 17.769  3.841   2.506   0.25 13.99 ? 2841 VAL A O   1 
ATOM   438  C CB  A VAL A 1 53  ? 18.961  3.094   5.316   0.25 15.17 ? 2841 VAL A CB  1 
ATOM   439  C CB  B VAL A 1 53  ? 18.334  3.107   5.682   0.25 14.26 ? 2841 VAL A CB  1 
ATOM   440  C CG1 A VAL A 1 53  ? 20.182  3.316   6.195   0.25 15.19 ? 2841 VAL A CG1 1 
ATOM   441  C CG1 B VAL A 1 53  ? 18.197  1.815   4.892   0.25 14.16 ? 2841 VAL A CG1 1 
ATOM   442  C CG2 A VAL A 1 53  ? 17.774  2.635   6.141   0.25 15.24 ? 2841 VAL A CG2 1 
ATOM   443  C CG2 B VAL A 1 53  ? 19.480  3.019   6.680   0.25 14.36 ? 2841 VAL A CG2 1 
ATOM   444  N N   . ILE A 1 54  ? 16.228  4.573   3.983   1.00 13.76 ? 2842 ILE A N   1 
ATOM   445  C CA  . ILE A 1 54  ? 15.046  4.478   3.080   1.00 13.45 ? 2842 ILE A CA  1 
ATOM   446  C C   . ILE A 1 54  ? 14.807  5.811   2.377   1.00 14.14 ? 2842 ILE A C   1 
ATOM   447  O O   . ILE A 1 54  ? 14.374  6.784   3.007   1.00 15.47 ? 2842 ILE A O   1 
ATOM   448  C CB  . ILE A 1 54  ? 13.777  4.090   3.885   1.00 12.71 ? 2842 ILE A CB  1 
ATOM   449  C CG1 . ILE A 1 54  ? 13.950  2.711   4.538   1.00 12.98 ? 2842 ILE A CG1 1 
ATOM   450  C CG2 . ILE A 1 54  ? 12.531  4.113   3.003   1.00 12.80 ? 2842 ILE A CG2 1 
ATOM   451  C CD1 . ILE A 1 54  ? 14.210  1.583   3.565   1.00 13.05 ? 2842 ILE A CD1 1 
ATOM   452  N N   . LYS A 1 55  ? 15.051  5.841   1.068   1.00 14.50 ? 2843 LYS A N   1 
ATOM   453  C CA  . LYS A 1 55  ? 15.019  7.111   0.337   1.00 15.70 ? 2843 LYS A CA  1 
ATOM   454  C C   . LYS A 1 55  ? 13.611  7.635   0.044   1.00 14.34 ? 2843 LYS A C   1 
ATOM   455  O O   . LYS A 1 55  ? 13.435  8.845   0.017   1.00 15.47 ? 2843 LYS A O   1 
ATOM   456  C CB  . LYS A 1 55  ? 15.838  7.026   -0.954  1.00 17.46 ? 2843 LYS A CB  1 
ATOM   457  C CG  . LYS A 1 55  ? 16.164  8.379   -1.576  1.00 18.90 ? 2843 LYS A CG  1 
ATOM   458  N N   . GLU A 1 56  ? 12.635  6.741   -0.179  1.00 13.03 ? 2844 GLU A N   1 
ATOM   459  C CA  . GLU A 1 56  ? 11.237  7.134   -0.449  1.00 12.54 ? 2844 GLU A CA  1 
ATOM   460  C C   . GLU A 1 56  ? 10.275  6.405   0.515   1.00 10.70 ? 2844 GLU A C   1 
ATOM   461  O O   . GLU A 1 56  ? 9.648   5.395   0.142   1.00 10.19 ? 2844 GLU A O   1 
ATOM   462  C CB  . GLU A 1 56  ? 10.851  6.852   -1.913  1.00 14.43 ? 2844 GLU A CB  1 
ATOM   463  C CG  . GLU A 1 56  ? 11.463  7.803   -2.936  1.00 16.59 ? 2844 GLU A CG  1 
ATOM   464  C CD  . GLU A 1 56  ? 11.060  7.482   -4.368  1.00 18.51 ? 2844 GLU A CD  1 
ATOM   465  O OE1 . GLU A 1 56  ? 11.952  7.485   -5.250  1.00 22.39 ? 2844 GLU A OE1 1 
ATOM   466  O OE2 . GLU A 1 56  ? 9.856   7.236   -4.622  1.00 19.08 ? 2844 GLU A OE2 1 
ATOM   467  N N   . PRO A 1 57  ? 10.153  6.906   1.764   1.00 9.43  ? 2845 PRO A N   1 
ATOM   468  C CA  . PRO A 1 57  ? 9.203   6.319   2.719   1.00 9.08  ? 2845 PRO A CA  1 
ATOM   469  C C   . PRO A 1 57  ? 7.747   6.371   2.221   1.00 8.62  ? 2845 PRO A C   1 
ATOM   470  O O   . PRO A 1 57  ? 7.385   7.245   1.402   1.00 8.88  ? 2845 PRO A O   1 
ATOM   471  C CB  . PRO A 1 57  ? 9.404   7.184   3.973   1.00 9.51  ? 2845 PRO A CB  1 
ATOM   472  C CG  . PRO A 1 57  ? 10.766  7.784   3.827   1.00 10.69 ? 2845 PRO A CG  1 
ATOM   473  C CD  . PRO A 1 57  ? 10.903  8.036   2.361   1.00 10.16 ? 2845 PRO A CD  1 
ATOM   474  N N   . MET A 1 58  ? 6.924   5.434   2.696   1.00 8.17  ? 2846 MET A N   1 
ATOM   475  C CA  . MET A 1 58  ? 5.491   5.444   2.394   1.00 8.26  ? 2846 MET A CA  1 
ATOM   476  C C   . MET A 1 58  ? 4.725   4.733   3.512   1.00 8.05  ? 2846 MET A C   1 
ATOM   477  O O   . MET A 1 58  ? 5.276   3.842   4.176   1.00 8.63  ? 2846 MET A O   1 
ATOM   478  C CB  . MET A 1 58  ? 5.220   4.815   1.010   1.00 8.50  ? 2846 MET A CB  1 
ATOM   479  C CG  . MET A 1 58  ? 3.789   4.960   0.486   1.00 8.96  ? 2846 MET A CG  1 
ATOM   480  S SD  . MET A 1 58  ? 3.091   6.628   0.500   1.00 9.26  ? 2846 MET A SD  1 
ATOM   481  C CE  . MET A 1 58  ? 4.315   7.545   -0.452  1.00 9.48  ? 2846 MET A CE  1 
ATOM   482  N N   . ASP A 1 59  ? 3.458   5.103   3.678   1.00 8.19  ? 2847 ASP A N   1 
ATOM   483  C CA  . ASP A 1 59  ? 2.602   4.559   4.744   1.00 8.68  ? 2847 ASP A CA  1 
ATOM   484  C C   . ASP A 1 59  ? 1.135   4.741   4.324   1.00 8.38  ? 2847 ASP A C   1 
ATOM   485  O O   . ASP A 1 59  ? 0.833   5.511   3.393   1.00 8.47  ? 2847 ASP A O   1 
ATOM   486  C CB  . ASP A 1 59  ? 2.873   5.273   6.071   1.00 9.33  ? 2847 ASP A CB  1 
ATOM   487  C CG  . ASP A 1 59  ? 2.491   6.733   6.012   1.00 10.04 ? 2847 ASP A CG  1 
ATOM   488  O OD1 . ASP A 1 59  ? 3.306   7.541   5.495   1.00 10.65 ? 2847 ASP A OD1 1 
ATOM   489  O OD2 . ASP A 1 59  ? 1.331   7.058   6.384   1.00 10.76 ? 2847 ASP A OD2 1 
ATOM   490  N N   . LEU A 1 60  ? 0.229   4.039   5.003   1.00 8.39  ? 2848 LEU A N   1 
ATOM   491  C CA  . LEU A 1 60  ? -1.187  4.055   4.620   1.00 8.85  ? 2848 LEU A CA  1 
ATOM   492  C C   . LEU A 1 60  ? -1.899  5.404   4.865   1.00 9.00  ? 2848 LEU A C   1 
ATOM   493  O O   . LEU A 1 60  ? -2.850  5.742   4.143   1.00 9.51  ? 2848 LEU A O   1 
ATOM   494  C CB  . LEU A 1 60  ? -1.942  2.897   5.288   1.00 8.86  ? 2848 LEU A CB  1 
ATOM   495  C CG  . LEU A 1 60  ? -1.475  1.486   4.887   1.00 9.10  ? 2848 LEU A CG  1 
ATOM   496  C CD1 . LEU A 1 60  ? -2.048  0.445   5.843   1.00 9.42  ? 2848 LEU A CD1 1 
ATOM   497  C CD2 . LEU A 1 60  ? -1.808  1.135   3.436   1.00 9.47  ? 2848 LEU A CD2 1 
ATOM   498  N N   . ALA A 1 61  ? -1.454  6.192   5.853   1.00 9.31  ? 2849 ALA A N   1 
ATOM   499  C CA  . ALA A 1 61  ? -2.062  7.522   6.096   1.00 9.75  ? 2849 ALA A CA  1 
ATOM   500  C C   . ALA A 1 61  ? -1.684  8.519   4.983   1.00 9.41  ? 2849 ALA A C   1 
ATOM   501  O O   . ALA A 1 61  ? -2.525  9.325   4.556   1.00 10.01 ? 2849 ALA A O   1 
ATOM   502  C CB  . ALA A 1 61  ? -1.690  8.069   7.470   1.00 9.97  ? 2849 ALA A CB  1 
ATOM   503  N N   . THR A 1 62  ? -0.442  8.457   4.501   1.00 9.51  ? 2850 THR A N   1 
ATOM   504  C CA  . THR A 1 62  ? -0.025  9.257   3.339   1.00 9.50  ? 2850 THR A CA  1 
ATOM   505  C C   . THR A 1 62  ? -0.839  8.852   2.093   1.00 8.93  ? 2850 THR A C   1 
ATOM   506  O O   . THR A 1 62  ? -1.316  9.709   1.344   1.00 8.97  ? 2850 THR A O   1 
ATOM   507  C CB  . THR A 1 62  ? 1.492   9.125   3.110   1.00 9.94  ? 2850 THR A CB  1 
ATOM   508  O OG1 . THR A 1 62  ? 2.182   9.631   4.266   1.00 10.61 ? 2850 THR A OG1 1 
ATOM   509  C CG2 . THR A 1 62  ? 1.966   9.895   1.874   1.00 10.39 ? 2850 THR A CG2 1 
ATOM   510  N N   . MET A 1 63  ? -1.036  7.548   1.894   1.00 8.51  ? 2851 MET A N   1 
ATOM   511  C CA  . MET A 1 63  ? -1.888  7.077   0.781   1.00 8.89  ? 2851 MET A CA  1 
ATOM   512  C C   . MET A 1 63  ? -3.345  7.566   0.912   1.00 9.04  ? 2851 MET A C   1 
ATOM   513  O O   . MET A 1 63  ? -3.960  7.929   -0.108  1.00 8.93  ? 2851 MET A O   1 
ATOM   514  C CB  . MET A 1 63  ? -1.814  5.553   0.600   1.00 8.95  ? 2851 MET A CB  1 
ATOM   515  C CG  . MET A 1 63  ? -0.444  5.063   0.132   1.00 9.01  ? 2851 MET A CG  1 
ATOM   516  S SD  . MET A 1 63  ? -0.406  3.367   -0.493  1.00 9.32  ? 2851 MET A SD  1 
ATOM   517  C CE  . MET A 1 63  ? -1.438  3.550   -1.952  1.00 9.45  ? 2851 MET A CE  1 
ATOM   518  N N   A GLU A 1 64  ? -3.890  7.587   2.132   0.25 9.32  ? 2852 GLU A N   1 
ATOM   519  N N   B GLU A 1 64  ? -3.878  7.578   2.136   0.25 9.26  ? 2852 GLU A N   1 
ATOM   520  C CA  A GLU A 1 64  ? -5.253  8.088   2.343   0.25 9.68  ? 2852 GLU A CA  1 
ATOM   521  C CA  B GLU A 1 64  ? -5.226  8.087   2.392   0.25 9.58  ? 2852 GLU A CA  1 
ATOM   522  C C   A GLU A 1 64  ? -5.368  9.572   1.981   0.25 9.53  ? 2852 GLU A C   1 
ATOM   523  C C   B GLU A 1 64  ? -5.360  9.560   1.991   0.25 9.48  ? 2852 GLU A C   1 
ATOM   524  O O   A GLU A 1 64  ? -6.317  9.969   1.302   0.25 9.48  ? 2852 GLU A O   1 
ATOM   525  O O   B GLU A 1 64  ? -6.307  9.932   1.294   0.25 9.43  ? 2852 GLU A O   1 
ATOM   526  C CB  A GLU A 1 64  ? -5.735  7.845   3.780   0.25 10.16 ? 2852 GLU A CB  1 
ATOM   527  C CB  B GLU A 1 64  ? -5.591  7.890   3.868   0.25 9.98  ? 2852 GLU A CB  1 
ATOM   528  C CG  A GLU A 1 64  ? -7.194  8.236   3.989   0.25 10.64 ? 2852 GLU A CG  1 
ATOM   529  C CG  B GLU A 1 64  ? -6.865  8.589   4.306   0.25 10.35 ? 2852 GLU A CG  1 
ATOM   530  C CD  A GLU A 1 64  ? -7.771  7.755   5.311   0.25 11.16 ? 2852 GLU A CD  1 
ATOM   531  C CD  B GLU A 1 64  ? -7.209  8.288   5.749   0.25 10.82 ? 2852 GLU A CD  1 
ATOM   532  O OE1 A GLU A 1 64  ? -6.992  7.427   6.234   0.25 11.51 ? 2852 GLU A OE1 1 
ATOM   533  O OE1 B GLU A 1 64  ? -7.589  7.129   6.037   0.25 10.90 ? 2852 GLU A OE1 1 
ATOM   534  O OE2 A GLU A 1 64  ? -9.014  7.706   5.424   0.25 12.60 ? 2852 GLU A OE2 1 
ATOM   535  O OE2 B GLU A 1 64  ? -7.088  9.204   6.588   0.25 12.21 ? 2852 GLU A OE2 1 
ATOM   536  N N   . GLU A 1 65  ? -4.399  10.379  2.408   1.00 9.45  ? 2853 GLU A N   1 
ATOM   537  C CA  . GLU A 1 65  ? -4.347  11.798  2.021   1.00 9.77  ? 2853 GLU A CA  1 
ATOM   538  C C   . GLU A 1 65  ? -4.324  11.957  0.490   1.00 9.00  ? 2853 GLU A C   1 
ATOM   539  O O   . GLU A 1 65  ? -5.091  12.750  -0.063  1.00 9.22  ? 2853 GLU A O   1 
ATOM   540  C CB  . GLU A 1 65  ? -3.123  12.448  2.644   1.00 10.67 ? 2853 GLU A CB  1 
ATOM   541  C CG  . GLU A 1 65  ? -2.877  13.895  2.246   1.00 12.06 ? 2853 GLU A CG  1 
ATOM   542  C CD  . GLU A 1 65  ? -1.547  14.430  2.745   1.00 13.50 ? 2853 GLU A CD  1 
ATOM   543  O OE1 . GLU A 1 65  ? -0.892  13.772  3.579   1.00 15.49 ? 2853 GLU A OE1 1 
ATOM   544  O OE2 . GLU A 1 65  ? -1.135  15.506  2.257   1.00 15.53 ? 2853 GLU A OE2 1 
ATOM   545  N N   . ARG A 1 66  ? -3.479  11.164  -0.178  1.00 8.67  ? 2854 ARG A N   1 
ATOM   546  C CA  . ARG A 1 66  ? -3.384  11.185  -1.643  1.00 8.67  ? 2854 ARG A CA  1 
ATOM   547  C C   . ARG A 1 66  ? -4.686  10.747  -2.346  1.00 8.41  ? 2854 ARG A C   1 
ATOM   548  O O   . ARG A 1 66  ? -5.111  11.370  -3.324  1.00 8.78  ? 2854 ARG A O   1 
ATOM   549  C CB  . ARG A 1 66  ? -2.172  10.356  -2.101  1.00 8.62  ? 2854 ARG A CB  1 
ATOM   550  C CG  . ARG A 1 66  ? -0.847  11.056  -1.802  1.00 8.89  ? 2854 ARG A CG  1 
ATOM   551  C CD  . ARG A 1 66  ? 0.370   10.240  -2.177  1.00 8.77  ? 2854 ARG A CD  1 
ATOM   552  N NE  . ARG A 1 66  ? 1.576   11.062  -2.023  1.00 9.00  ? 2854 ARG A NE  1 
ATOM   553  C CZ  . ARG A 1 66  ? 2.808   10.729  -2.414  1.00 8.93  ? 2854 ARG A CZ  1 
ATOM   554  N NH1 . ARG A 1 66  ? 3.054   9.554   -2.981  1.00 8.82  ? 2854 ARG A NH1 1 
ATOM   555  N NH2 . ARG A 1 66  ? 3.811   11.597  -2.221  1.00 9.53  ? 2854 ARG A NH2 1 
ATOM   556  N N   . VAL A 1 67  ? -5.343  9.704   -1.845  1.00 8.66  ? 2855 VAL A N   1 
ATOM   557  C CA  . VAL A 1 67  ? -6.650  9.294   -2.387  1.00 9.25  ? 2855 VAL A CA  1 
ATOM   558  C C   . VAL A 1 67  ? -7.693  10.415  -2.238  1.00 9.37  ? 2855 VAL A C   1 
ATOM   559  O O   . VAL A 1 67  ? -8.398  10.759  -3.211  1.00 9.78  ? 2855 VAL A O   1 
ATOM   560  C CB  . VAL A 1 67  ? -7.143  7.970   -1.739  1.00 9.80  ? 2855 VAL A CB  1 
ATOM   561  C CG1 . VAL A 1 67  ? -8.604  7.688   -2.068  1.00 10.28 ? 2855 VAL A CG1 1 
ATOM   562  C CG2 . VAL A 1 67  ? -6.275  6.797   -2.196  1.00 9.95  ? 2855 VAL A CG2 1 
ATOM   563  N N   . GLN A 1 68  ? -7.771  11.007  -1.043  1.00 9.60  ? 2856 GLN A N   1 
ATOM   564  C CA  . GLN A 1 68  ? -8.744  12.079  -0.788  1.00 10.46 ? 2856 GLN A CA  1 
ATOM   565  C C   . GLN A 1 68  ? -8.533  13.280  -1.731  1.00 10.87 ? 2856 GLN A C   1 
ATOM   566  O O   . GLN A 1 68  ? -9.516  13.849  -2.243  1.00 12.04 ? 2856 GLN A O   1 
ATOM   567  C CB  . GLN A 1 68  ? -8.724  12.517  0.686   1.00 10.97 ? 2856 GLN A CB  1 
ATOM   568  C CG  . GLN A 1 68  ? -9.292  11.470  1.645   1.00 11.84 ? 2856 GLN A CG  1 
ATOM   569  C CD  . GLN A 1 68  ? -9.220  11.891  3.111   1.00 12.98 ? 2856 GLN A CD  1 
ATOM   570  O OE1 . GLN A 1 68  ? -8.137  12.083  3.669   1.00 15.07 ? 2856 GLN A OE1 1 
ATOM   571  N NE2 . GLN A 1 68  ? -10.387 12.054  3.735   1.00 14.08 ? 2856 GLN A NE2 1 
ATOM   572  N N   . ARG A 1 69  ? -7.269  13.628  -1.985  1.00 10.97 ? 2857 ARG A N   1 
ATOM   573  C CA  . ARG A 1 69  ? -6.910  14.750  -2.886  1.00 11.85 ? 2857 ARG A CA  1 
ATOM   574  C C   . ARG A 1 69  ? -6.893  14.394  -4.389  1.00 11.36 ? 2857 ARG A C   1 
ATOM   575  O O   . ARG A 1 69  ? -6.584  15.253  -5.221  1.00 12.06 ? 2857 ARG A O   1 
ATOM   576  C CB  . ARG A 1 69  ? -5.549  15.324  -2.473  1.00 13.36 ? 2857 ARG A CB  1 
ATOM   577  C CG  . ARG A 1 69  ? -5.490  15.820  -1.028  1.00 15.71 ? 2857 ARG A CG  1 
ATOM   578  C CD  . ARG A 1 69  ? -5.620  17.318  -0.871  1.00 17.68 ? 2857 ARG A CD  1 
ATOM   579  N NE  . ARG A 1 69  ? -5.150  17.751  0.450   1.00 18.76 ? 2857 ARG A NE  1 
ATOM   580  C CZ  . ARG A 1 69  ? -5.894  18.264  1.435   1.00 19.06 ? 2857 ARG A CZ  1 
ATOM   581  N NH1 . ARG A 1 69  ? -7.233  18.414  1.330   1.00 17.73 ? 2857 ARG A NH1 1 
ATOM   582  N NH2 . ARG A 1 69  ? -5.279  18.625  2.566   1.00 20.25 ? 2857 ARG A NH2 1 
ATOM   583  N N   . ARG A 1 70  ? -7.230  13.150  -4.734  1.00 10.86 ? 2858 ARG A N   1 
ATOM   584  C CA  . ARG A 1 70  ? -7.244  12.667  -6.131  1.00 11.45 ? 2858 ARG A CA  1 
ATOM   585  C C   . ARG A 1 70  ? -5.861  12.773  -6.818  1.00 10.82 ? 2858 ARG A C   1 
ATOM   586  O O   . ARG A 1 70  ? -5.746  13.099  -8.008  1.00 11.36 ? 2858 ARG A O   1 
ATOM   587  C CB  . ARG A 1 70  ? -8.364  13.331  -6.962  1.00 12.99 ? 2858 ARG A CB  1 
ATOM   588  C CG  . ARG A 1 70  ? -9.768  13.235  -6.360  1.00 14.76 ? 2858 ARG A CG  1 
ATOM   589  C CD  . ARG A 1 70  ? -10.236 11.809  -6.096  1.00 16.30 ? 2858 ARG A CD  1 
ATOM   590  N NE  . ARG A 1 70  ? -11.668 11.705  -5.772  1.00 17.11 ? 2858 ARG A NE  1 
ATOM   591  C CZ  . ARG A 1 70  ? -12.223 11.698  -4.552  1.00 18.14 ? 2858 ARG A CZ  1 
ATOM   592  N NH1 . ARG A 1 70  ? -11.501 11.800  -3.430  1.00 18.93 ? 2858 ARG A NH1 1 
ATOM   593  N NH2 . ARG A 1 70  ? -13.547 11.590  -4.454  1.00 19.83 ? 2858 ARG A NH2 1 
ATOM   594  N N   . TYR A 1 71  ? -4.818  12.471  -6.048  1.00 10.22 ? 2859 TYR A N   1 
ATOM   595  C CA  . TYR A 1 71  ? -3.428  12.499  -6.521  1.00 10.07 ? 2859 TYR A CA  1 
ATOM   596  C C   . TYR A 1 71  ? -3.170  11.529  -7.673  1.00 9.86  ? 2859 TYR A C   1 
ATOM   597  O O   . TYR A 1 71  ? -2.456  11.862  -8.627  1.00 10.49 ? 2859 TYR A O   1 
ATOM   598  C CB  . TYR A 1 71  ? -2.514  12.161  -5.342  1.00 9.90  ? 2859 TYR A CB  1 
ATOM   599  C CG  . TYR A 1 71  ? -1.048  11.857  -5.625  1.00 9.89  ? 2859 TYR A CG  1 
ATOM   600  C CD1 . TYR A 1 71  ? -0.081  12.873  -5.674  1.00 10.54 ? 2859 TYR A CD1 1 
ATOM   601  C CD2 . TYR A 1 71  ? -0.611  10.540  -5.775  1.00 10.11 ? 2859 TYR A CD2 1 
ATOM   602  C CE1 . TYR A 1 71  ? 1.265   12.581  -5.887  1.00 10.59 ? 2859 TYR A CE1 1 
ATOM   603  C CE2 . TYR A 1 71  ? 0.731   10.239  -5.997  1.00 10.28 ? 2859 TYR A CE2 1 
ATOM   604  C CZ  . TYR A 1 71  ? 1.674   11.260  -6.035  1.00 10.53 ? 2859 TYR A CZ  1 
ATOM   605  O OH  . TYR A 1 71  ? 3.019   10.983  -6.221  1.00 11.34 ? 2859 TYR A OH  1 
ATOM   606  N N   . TYR A 1 72  ? -3.725  10.322  -7.570  1.00 9.83  ? 2860 TYR A N   1 
ATOM   607  C CA  . TYR A 1 72  ? -3.474  9.249   -8.543  1.00 10.54 ? 2860 TYR A CA  1 
ATOM   608  C C   . TYR A 1 72  ? -4.308  9.471   -9.814  1.00 11.69 ? 2860 TYR A C   1 
ATOM   609  O O   . TYR A 1 72  ? -5.515  9.739   -9.733  1.00 12.17 ? 2860 TYR A O   1 
ATOM   610  C CB  . TYR A 1 72  ? -3.774  7.863   -7.932  1.00 10.00 ? 2860 TYR A CB  1 
ATOM   611  C CG  . TYR A 1 72  ? -3.031  7.596   -6.635  1.00 9.39  ? 2860 TYR A CG  1 
ATOM   612  C CD1 . TYR A 1 72  ? -1.675  7.272   -6.628  1.00 9.45  ? 2860 TYR A CD1 1 
ATOM   613  C CD2 . TYR A 1 72  ? -3.670  7.715   -5.404  1.00 9.20  ? 2860 TYR A CD2 1 
ATOM   614  C CE1 . TYR A 1 72  ? -0.986  7.055   -5.441  1.00 9.18  ? 2860 TYR A CE1 1 
ATOM   615  C CE2 . TYR A 1 72  ? -2.988  7.507   -4.208  1.00 9.06  ? 2860 TYR A CE2 1 
ATOM   616  C CZ  . TYR A 1 72  ? -1.643  7.190   -4.223  1.00 8.96  ? 2860 TYR A CZ  1 
ATOM   617  O OH  . TYR A 1 72  ? -0.995  6.999   -3.015  1.00 9.21  ? 2860 TYR A OH  1 
ATOM   618  N N   . GLU A 1 73  ? -3.658  9.357   -10.973 1.00 12.81 ? 2861 GLU A N   1 
ATOM   619  C CA  . GLU A 1 73  ? -4.332  9.439   -12.285 1.00 14.30 ? 2861 GLU A CA  1 
ATOM   620  C C   . GLU A 1 73  ? -4.533  8.085   -12.956 1.00 13.37 ? 2861 GLU A C   1 
ATOM   621  O O   . GLU A 1 73  ? -5.435  7.937   -13.777 1.00 14.82 ? 2861 GLU A O   1 
ATOM   622  C CB  . GLU A 1 73  ? -3.555  10.355  -13.219 1.00 16.57 ? 2861 GLU A CB  1 
ATOM   623  C CG  . GLU A 1 73  ? -3.538  11.798  -12.758 1.00 18.93 ? 2861 GLU A CG  1 
ATOM   624  C CD  . GLU A 1 73  ? -2.986  12.739  -13.811 1.00 21.05 ? 2861 GLU A CD  1 
ATOM   625  O OE1 . GLU A 1 73  ? -2.140  12.312  -14.627 1.00 23.46 ? 2861 GLU A OE1 1 
ATOM   626  O OE2 . GLU A 1 73  ? -3.412  13.910  -13.834 1.00 24.26 ? 2861 GLU A OE2 1 
ATOM   627  N N   . LYS A 1 74  ? -3.693  7.105   -12.607 1.00 12.34 ? 2862 LYS A N   1 
ATOM   628  C CA  . LYS A 1 74  ? -3.727  5.756   -13.176 1.00 12.41 ? 2862 LYS A CA  1 
ATOM   629  C C   . LYS A 1 74  ? -3.580  4.735   -12.049 1.00 11.23 ? 2862 LYS A C   1 
ATOM   630  O O   . LYS A 1 74  ? -2.881  4.995   -11.049 1.00 10.65 ? 2862 LYS A O   1 
ATOM   631  C CB  . LYS A 1 74  ? -2.565  5.552   -14.157 1.00 13.97 ? 2862 LYS A CB  1 
ATOM   632  C CG  . LYS A 1 74  ? -2.499  6.556   -15.300 1.00 15.92 ? 2862 LYS A CG  1 
ATOM   633  C CD  . LYS A 1 74  ? -3.652  6.382   -16.272 1.00 18.12 ? 2862 LYS A CD  1 
ATOM   634  C CE  . LYS A 1 74  ? -3.506  7.298   -17.479 1.00 19.74 ? 2862 LYS A CE  1 
ATOM   635  N NZ  . LYS A 1 74  ? -3.505  8.741   -17.108 1.00 20.92 ? 2862 LYS A NZ  1 
ATOM   636  N N   . LEU A 1 75  ? -4.193  3.564   -12.214 1.00 10.66 ? 2863 LEU A N   1 
ATOM   637  C CA  . LEU A 1 75  ? -4.094  2.493   -11.196 1.00 10.32 ? 2863 LEU A CA  1 
ATOM   638  C C   . LEU A 1 75  ? -2.643  2.092   -10.901 1.00 10.03 ? 2863 LEU A C   1 
ATOM   639  O O   . LEU A 1 75  ? -2.275  1.851   -9.744  1.00 9.43  ? 2863 LEU A O   1 
ATOM   640  C CB  . LEU A 1 75  ? -4.906  1.268   -11.620 1.00 10.52 ? 2863 LEU A CB  1 
ATOM   641  C CG  . LEU A 1 75  ? -4.937  0.073   -10.655 1.00 10.51 ? 2863 LEU A CG  1 
ATOM   642  C CD1 . LEU A 1 75  ? -5.494  0.477   -9.289  1.00 10.55 ? 2863 LEU A CD1 1 
ATOM   643  C CD2 . LEU A 1 75  ? -5.722  -1.082  -11.265 1.00 10.87 ? 2863 LEU A CD2 1 
ATOM   644  N N   . THR A 1 76  ? -1.804  2.042   -11.929 1.00 10.35 ? 2864 THR A N   1 
ATOM   645  C CA  . THR A 1 76  ? -0.380  1.739   -11.734 1.00 10.91 ? 2864 THR A CA  1 
ATOM   646  C C   . THR A 1 76  ? 0.312   2.615   -10.677 1.00 10.16 ? 2864 THR A C   1 
ATOM   647  O O   . THR A 1 76  ? 1.171   2.122   -9.941  1.00 9.71  ? 2864 THR A O   1 
ATOM   648  C CB  . THR A 1 76  ? 0.383   1.812   -13.073 1.00 12.50 ? 2864 THR A CB  1 
ATOM   649  O OG1 . THR A 1 76  ? 1.719   1.316   -12.918 1.00 16.10 ? 2864 THR A OG1 1 
ATOM   650  C CG2 . THR A 1 76  ? 0.362   3.225   -13.641 1.00 12.84 ? 2864 THR A CG2 1 
ATOM   651  N N   . GLU A 1 77  ? -0.071  3.887   -10.586 1.00 10.10 ? 2865 GLU A N   1 
ATOM   652  C CA  . GLU A 1 77  ? 0.533   4.813   -9.619  1.00 10.33 ? 2865 GLU A CA  1 
ATOM   653  C C   . GLU A 1 77  ? 0.137   4.474   -8.160  1.00 9.27  ? 2865 GLU A C   1 
ATOM   654  O O   . GLU A 1 77  ? 0.966   4.574   -7.219  1.00 8.82  ? 2865 GLU A O   1 
ATOM   655  C CB  . GLU A 1 77  ? 0.140   6.255   -9.958  1.00 11.77 ? 2865 GLU A CB  1 
ATOM   656  C CG  . GLU A 1 77  ? 0.618   6.736   -11.333 1.00 13.41 ? 2865 GLU A CG  1 
ATOM   657  C CD  . GLU A 1 77  ? -0.108  7.983   -11.855 1.00 15.65 ? 2865 GLU A CD  1 
ATOM   658  O OE1 . GLU A 1 77  ? -0.950  8.576   -11.142 1.00 17.50 ? 2865 GLU A OE1 1 
ATOM   659  O OE2 . GLU A 1 77  ? 0.158   8.376   -13.019 1.00 18.92 ? 2865 GLU A OE2 1 
ATOM   660  N N   . PHE A 1 78  ? -1.127  4.085   -7.974  1.00 8.71  ? 2866 PHE A N   1 
ATOM   661  C CA  . PHE A 1 78  ? -1.630  3.621   -6.665  1.00 8.45  ? 2866 PHE A CA  1 
ATOM   662  C C   . PHE A 1 78  ? -0.917  2.322   -6.249  1.00 8.23  ? 2866 PHE A C   1 
ATOM   663  O O   . PHE A 1 78  ? -0.450  2.190   -5.108  1.00 8.22  ? 2866 PHE A O   1 
ATOM   664  C CB  . PHE A 1 78  ? -3.163  3.441   -6.751  1.00 8.79  ? 2866 PHE A CB  1 
ATOM   665  C CG  . PHE A 1 78  ? -3.813  2.897   -5.504  1.00 9.01  ? 2866 PHE A CG  1 
ATOM   666  C CD1 . PHE A 1 78  ? -4.042  1.532   -5.362  1.00 9.69  ? 2866 PHE A CD1 1 
ATOM   667  C CD2 . PHE A 1 78  ? -4.240  3.750   -4.493  1.00 9.40  ? 2866 PHE A CD2 1 
ATOM   668  C CE1 . PHE A 1 78  ? -4.664  1.023   -4.227  1.00 10.32 ? 2866 PHE A CE1 1 
ATOM   669  C CE2 . PHE A 1 78  ? -4.876  3.250   -3.364  1.00 9.74  ? 2866 PHE A CE2 1 
ATOM   670  C CZ  . PHE A 1 78  ? -5.076  1.884   -3.221  1.00 10.13 ? 2866 PHE A CZ  1 
ATOM   671  N N   . VAL A 1 79  ? -0.813  1.370   -7.179  1.00 8.09  ? 2867 VAL A N   1 
ATOM   672  C CA  . VAL A 1 79  ? -0.122  0.098   -6.926  1.00 8.10  ? 2867 VAL A CA  1 
ATOM   673  C C   . VAL A 1 79  ? 1.361   0.341   -6.578  1.00 8.11  ? 2867 VAL A C   1 
ATOM   674  O O   . VAL A 1 79  ? 1.911   -0.317  -5.678  1.00 8.22  ? 2867 VAL A O   1 
ATOM   675  C CB  . VAL A 1 79  ? -0.281  -0.886  -8.122  1.00 8.40  ? 2867 VAL A CB  1 
ATOM   676  C CG1 . VAL A 1 79  ? 0.557   -2.149  -7.926  1.00 8.81  ? 2867 VAL A CG1 1 
ATOM   677  C CG2 . VAL A 1 79  ? -1.752  -1.253  -8.305  1.00 8.70  ? 2867 VAL A CG2 1 
ATOM   678  N N   . ALA A 1 80  ? 2.009   1.296   -7.252  1.00 8.34  ? 2868 ALA A N   1 
ATOM   679  C CA  . ALA A 1 80  ? 3.424   1.609   -6.987  1.00 8.50  ? 2868 ALA A CA  1 
ATOM   680  C C   . ALA A 1 80  ? 3.638   2.150   -5.562  1.00 8.21  ? 2868 ALA A C   1 
ATOM   681  O O   . ALA A 1 80  ? 4.589   1.724   -4.887  1.00 8.13  ? 2868 ALA A O   1 
ATOM   682  C CB  . ALA A 1 80  ? 3.966   2.600   -8.017  1.00 8.97  ? 2868 ALA A CB  1 
ATOM   683  N N   . ASP A 1 81  ? 2.784   3.068   -5.093  1.00 8.11  ? 2869 ASP A N   1 
ATOM   684  C CA  . ASP A 1 81  ? 2.896   3.556   -3.693  1.00 8.10  ? 2869 ASP A CA  1 
ATOM   685  C C   . ASP A 1 81  ? 2.674   2.403   -2.689  1.00 7.76  ? 2869 ASP A C   1 
ATOM   686  O O   . ASP A 1 81  ? 3.410   2.292   -1.689  1.00 7.89  ? 2869 ASP A O   1 
ATOM   687  C CB  . ASP A 1 81  ? 1.894   4.699   -3.397  1.00 8.37  ? 2869 ASP A CB  1 
ATOM   688  C CG  . ASP A 1 81  ? 2.419   6.122   -3.716  1.00 8.59  ? 2869 ASP A CG  1 
ATOM   689  O OD1 . ASP A 1 81  ? 3.583   6.277   -4.164  1.00 9.68  ? 2869 ASP A OD1 1 
ATOM   690  O OD2 . ASP A 1 81  ? 1.632   7.086   -3.497  1.00 9.13  ? 2869 ASP A OD2 1 
ATOM   691  N N   . MET A 1 82  ? 1.672   1.545   -2.933  1.00 8.01  ? 2870 MET A N   1 
ATOM   692  C CA  . MET A 1 82  ? 1.404   0.432   -2.005  1.00 8.54  ? 2870 MET A CA  1 
ATOM   693  C C   . MET A 1 82  ? 2.593   -0.531  -1.960  1.00 8.43  ? 2870 MET A C   1 
ATOM   694  O O   . MET A 1 82  ? 3.021   -0.979  -0.880  1.00 8.41  ? 2870 MET A O   1 
ATOM   695  C CB  . MET A 1 82  ? 0.128   -0.317  -2.409  1.00 8.95  ? 2870 MET A CB  1 
ATOM   696  C CG  . MET A 1 82  ? -0.329  -1.352  -1.383  1.00 9.57  ? 2870 MET A CG  1 
ATOM   697  S SD  . MET A 1 82  ? -0.890  -0.713  0.208   1.00 11.09 ? 2870 MET A SD  1 
ATOM   698  C CE  . MET A 1 82  ? -2.420  0.091   -0.288  1.00 11.68 ? 2870 MET A CE  1 
ATOM   699  N N   . THR A 1 83  ? 3.135   -0.848  -3.137  1.00 8.52  ? 2871 THR A N   1 
ATOM   700  C CA  . THR A 1 83  ? 4.272   -1.760  -3.230  1.00 9.20  ? 2871 THR A CA  1 
ATOM   701  C C   . THR A 1 83  ? 5.509   -1.213  -2.492  1.00 9.05  ? 2871 THR A C   1 
ATOM   702  O O   . THR A 1 83  ? 6.269   -1.989  -1.878  1.00 9.25  ? 2871 THR A O   1 
ATOM   703  C CB  . THR A 1 83  ? 4.577   -2.115  -4.712  1.00 10.02 ? 2871 THR A CB  1 
ATOM   704  O OG1 . THR A 1 83  ? 3.399   -2.683  -5.313  1.00 11.07 ? 2871 THR A OG1 1 
ATOM   705  C CG2 . THR A 1 83  ? 5.726   -3.121  -4.817  1.00 10.54 ? 2871 THR A CG2 1 
ATOM   706  N N   . LYS A 1 84  ? 5.700   0.102   -2.541  1.00 9.01  ? 2872 LYS A N   1 
ATOM   707  C CA  . LYS A 1 84  ? 6.777   0.772   -1.806  1.00 9.39  ? 2872 LYS A CA  1 
ATOM   708  C C   . LYS A 1 84  ? 6.703   0.539   -0.284  1.00 8.28  ? 2872 LYS A C   1 
ATOM   709  O O   . LYS A 1 84  ? 7.734   0.333   0.363   1.00 8.09  ? 2872 LYS A O   1 
ATOM   710  C CB  . LYS A 1 84  ? 6.763   2.275   -2.160  1.00 10.87 ? 2872 LYS A CB  1 
ATOM   711  C CG  . LYS A 1 84  ? 8.019   3.040   -1.807  1.00 12.15 ? 2872 LYS A CG  1 
ATOM   712  C CD  . LYS A 1 84  ? 8.237   4.261   -2.702  1.00 13.13 ? 2872 LYS A CD  1 
ATOM   713  C CE  . LYS A 1 84  ? 7.177   5.339   -2.525  1.00 13.90 ? 2872 LYS A CE  1 
ATOM   714  N NZ  . LYS A 1 84  ? 7.343   6.437   -3.527  1.00 14.73 ? 2872 LYS A NZ  1 
ATOM   715  N N   . ILE A 1 85  ? 5.493   0.534   0.275   1.00 7.87  ? 2873 ILE A N   1 
ATOM   716  C CA  . ILE A 1 85  ? 5.333   0.217   1.705   1.00 7.58  ? 2873 ILE A CA  1 
ATOM   717  C C   . ILE A 1 85  ? 5.991   -1.143  2.028   1.00 7.64  ? 2873 ILE A C   1 
ATOM   718  O O   . ILE A 1 85  ? 6.787   -1.269  2.967   1.00 7.94  ? 2873 ILE A O   1 
ATOM   719  C CB  . ILE A 1 85  ? 3.844   0.221   2.135   1.00 7.62  ? 2873 ILE A CB  1 
ATOM   720  C CG1 . ILE A 1 85  ? 3.231   1.623   1.973   1.00 7.85  ? 2873 ILE A CG1 1 
ATOM   721  C CG2 . ILE A 1 85  ? 3.699   -0.273  3.570   1.00 7.95  ? 2873 ILE A CG2 1 
ATOM   722  C CD1 . ILE A 1 85  ? 1.749   1.725   2.262   1.00 7.89  ? 2873 ILE A CD1 1 
ATOM   723  N N   . PHE A 1 86  ? 5.661   -2.157  1.233   1.00 7.62  ? 2874 PHE A N   1 
ATOM   724  C CA  . PHE A 1 86  ? 6.121   -3.528  1.507   1.00 7.97  ? 2874 PHE A CA  1 
ATOM   725  C C   . PHE A 1 86  ? 7.607   -3.727  1.158   1.00 7.90  ? 2874 PHE A C   1 
ATOM   726  O O   . PHE A 1 86  ? 8.355   -4.370  1.921   1.00 7.99  ? 2874 PHE A O   1 
ATOM   727  C CB  . PHE A 1 86  ? 5.237   -4.562  0.790   1.00 8.66  ? 2874 PHE A CB  1 
ATOM   728  C CG  . PHE A 1 86  ? 3.763   -4.379  1.069   1.00 9.91  ? 2874 PHE A CG  1 
ATOM   729  C CD1 . PHE A 1 86  ? 3.301   -4.214  2.375   1.00 11.12 ? 2874 PHE A CD1 1 
ATOM   730  C CD2 . PHE A 1 86  ? 2.838   -4.329  0.039   1.00 10.97 ? 2874 PHE A CD2 1 
ATOM   731  C CE1 . PHE A 1 86  ? 1.950   -4.037  2.639   1.00 12.20 ? 2874 PHE A CE1 1 
ATOM   732  C CE2 . PHE A 1 86  ? 1.481   -4.151  0.306   1.00 12.02 ? 2874 PHE A CE2 1 
ATOM   733  C CZ  . PHE A 1 86  ? 1.053   -3.996  1.600   1.00 12.26 ? 2874 PHE A CZ  1 
ATOM   734  N N   . ASP A 1 87  ? 8.046   -3.162  0.036   1.00 7.99  ? 2875 ASP A N   1 
ATOM   735  C CA  . ASP A 1 87  ? 9.461   -3.246  -0.356  1.00 8.32  ? 2875 ASP A CA  1 
ATOM   736  C C   . ASP A 1 87  ? 10.398  -2.509  0.625   1.00 7.86  ? 2875 ASP A C   1 
ATOM   737  O O   . ASP A 1 87  ? 11.492  -3.021  0.949   1.00 7.85  ? 2875 ASP A O   1 
ATOM   738  C CB  . ASP A 1 87  ? 9.672   -2.701  -1.781  1.00 9.11  ? 2875 ASP A CB  1 
ATOM   739  C CG  . ASP A 1 87  ? 9.155   -3.637  -2.886  1.00 10.15 ? 2875 ASP A CG  1 
ATOM   740  O OD1 . ASP A 1 87  ? 8.743   -4.789  -2.601  1.00 12.06 ? 2875 ASP A OD1 1 
ATOM   741  O OD2 . ASP A 1 87  ? 9.216   -3.210  -4.067  1.00 11.90 ? 2875 ASP A OD2 1 
ATOM   742  N N   . ASN A 1 88  ? 9.983   -1.325  1.096   1.00 7.81  ? 2876 ASN A N   1 
ATOM   743  C CA  . ASN A 1 88  ? 10.780  -0.603  2.104   1.00 8.01  ? 2876 ASN A CA  1 
ATOM   744  C C   . ASN A 1 88  ? 10.956  -1.477  3.362   1.00 7.99  ? 2876 ASN A C   1 
ATOM   745  O O   . ASN A 1 88  ? 12.053  -1.567  3.938   1.00 8.17  ? 2876 ASN A O   1 
ATOM   746  C CB  . ASN A 1 88  ? 10.114  0.716   2.508   1.00 7.89  ? 2876 ASN A CB  1 
ATOM   747  C CG  . ASN A 1 88  ? 10.164  1.804   1.426   1.00 7.99  ? 2876 ASN A CG  1 
ATOM   748  O OD1 . ASN A 1 88  ? 10.852  1.679   0.411   1.00 8.55  ? 2876 ASN A OD1 1 
ATOM   749  N ND2 . ASN A 1 88  ? 9.401   2.888   1.654   1.00 8.40  ? 2876 ASN A ND2 1 
ATOM   750  N N   . CYS A 1 89  ? 9.869   -2.126  3.781   1.00 7.99  ? 2877 CYS A N   1 
ATOM   751  C CA  . CYS A 1 89  ? 9.879   -2.941  5.006   1.00 8.32  ? 2877 CYS A CA  1 
ATOM   752  C C   . CYS A 1 89  ? 10.803  -4.165  4.873   1.00 8.50  ? 2877 CYS A C   1 
ATOM   753  O O   . CYS A 1 89  ? 11.579  -4.472  5.798   1.00 8.70  ? 2877 CYS A O   1 
ATOM   754  C CB  . CYS A 1 89  ? 8.440   -3.355  5.356   1.00 8.48  ? 2877 CYS A CB  1 
ATOM   755  S SG  . CYS A 1 89  ? 8.253   -4.290  6.883   1.00 9.81  ? 2877 CYS A SG  1 
ATOM   756  N N   . ARG A 1 90  ? 10.742  -4.849  3.735   1.00 8.64  ? 2878 ARG A N   1 
ATOM   757  C CA  . ARG A 1 90  ? 11.596  -6.018  3.516   1.00 9.61  ? 2878 ARG A CA  1 
ATOM   758  C C   . ARG A 1 90  ? 13.083  -5.676  3.313   1.00 9.77  ? 2878 ARG A C   1 
ATOM   759  O O   . ARG A 1 90  ? 13.947  -6.521  3.579   1.00 10.82 ? 2878 ARG A O   1 
ATOM   760  C CB  . ARG A 1 90  ? 11.048  -6.884  2.379   1.00 10.00 ? 2878 ARG A CB  1 
ATOM   761  C CG  . ARG A 1 90  ? 9.758   -7.624  2.749   1.00 10.72 ? 2878 ARG A CG  1 
ATOM   762  C CD  . ARG A 1 90  ? 9.346   -8.605  1.658   1.00 11.51 ? 2878 ARG A CD  1 
ATOM   763  N NE  . ARG A 1 90  ? 8.911   -7.849  0.483   1.00 11.70 ? 2878 ARG A NE  1 
ATOM   764  C CZ  . ARG A 1 90  ? 7.658   -7.699  0.046   1.00 11.62 ? 2878 ARG A CZ  1 
ATOM   765  N NH1 . ARG A 1 90  ? 6.618   -8.313  0.623   1.00 12.05 ? 2878 ARG A NH1 1 
ATOM   766  N NH2 . ARG A 1 90  ? 7.440   -6.914  -1.010  1.00 11.86 ? 2878 ARG A NH2 1 
ATOM   767  N N   . TYR A 1 91  ? 13.386  -4.454  2.871   1.00 9.63  ? 2879 TYR A N   1 
ATOM   768  C CA  . TYR A 1 91  ? 14.771  -3.963  2.749   1.00 9.76  ? 2879 TYR A CA  1 
ATOM   769  C C   . TYR A 1 91  ? 15.347  -3.516  4.104   1.00 10.16 ? 2879 TYR A C   1 
ATOM   770  O O   . TYR A 1 91  ? 16.523  -3.781  4.407   1.00 11.01 ? 2879 TYR A O   1 
ATOM   771  C CB  . TYR A 1 91  ? 14.815  -2.809  1.732   1.00 9.88  ? 2879 TYR A CB  1 
ATOM   772  C CG  . TYR A 1 91  ? 16.167  -2.146  1.504   1.00 10.00 ? 2879 TYR A CG  1 
ATOM   773  C CD1 . TYR A 1 91  ? 17.252  -2.839  0.943   1.00 9.88  ? 2879 TYR A CD1 1 
ATOM   774  C CD2 . TYR A 1 91  ? 16.340  -0.800  1.792   1.00 10.26 ? 2879 TYR A CD2 1 
ATOM   775  C CE1 . TYR A 1 91  ? 18.471  -2.203  0.711   1.00 10.39 ? 2879 TYR A CE1 1 
ATOM   776  C CE2 . TYR A 1 91  ? 17.542  -0.153  1.569   1.00 10.56 ? 2879 TYR A CE2 1 
ATOM   777  C CZ  . TYR A 1 91  ? 18.609  -0.850  1.018   1.00 10.61 ? 2879 TYR A CZ  1 
ATOM   778  O OH  . TYR A 1 91  ? 19.810  -0.191  0.776   1.00 11.72 ? 2879 TYR A OH  1 
ATOM   779  N N   . TYR A 1 92  ? 14.549  -2.824  4.909   1.00 10.23 ? 2880 TYR A N   1 
ATOM   780  C CA  . TYR A 1 92  ? 15.044  -2.310  6.197   1.00 10.67 ? 2880 TYR A CA  1 
ATOM   781  C C   . TYR A 1 92  ? 15.207  -3.398  7.268   1.00 10.78 ? 2880 TYR A C   1 
ATOM   782  O O   . TYR A 1 92  ? 16.181  -3.374  8.041   1.00 11.23 ? 2880 TYR A O   1 
ATOM   783  C CB  . TYR A 1 92  ? 14.158  -1.168  6.736   1.00 11.36 ? 2880 TYR A CB  1 
ATOM   784  C CG  . TYR A 1 92  ? 14.678  -0.559  8.042   1.00 12.36 ? 2880 TYR A CG  1 
ATOM   785  C CD1 . TYR A 1 92  ? 15.738  0.348   8.048   1.00 13.17 ? 2880 TYR A CD1 1 
ATOM   786  C CD2 . TYR A 1 92  ? 14.119  -0.909  9.276   1.00 13.60 ? 2880 TYR A CD2 1 
ATOM   787  C CE1 . TYR A 1 92  ? 16.219  0.889   9.245   1.00 13.90 ? 2880 TYR A CE1 1 
ATOM   788  C CE2 . TYR A 1 92  ? 14.593  -0.374  10.470  1.00 14.56 ? 2880 TYR A CE2 1 
ATOM   789  C CZ  . TYR A 1 92  ? 15.642  0.520   10.452  1.00 14.44 ? 2880 TYR A CZ  1 
ATOM   790  O OH  . TYR A 1 92  ? 16.112  1.049   11.649  1.00 16.53 ? 2880 TYR A OH  1 
ATOM   791  N N   . ASN A 1 93  ? 14.263  -4.334  7.327   1.00 10.63 ? 2881 ASN A N   1 
ATOM   792  C CA  . ASN A 1 93  ? 14.178  -5.316  8.420   1.00 11.05 ? 2881 ASN A CA  1 
ATOM   793  C C   . ASN A 1 93  ? 14.669  -6.698  7.971   1.00 11.70 ? 2881 ASN A C   1 
ATOM   794  O O   . ASN A 1 93  ? 14.543  -7.039  6.796   1.00 11.48 ? 2881 ASN A O   1 
ATOM   795  C CB  . ASN A 1 93  ? 12.723  -5.444  8.880   1.00 10.82 ? 2881 ASN A CB  1 
ATOM   796  C CG  . ASN A 1 93  ? 12.156  -4.144  9.427   1.00 10.59 ? 2881 ASN A CG  1 
ATOM   797  O OD1 . ASN A 1 93  ? 12.476  -3.738  10.549  1.00 11.64 ? 2881 ASN A OD1 1 
ATOM   798  N ND2 . ASN A 1 93  ? 11.296  -3.485  8.651   1.00 10.85 ? 2881 ASN A ND2 1 
ATOM   799  N N   . PRO A 1 94  ? 15.216  -7.508  8.907   1.00 12.92 ? 2882 PRO A N   1 
ATOM   800  C CA  . PRO A 1 94  ? 15.636  -8.868  8.519   1.00 13.68 ? 2882 PRO A CA  1 
ATOM   801  C C   . PRO A 1 94  ? 14.456  -9.826  8.301   1.00 13.60 ? 2882 PRO A C   1 
ATOM   802  O O   . PRO A 1 94  ? 13.346  -9.578  8.803   1.00 13.04 ? 2882 PRO A O   1 
ATOM   803  C CB  . PRO A 1 94  ? 16.530  -9.315  9.686   1.00 14.47 ? 2882 PRO A CB  1 
ATOM   804  C CG  . PRO A 1 94  ? 16.111  -8.489  10.852  1.00 14.18 ? 2882 PRO A CG  1 
ATOM   805  C CD  . PRO A 1 94  ? 15.524  -7.211  10.320  1.00 13.74 ? 2882 PRO A CD  1 
ATOM   806  N N   . SER A 1 95  ? 14.702  -10.902 7.558   1.00 14.11 ? 2883 SER A N   1 
ATOM   807  C CA  . SER A 1 95  ? 13.641  -11.824 7.156   1.00 15.14 ? 2883 SER A CA  1 
ATOM   808  C C   . SER A 1 95  ? 12.957  -12.565 8.304   1.00 15.54 ? 2883 SER A C   1 
ATOM   809  O O   . SER A 1 95  ? 11.847  -13.037 8.119   1.00 17.00 ? 2883 SER A O   1 
ATOM   810  C CB  . SER A 1 95  ? 14.148  -12.826 6.110   1.00 15.45 ? 2883 SER A CB  1 
ATOM   811  O OG  . SER A 1 95  ? 15.172  -13.650 6.626   1.00 16.62 ? 2883 SER A OG  1 
ATOM   812  N N   . ASP A 1 96  ? 13.609  -12.660 9.468   1.00 15.87 ? 2884 ASP A N   1 
ATOM   813  C CA  . ASP A 1 96  ? 12.981  -13.256 10.672  1.00 16.39 ? 2884 ASP A CA  1 
ATOM   814  C C   . ASP A 1 96  ? 12.249  -12.292 11.643  1.00 15.85 ? 2884 ASP A C   1 
ATOM   815  O O   . ASP A 1 96  ? 11.789  -12.733 12.705  1.00 17.23 ? 2884 ASP A O   1 
ATOM   816  C CB  . ASP A 1 96  ? 14.013  -14.124 11.435  1.00 18.20 ? 2884 ASP A CB  1 
ATOM   817  C CG  . ASP A 1 96  ? 15.178  -13.319 12.011  1.00 19.86 ? 2884 ASP A CG  1 
ATOM   818  O OD1 . ASP A 1 96  ? 15.316  -12.113 11.716  1.00 21.56 ? 2884 ASP A OD1 1 
ATOM   819  O OD2 . ASP A 1 96  ? 15.982  -13.916 12.767  1.00 21.60 ? 2884 ASP A OD2 1 
ATOM   820  N N   A SER A 1 97  ? 12.146  -11.014 11.286  0.25 15.36 ? 2885 SER A N   1 
ATOM   821  N N   B SER A 1 97  ? 12.143  -11.014 11.268  0.25 15.30 ? 2885 SER A N   1 
ATOM   822  C CA  A SER A 1 97  ? 11.499  -10.028 12.142  0.25 14.80 ? 2885 SER A CA  1 
ATOM   823  C CA  B SER A 1 97  ? 11.495  -9.986  12.084  0.25 14.70 ? 2885 SER A CA  1 
ATOM   824  C C   A SER A 1 97  ? 9.986   -10.056 11.934  0.25 14.29 ? 2885 SER A C   1 
ATOM   825  C C   B SER A 1 97  ? 9.975   -10.031 11.913  0.25 14.23 ? 2885 SER A C   1 
ATOM   826  O O   A SER A 1 97  ? 9.519   -10.377 10.836  0.25 14.26 ? 2885 SER A O   1 
ATOM   827  O O   B SER A 1 97  ? 9.491   -10.346 10.820  0.25 14.11 ? 2885 SER A O   1 
ATOM   828  C CB  A SER A 1 97  ? 12.023  -8.635  11.823  0.25 14.80 ? 2885 SER A CB  1 
ATOM   829  C CB  B SER A 1 97  ? 12.019  -8.605  11.672  0.25 14.69 ? 2885 SER A CB  1 
ATOM   830  O OG  A SER A 1 97  ? 11.565  -8.221  10.553  0.25 14.64 ? 2885 SER A OG  1 
ATOM   831  O OG  B SER A 1 97  ? 11.219  -7.553  12.186  0.25 14.45 ? 2885 SER A OG  1 
ATOM   832  N N   . PRO A 1 98  ? 9.209   -9.704  12.980  1.00 14.00 ? 2886 PRO A N   1 
ATOM   833  C CA  . PRO A 1 98  ? 7.738   -9.605  12.819  1.00 13.35 ? 2886 PRO A CA  1 
ATOM   834  C C   . PRO A 1 98  ? 7.296   -8.522  11.802  1.00 11.88 ? 2886 PRO A C   1 
ATOM   835  O O   . PRO A 1 98  ? 6.269   -8.672  11.158  1.00 11.91 ? 2886 PRO A O   1 
ATOM   836  C CB  . PRO A 1 98  ? 7.238   -9.285  14.238  1.00 14.10 ? 2886 PRO A CB  1 
ATOM   837  C CG  . PRO A 1 98  ? 8.414   -8.719  14.939  1.00 14.76 ? 2886 PRO A CG  1 
ATOM   838  C CD  . PRO A 1 98  ? 9.605   -9.429  14.386  1.00 14.32 ? 2886 PRO A CD  1 
ATOM   839  N N   . PHE A 1 99  ? 8.089   -7.461  11.653  1.00 10.97 ? 2887 PHE A N   1 
ATOM   840  C CA  . PHE A 1 99  ? 7.797   -6.436  10.640  1.00 11.23 ? 2887 PHE A CA  1 
ATOM   841  C C   . PHE A 1 99  ? 7.800   -7.020  9.216   1.00 10.49 ? 2887 PHE A C   1 
ATOM   842  O O   . PHE A 1 99  ? 6.879   -6.775  8.434   1.00 9.85  ? 2887 PHE A O   1 
ATOM   843  C CB  . PHE A 1 99  ? 8.814   -5.290  10.702  1.00 12.34 ? 2887 PHE A CB  1 
ATOM   844  C CG  . PHE A 1 99  ? 8.733   -4.451  11.957  1.00 13.99 ? 2887 PHE A CG  1 
ATOM   845  C CD1 . PHE A 1 99  ? 7.763   -3.468  12.082  1.00 15.58 ? 2887 PHE A CD1 1 
ATOM   846  C CD2 . PHE A 1 99  ? 9.651   -4.611  12.992  1.00 15.90 ? 2887 PHE A CD2 1 
ATOM   847  C CE1 . PHE A 1 99  ? 7.687   -2.673  13.219  1.00 16.75 ? 2887 PHE A CE1 1 
ATOM   848  C CE2 . PHE A 1 99  ? 9.581   -3.824  14.136  1.00 16.98 ? 2887 PHE A CE2 1 
ATOM   849  C CZ  . PHE A 1 99  ? 8.598   -2.855  14.249  1.00 17.06 ? 2887 PHE A CZ  1 
ATOM   850  N N   . TYR A 1 100 ? 8.842   -7.794  8.909   1.00 10.55 ? 2888 TYR A N   1 
ATOM   851  C CA  . TYR A 1 100 ? 8.982   -8.468  7.610   1.00 11.22 ? 2888 TYR A CA  1 
ATOM   852  C C   . TYR A 1 100 ? 7.804   -9.426  7.367   1.00 11.51 ? 2888 TYR A C   1 
ATOM   853  O O   . TYR A 1 100 ? 7.223   -9.416  6.270   1.00 11.41 ? 2888 TYR A O   1 
ATOM   854  C CB  . TYR A 1 100 ? 10.337  -9.186  7.558   1.00 11.45 ? 2888 TYR A CB  1 
ATOM   855  C CG  . TYR A 1 100 ? 10.812  -9.676  6.197   1.00 11.87 ? 2888 TYR A CG  1 
ATOM   856  C CD1 . TYR A 1 100 ? 10.213  -10.778 5.573   1.00 12.41 ? 2888 TYR A CD1 1 
ATOM   857  C CD2 . TYR A 1 100 ? 11.917  -9.091  5.562   1.00 12.38 ? 2888 TYR A CD2 1 
ATOM   858  C CE1 . TYR A 1 100 ? 10.676  -11.259 4.347   1.00 13.33 ? 2888 TYR A CE1 1 
ATOM   859  C CE2 . TYR A 1 100 ? 12.389  -9.573  4.343   1.00 13.26 ? 2888 TYR A CE2 1 
ATOM   860  C CZ  . TYR A 1 100 ? 11.764  -10.651 3.735   1.00 13.48 ? 2888 TYR A CZ  1 
ATOM   861  O OH  . TYR A 1 100 ? 12.243  -11.118 2.519   1.00 16.00 ? 2888 TYR A OH  1 
ATOM   862  N N   A GLN A 1 101 ? 7.465   -10.229 8.381   0.38 12.19 ? 2889 GLN A N   1 
ATOM   863  N N   B GLN A 1 101 ? 7.461   -10.220 8.383   0.12 11.28 ? 2889 GLN A N   1 
ATOM   864  C CA  A GLN A 1 101 ? 6.303   -11.136 8.355   0.38 13.03 ? 2889 GLN A CA  1 
ATOM   865  C CA  B GLN A 1 101 ? 6.315   -11.134 8.342   0.12 11.30 ? 2889 GLN A CA  1 
ATOM   866  C C   A GLN A 1 101 ? 4.999   -10.414 8.016   0.38 12.16 ? 2889 GLN A C   1 
ATOM   867  C C   B GLN A 1 101 ? 4.997   -10.423 8.027   0.12 11.28 ? 2889 GLN A C   1 
ATOM   868  O O   A GLN A 1 101 ? 4.218   -10.889 7.184   0.38 12.13 ? 2889 GLN A O   1 
ATOM   869  O O   B GLN A 1 101 ? 4.207   -10.915 7.218   0.12 11.31 ? 2889 GLN A O   1 
ATOM   870  C CB  A GLN A 1 101 ? 6.141   -11.851 9.713   0.38 14.70 ? 2889 GLN A CB  1 
ATOM   871  C CB  B GLN A 1 101 ? 6.185   -11.871 9.681   0.12 11.31 ? 2889 GLN A CB  1 
ATOM   872  C CG  A GLN A 1 101 ? 4.744   -12.411 9.977   0.38 16.09 ? 2889 GLN A CG  1 
ATOM   873  C CG  B GLN A 1 101 ? 4.951   -12.750 9.804   0.12 11.19 ? 2889 GLN A CG  1 
ATOM   874  C CD  A GLN A 1 101 ? 4.464   -12.696 11.448  0.38 17.32 ? 2889 GLN A CD  1 
ATOM   875  C CD  B GLN A 1 101 ? 4.657   -13.145 11.240  0.12 11.06 ? 2889 GLN A CD  1 
ATOM   876  O OE1 A GLN A 1 101 ? 5.277   -12.400 12.322  0.38 19.08 ? 2889 GLN A OE1 1 
ATOM   877  O OE1 B GLN A 1 101 ? 4.247   -12.317 12.062  0.12 10.33 ? 2889 GLN A OE1 1 
ATOM   878  N NE2 A GLN A 1 101 ? 3.301   -13.274 11.721  0.38 17.16 ? 2889 GLN A NE2 1 
ATOM   879  N NE2 B GLN A 1 101 ? 4.856   -14.413 11.549  0.12 11.10 ? 2889 GLN A NE2 1 
ATOM   880  N N   . CYS A 1 102 ? 4.767   -9.274  8.664   1.00 11.40 ? 2890 CYS A N   1 
ATOM   881  C CA  . CYS A 1 102 ? 3.556   -8.462  8.407   1.00 11.03 ? 2890 CYS A CA  1 
ATOM   882  C C   . CYS A 1 102 ? 3.487   -7.957  6.954   1.00 10.18 ? 2890 CYS A C   1 
ATOM   883  O O   . CYS A 1 102 ? 2.410   -7.941  6.357   1.00 9.53  ? 2890 CYS A O   1 
ATOM   884  C CB  . CYS A 1 102 ? 3.468   -7.269  9.377   1.00 11.64 ? 2890 CYS A CB  1 
ATOM   885  S SG  . CYS A 1 102 ? 3.064   -7.621  11.108  1.00 13.82 ? 2890 CYS A SG  1 
ATOM   886  N N   . ALA A 1 103 ? 4.635   -7.568  6.389   1.00 9.85  ? 2891 ALA A N   1 
ATOM   887  C CA  . ALA A 1 103 ? 4.694   -7.192  4.969   1.00 9.84  ? 2891 ALA A CA  1 
ATOM   888  C C   . ALA A 1 103 ? 4.285   -8.342  4.025   1.00 9.89  ? 2891 ALA A C   1 
ATOM   889  O O   . ALA A 1 103 ? 3.551   -8.104  3.061   1.00 9.81  ? 2891 ALA A O   1 
ATOM   890  C CB  . ALA A 1 103 ? 6.075   -6.657  4.590   1.00 9.87  ? 2891 ALA A CB  1 
ATOM   891  N N   A GLU A 1 104 ? 4.767   -9.557  4.309   0.25 10.25 ? 2892 GLU A N   1 
ATOM   892  N N   B GLU A 1 104 ? 4.750   -9.563  4.298   0.25 9.81  ? 2892 GLU A N   1 
ATOM   893  C CA  A GLU A 1 104 ? 4.400   -10.762 3.548   0.25 10.67 ? 2892 GLU A CA  1 
ATOM   894  C CA  B GLU A 1 104 ? 4.385   -10.727 3.477   0.25 9.95  ? 2892 GLU A CA  1 
ATOM   895  C C   A GLU A 1 104 ? 2.884   -10.991 3.552   0.25 10.43 ? 2892 GLU A C   1 
ATOM   896  C C   B GLU A 1 104 ? 2.875   -11.026 3.545   0.25 10.02 ? 2892 GLU A C   1 
ATOM   897  O O   A GLU A 1 104 ? 2.264   -11.175 2.497   0.25 10.43 ? 2892 GLU A O   1 
ATOM   898  O O   B GLU A 1 104 ? 2.245   -11.300 2.518   0.25 10.07 ? 2892 GLU A O   1 
ATOM   899  C CB  A GLU A 1 104 ? 5.100   -12.001 4.130   0.25 11.33 ? 2892 GLU A CB  1 
ATOM   900  C CB  B GLU A 1 104 ? 5.198   -11.964 3.887   0.25 9.97  ? 2892 GLU A CB  1 
ATOM   901  C CG  A GLU A 1 104 ? 6.608   -12.058 3.925   0.25 12.00 ? 2892 GLU A CG  1 
ATOM   902  C CG  B GLU A 1 104 ? 6.711   -11.818 3.758   0.25 10.13 ? 2892 GLU A CG  1 
ATOM   903  C CD  A GLU A 1 104 ? 7.257   -13.222 4.659   0.25 12.72 ? 2892 GLU A CD  1 
ATOM   904  C CD  B GLU A 1 104 ? 7.216   -11.988 2.336   0.25 10.15 ? 2892 GLU A CD  1 
ATOM   905  O OE1 A GLU A 1 104 ? 6.775   -13.586 5.753   0.25 13.73 ? 2892 GLU A OE1 1 
ATOM   906  O OE1 B GLU A 1 104 ? 7.972   -12.957 2.090   0.25 10.70 ? 2892 GLU A OE1 1 
ATOM   907  O OE2 A GLU A 1 104 ? 8.251   -13.774 4.146   0.25 13.62 ? 2892 GLU A OE2 1 
ATOM   908  O OE2 B GLU A 1 104 ? 6.867   -11.156 1.474   0.25 10.28 ? 2892 GLU A OE2 1 
ATOM   909  N N   . VAL A 1 105 ? 2.295   -10.964 4.746   1.00 10.12 ? 2893 VAL A N   1 
ATOM   910  C CA  . VAL A 1 105 ? 0.839   -11.191 4.919   1.00 10.27 ? 2893 VAL A CA  1 
ATOM   911  C C   . VAL A 1 105 ? 0.005   -10.099 4.240   1.00 9.64  ? 2893 VAL A C   1 
ATOM   912  O O   . VAL A 1 105 ? -0.920  -10.392 3.443   1.00 9.45  ? 2893 VAL A O   1 
ATOM   913  C CB  . VAL A 1 105 ? 0.424   -11.262 6.431   1.00 11.36 ? 2893 VAL A CB  1 
ATOM   914  C CG1 . VAL A 1 105 ? -1.080  -11.496 6.572   1.00 12.13 ? 2893 VAL A CG1 1 
ATOM   915  C CG2 . VAL A 1 105 ? 1.202   -12.338 7.190   1.00 11.81 ? 2893 VAL A CG2 1 
ATOM   916  N N   . LEU A 1 106 ? 0.344   -8.842  4.534   1.00 9.33  ? 2894 LEU A N   1 
ATOM   917  C CA  . LEU A 1 106 ? -0.470  -7.744  4.029   1.00 9.44  ? 2894 LEU A CA  1 
ATOM   918  C C   . LEU A 1 106 ? -0.332  -7.586  2.511   1.00 9.32  ? 2894 LEU A C   1 
ATOM   919  O O   . LEU A 1 106 ? -1.315  -7.237  1.851   1.00 9.40  ? 2894 LEU A O   1 
ATOM   920  C CB  . LEU A 1 106 ? -0.192  -6.424  4.768   1.00 9.82  ? 2894 LEU A CB  1 
ATOM   921  C CG  . LEU A 1 106 ? -1.331  -5.399  4.684   1.00 10.65 ? 2894 LEU A CG  1 
ATOM   922  C CD1 . LEU A 1 106 ? -2.621  -5.882  5.335   1.00 10.99 ? 2894 LEU A CD1 1 
ATOM   923  C CD2 . LEU A 1 106 ? -0.903  -4.069  5.288   1.00 11.05 ? 2894 LEU A CD2 1 
ATOM   924  N N   . GLU A 1 107 ? 0.837   -7.875  1.933   1.00 9.32  ? 2895 GLU A N   1 
ATOM   925  C CA  . GLU A 1 107 ? 0.946   -7.795  0.467   1.00 9.87  ? 2895 GLU A CA  1 
ATOM   926  C C   . GLU A 1 107 ? 0.069   -8.850  -0.224  1.00 9.35  ? 2895 GLU A C   1 
ATOM   927  O O   . GLU A 1 107 ? -0.557  -8.550  -1.238  1.00 9.03  ? 2895 GLU A O   1 
ATOM   928  C CB  . GLU A 1 107 ? 2.384   -7.891  -0.040  1.00 10.85 ? 2895 GLU A CB  1 
ATOM   929  C CG  . GLU A 1 107 ? 2.481   -7.650  -1.551  1.00 12.33 ? 2895 GLU A CG  1 
ATOM   930  C CD  . GLU A 1 107 ? 3.881   -7.308  -2.052  1.00 13.39 ? 2895 GLU A CD  1 
ATOM   931  O OE1 . GLU A 1 107 ? 4.866   -7.839  -1.517  1.00 15.48 ? 2895 GLU A OE1 1 
ATOM   932  O OE2 . GLU A 1 107 ? 4.005   -6.521  -3.012  1.00 16.12 ? 2895 GLU A OE2 1 
ATOM   933  N N   . SER A 1 108 ? 0.019   -10.068 0.334   1.00 9.44  ? 2896 SER A N   1 
ATOM   934  C CA  . SER A 1 108 ? -0.854  -11.144 -0.198  1.00 10.13 ? 2896 SER A CA  1 
ATOM   935  C C   . SER A 1 108 ? -2.334  -10.720 -0.170  1.00 9.58  ? 2896 SER A C   1 
ATOM   936  O O   . SER A 1 108 ? -3.098  -10.969 -1.122  1.00 9.37  ? 2896 SER A O   1 
ATOM   937  C CB  . SER A 1 108 ? -0.655  -12.483 0.577   1.00 11.03 ? 2896 SER A CB  1 
ATOM   938  O OG  . SER A 1 108 ? -1.388  -12.522 1.796   1.00 13.67 ? 2896 SER A OG  1 
ATOM   939  N N   . PHE A 1 109 ? -2.728  -10.079 0.927   1.00 9.43  ? 2897 PHE A N   1 
ATOM   940  C CA  . PHE A 1 109 ? -4.090  -9.575  1.107   1.00 9.58  ? 2897 PHE A CA  1 
ATOM   941  C C   . PHE A 1 109 ? -4.380  -8.458  0.094   1.00 8.97  ? 2897 PHE A C   1 
ATOM   942  O O   . PHE A 1 109 ? -5.454  -8.440  -0.530  1.00 8.86  ? 2897 PHE A O   1 
ATOM   943  C CB  . PHE A 1 109 ? -4.261  -9.100  2.555   1.00 10.16 ? 2897 PHE A CB  1 
ATOM   944  C CG  . PHE A 1 109 ? -5.635  -8.617  2.897   1.00 10.69 ? 2897 PHE A CG  1 
ATOM   945  C CD1 . PHE A 1 109 ? -6.701  -9.507  3.061   1.00 11.40 ? 2897 PHE A CD1 1 
ATOM   946  C CD2 . PHE A 1 109 ? -5.862  -7.262  3.109   1.00 11.48 ? 2897 PHE A CD2 1 
ATOM   947  C CE1 . PHE A 1 109 ? -7.955  -9.038  3.407   1.00 12.09 ? 2897 PHE A CE1 1 
ATOM   948  C CE2 . PHE A 1 109 ? -7.112  -6.802  3.464   1.00 12.18 ? 2897 PHE A CE2 1 
ATOM   949  C CZ  . PHE A 1 109 ? -8.152  -7.688  3.608   1.00 12.46 ? 2897 PHE A CZ  1 
ATOM   950  N N   . PHE A 1 110 ? -3.433  -7.525  -0.065  1.00 8.99  ? 2898 PHE A N   1 
ATOM   951  C CA  . PHE A 1 110 ? -3.556  -6.480  -1.090  1.00 9.19  ? 2898 PHE A CA  1 
ATOM   952  C C   . PHE A 1 110 ? -3.772  -7.062  -2.495  1.00 9.09  ? 2898 PHE A C   1 
ATOM   953  O O   . PHE A 1 110 ? -4.644  -6.591  -3.230  1.00 9.50  ? 2898 PHE A O   1 
ATOM   954  C CB  . PHE A 1 110 ? -2.333  -5.552  -1.080  1.00 9.20  ? 2898 PHE A CB  1 
ATOM   955  C CG  . PHE A 1 110 ? -2.352  -4.519  -2.172  1.00 9.36  ? 2898 PHE A CG  1 
ATOM   956  C CD1 . PHE A 1 110 ? -3.350  -3.550  -2.223  1.00 9.40  ? 2898 PHE A CD1 1 
ATOM   957  C CD2 . PHE A 1 110 ? -1.371  -4.509  -3.159  1.00 9.91  ? 2898 PHE A CD2 1 
ATOM   958  C CE1 . PHE A 1 110 ? -3.374  -2.605  -3.248  1.00 10.07 ? 2898 PHE A CE1 1 
ATOM   959  C CE2 . PHE A 1 110 ? -1.395  -3.561  -4.178  1.00 10.24 ? 2898 PHE A CE2 1 
ATOM   960  C CZ  . PHE A 1 110 ? -2.393  -2.609  -4.219  1.00 10.27 ? 2898 PHE A CZ  1 
ATOM   961  N N   . VAL A 1 111 ? -2.984  -8.064  -2.866  1.00 9.28  ? 2899 VAL A N   1 
ATOM   962  C CA  . VAL A 1 111 ? -3.132  -8.683  -4.187  1.00 9.75  ? 2899 VAL A CA  1 
ATOM   963  C C   . VAL A 1 111 ? -4.538  -9.283  -4.359  1.00 9.48  ? 2899 VAL A C   1 
ATOM   964  O O   . VAL A 1 111 ? -5.151  -9.113  -5.430  1.00 9.60  ? 2899 VAL A O   1 
ATOM   965  C CB  . VAL A 1 111 ? -2.009  -9.710  -4.457  1.00 10.25 ? 2899 VAL A CB  1 
ATOM   966  C CG1 . VAL A 1 111 ? -2.313  -10.585 -5.677  1.00 10.84 ? 2899 VAL A CG1 1 
ATOM   967  C CG2 . VAL A 1 111 ? -0.680  -8.992  -4.645  1.00 10.64 ? 2899 VAL A CG2 1 
ATOM   968  N N   . GLN A 1 112 ? -5.069  -9.946  -3.323  1.00 9.38  ? 2900 GLN A N   1 
ATOM   969  C CA  . GLN A 1 112 ? -6.445  -10.480 -3.399  1.00 9.66  ? 2900 GLN A CA  1 
ATOM   970  C C   . GLN A 1 112 ? -7.456  -9.361  -3.662  1.00 9.75  ? 2900 GLN A C   1 
ATOM   971  O O   . GLN A 1 112 ? -8.336  -9.486  -4.530  1.00 10.21 ? 2900 GLN A O   1 
ATOM   972  C CB  . GLN A 1 112 ? -6.824  -11.226 -2.110  1.00 9.80  ? 2900 GLN A CB  1 
ATOM   973  C CG  . GLN A 1 112 ? -6.074  -12.535 -1.879  1.00 9.96  ? 2900 GLN A CG  1 
ATOM   974  C CD  . GLN A 1 112 ? -6.310  -13.143 -0.502  1.00 10.05 ? 2900 GLN A CD  1 
ATOM   975  O OE1 . GLN A 1 112 ? -6.468  -12.434 0.495   1.00 10.82 ? 2900 GLN A OE1 1 
ATOM   976  N NE2 . GLN A 1 112 ? -6.315  -14.478 -0.438  1.00 10.69 ? 2900 GLN A NE2 1 
ATOM   977  N N   . LYS A 1 113 ? -7.350  -8.271  -2.898  1.00 9.57  ? 2901 LYS A N   1 
ATOM   978  C CA  . LYS A 1 113 ? -8.269  -7.128  -3.041  1.00 9.93  ? 2901 LYS A CA  1 
ATOM   979  C C   . LYS A 1 113 ? -8.100  -6.397  -4.382  1.00 9.93  ? 2901 LYS A C   1 
ATOM   980  O O   . LYS A 1 113 ? -9.091  -5.948  -4.981  1.00 10.11 ? 2901 LYS A O   1 
ATOM   981  C CB  . LYS A 1 113 ? -8.113  -6.143  -1.870  1.00 10.26 ? 2901 LYS A CB  1 
ATOM   982  C CG  . LYS A 1 113 ? -8.553  -6.696  -0.520  1.00 11.33 ? 2901 LYS A CG  1 
ATOM   983  C CD  . LYS A 1 113 ? -10.066 -6.799  -0.396  1.00 12.08 ? 2901 LYS A CD  1 
ATOM   984  C CE  . LYS A 1 113 ? -10.501 -7.317  0.968   1.00 13.01 ? 2901 LYS A CE  1 
ATOM   985  N NZ  . LYS A 1 113 ? -11.991 -7.353  1.059   1.00 13.57 ? 2901 LYS A NZ  1 
ATOM   986  N N   . LEU A 1 114 ? -6.852  -6.263  -4.835  1.00 9.92  ? 2902 LEU A N   1 
ATOM   987  C CA  . LEU A 1 114 ? -6.544  -5.615  -6.123  1.00 10.41 ? 2902 LEU A CA  1 
ATOM   988  C C   . LEU A 1 114 ? -7.145  -6.388  -7.311  1.00 10.20 ? 2902 LEU A C   1 
ATOM   989  O O   . LEU A 1 114 ? -7.711  -5.777  -8.227  1.00 10.22 ? 2902 LEU A O   1 
ATOM   990  C CB  . LEU A 1 114 ? -5.028  -5.456  -6.284  1.00 10.96 ? 2902 LEU A CB  1 
ATOM   991  C CG  . LEU A 1 114 ? -4.536  -4.821  -7.587  1.00 11.56 ? 2902 LEU A CG  1 
ATOM   992  C CD1 . LEU A 1 114 ? -5.023  -3.384  -7.700  1.00 11.73 ? 2902 LEU A CD1 1 
ATOM   993  C CD2 . LEU A 1 114 ? -3.022  -4.893  -7.676  1.00 11.66 ? 2902 LEU A CD2 1 
ATOM   994  N N   . LYS A 1 115 ? -7.040  -7.722  -7.292  1.00 10.40 ? 2903 LYS A N   1 
ATOM   995  C CA  . LYS A 1 115 ? -7.709  -8.561  -8.309  1.00 10.68 ? 2903 LYS A CA  1 
ATOM   996  C C   . LYS A 1 115 ? -9.229  -8.337  -8.332  1.00 10.19 ? 2903 LYS A C   1 
ATOM   997  O O   . LYS A 1 115 ? -9.836  -8.230  -9.408  1.00 10.39 ? 2903 LYS A O   1 
ATOM   998  C CB  . LYS A 1 115 ? -7.388  -10.038 -8.084  1.00 11.49 ? 2903 LYS A CB  1 
ATOM   999  C CG  . LYS A 1 115 ? -5.970  -10.424 -8.468  1.00 12.71 ? 2903 LYS A CG  1 
ATOM   1000 C CD  . LYS A 1 115 ? -5.755  -11.911 -8.231  1.00 14.02 ? 2903 LYS A CD  1 
ATOM   1001 C CE  . LYS A 1 115 ? -4.326  -12.370 -8.465  1.00 15.10 ? 2903 LYS A CE  1 
ATOM   1002 N NZ  . LYS A 1 115 ? -4.226  -13.843 -8.294  1.00 16.09 ? 2903 LYS A NZ  1 
ATOM   1003 N N   . GLY A 1 116 ? -9.830  -8.233  -7.153  1.00 10.30 ? 2904 GLY A N   1 
ATOM   1004 C CA  . GLY A 1 116 ? -11.262 -7.921  -7.024  1.00 10.62 ? 2904 GLY A CA  1 
ATOM   1005 C C   . GLY A 1 116 ? -11.626 -6.569  -7.631  1.00 10.88 ? 2904 GLY A C   1 
ATOM   1006 O O   . GLY A 1 116 ? -12.611 -6.441  -8.376  1.00 10.95 ? 2904 GLY A O   1 
ATOM   1007 N N   . PHE A 1 117 ? -10.821 -5.547  -7.322  1.00 10.90 ? 2905 PHE A N   1 
ATOM   1008 C CA  . PHE A 1 117 ? -11.016 -4.206  -7.884  1.00 11.46 ? 2905 PHE A CA  1 
ATOM   1009 C C   . PHE A 1 117 ? -10.940 -4.215  -9.421  1.00 11.46 ? 2905 PHE A C   1 
ATOM   1010 O O   . PHE A 1 117 ? -11.805 -3.639  -10.099 1.00 11.77 ? 2905 PHE A O   1 
ATOM   1011 C CB  . PHE A 1 117 ? -9.983  -3.225  -7.298  1.00 12.08 ? 2905 PHE A CB  1 
ATOM   1012 C CG  . PHE A 1 117 ? -10.053 -1.851  -7.909  1.00 12.97 ? 2905 PHE A CG  1 
ATOM   1013 C CD1 . PHE A 1 117 ? -11.040 -0.957  -7.522  1.00 14.19 ? 2905 PHE A CD1 1 
ATOM   1014 C CD2 . PHE A 1 117 ? -9.153  -1.466  -8.899  1.00 13.61 ? 2905 PHE A CD2 1 
ATOM   1015 C CE1 . PHE A 1 117 ? -11.123 0.303   -8.101  1.00 14.48 ? 2905 PHE A CE1 1 
ATOM   1016 C CE2 . PHE A 1 117 ? -9.239  -0.202  -9.478  1.00 14.30 ? 2905 PHE A CE2 1 
ATOM   1017 C CZ  . PHE A 1 117 ? -10.224 0.680   -9.070  1.00 14.57 ? 2905 PHE A CZ  1 
ATOM   1018 N N   . LYS A 1 118 ? -9.909  -4.862  -9.964  1.00 11.72 ? 2906 LYS A N   1 
ATOM   1019 C CA  . LYS A 1 118 ? -9.727  -4.915  -11.416 1.00 12.60 ? 2906 LYS A CA  1 
ATOM   1020 C C   . LYS A 1 118 ? -10.915 -5.580  -12.107 1.00 13.23 ? 2906 LYS A C   1 
ATOM   1021 O O   . LYS A 1 118 ? -11.379 -5.097  -13.148 1.00 13.96 ? 2906 LYS A O   1 
ATOM   1022 C CB  . LYS A 1 118 ? -8.424  -5.620  -11.784 1.00 12.61 ? 2906 LYS A CB  1 
ATOM   1023 C CG  . LYS A 1 118 ? -7.172  -4.813  -11.479 1.00 12.98 ? 2906 LYS A CG  1 
ATOM   1024 C CD  . LYS A 1 118 ? -5.930  -5.587  -11.880 1.00 13.79 ? 2906 LYS A CD  1 
ATOM   1025 C CE  . LYS A 1 118 ? -4.657  -4.821  -11.558 1.00 14.62 ? 2906 LYS A CE  1 
ATOM   1026 N NZ  . LYS A 1 118 ? -3.447  -5.546  -12.030 1.00 15.29 ? 2906 LYS A NZ  1 
ATOM   1027 N N   . ALA A 1 119 ? -11.412 -6.673  -11.534 1.00 13.93 ? 2907 ALA A N   1 
ATOM   1028 C CA  . ALA A 1 119 ? -12.586 -7.366  -12.082 1.00 15.50 ? 2907 ALA A CA  1 
ATOM   1029 C C   . ALA A 1 119 ? -13.848 -6.482  -12.096 1.00 17.09 ? 2907 ALA A C   1 
ATOM   1030 O O   . ALA A 1 119 ? -14.652 -6.562  -13.027 1.00 18.55 ? 2907 ALA A O   1 
ATOM   1031 C CB  . ALA A 1 119 ? -12.840 -8.662  -11.323 1.00 15.59 ? 2907 ALA A CB  1 
ATOM   1032 N N   . SER A 1 120 ? -14.001 -5.636  -11.082 1.00 18.21 ? 2908 SER A N   1 
ATOM   1033 C CA  . SER A 1 120 ? -15.162 -4.739  -10.956 1.00 19.68 ? 2908 SER A CA  1 
ATOM   1034 C C   . SER A 1 120 ? -15.145 -3.510  -11.883 1.00 19.83 ? 2908 SER A C   1 
ATOM   1035 O O   . SER A 1 120 ? -16.196 -2.889  -12.088 1.00 20.18 ? 2908 SER A O   1 
ATOM   1036 C CB  . SER A 1 120 ? -15.298 -4.258  -9.503  1.00 20.27 ? 2908 SER A CB  1 
ATOM   1037 O OG  . SER A 1 120 ? -14.313 -3.284  -9.188  1.00 22.39 ? 2908 SER A OG  1 
ATOM   1038 N N   . ARG A 1 121 ? -13.973 -3.135  -12.407 1.00 20.41 ? 2909 ARG A N   1 
ATOM   1039 C CA  . ARG A 1 121 ? -13.858 -1.984  -13.321 1.00 22.11 ? 2909 ARG A CA  1 
ATOM   1040 C C   . ARG A 1 121 ? -14.556 -2.243  -14.659 1.00 26.37 ? 2909 ARG A C   1 
ATOM   1041 O O   . ARG A 1 121 ? -15.200 -1.347  -15.204 1.00 29.34 ? 2909 ARG A O   1 
ATOM   1042 C CB  . ARG A 1 121 ? -12.393 -1.649  -13.651 1.00 20.57 ? 2909 ARG A CB  1 
ATOM   1043 C CG  . ARG A 1 121 ? -11.513 -1.119  -12.534 1.00 19.34 ? 2909 ARG A CG  1 
ATOM   1044 C CD  . ARG A 1 121 ? -10.168 -0.675  -13.106 1.00 18.07 ? 2909 ARG A CD  1 
ATOM   1045 N NE  . ARG A 1 121 ? -10.111 0.743   -13.486 1.00 16.60 ? 2909 ARG A NE  1 
ATOM   1046 C CZ  . ARG A 1 121 ? -9.051  1.345   -14.042 1.00 15.55 ? 2909 ARG A CZ  1 
ATOM   1047 N NH1 . ARG A 1 121 ? -7.953  0.653   -14.345 1.00 15.25 ? 2909 ARG A NH1 1 
ATOM   1048 N NH2 . ARG A 1 121 ? -9.095  2.649   -14.314 1.00 15.34 ? 2909 ARG A NH2 1 
ATOM   1049 N N   . SER A 1 122 ? -14.396 -3.465  -15.170 1.00 31.49 ? 2910 SER A N   1 
ATOM   1050 C CA  . SER A 1 122 ? -14.671 -3.809  -16.571 1.00 35.31 ? 2910 SER A CA  1 
ATOM   1051 C C   . SER A 1 122 ? -16.051 -4.423  -16.833 1.00 38.55 ? 2910 SER A C   1 
ATOM   1052 O O   . SER A 1 122 ? -16.653 -4.153  -17.878 1.00 40.60 ? 2910 SER A O   1 
ATOM   1053 C CB  . SER A 1 122 ? -13.582 -4.765  -17.077 1.00 35.71 ? 2910 SER A CB  1 
ATOM   1054 O OG  . SER A 1 122 ? -13.413 -5.862  -16.192 1.00 36.39 ? 2910 SER A OG  1 
ATOM   1055 N N   . HIS A 1 123 ? -16.540 -5.246  -15.901 1.00 41.86 ? 2911 HIS A N   1 
ATOM   1056 C CA  . HIS A 1 123 ? -17.830 -5.942  -16.054 1.00 43.64 ? 2911 HIS A CA  1 
ATOM   1057 C C   . HIS A 1 123 ? -18.804 -5.612  -14.920 1.00 44.22 ? 2911 HIS A C   1 
ATOM   1058 O O   . HIS A 1 123 ? -18.574 -4.695  -14.128 1.00 44.48 ? 2911 HIS A O   1 
ATOM   1059 C CB  . HIS A 1 123 ? -17.620 -7.463  -16.158 1.00 44.93 ? 2911 HIS A CB  1 
ATOM   1060 C CG  . HIS A 1 123 ? -17.023 -8.089  -14.933 1.00 46.25 ? 2911 HIS A CG  1 
ATOM   1061 N ND1 . HIS A 1 123 ? -17.752 -8.327  -13.787 1.00 47.14 ? 2911 HIS A ND1 1 
ATOM   1062 C CD2 . HIS A 1 123 ? -15.773 -8.545  -14.682 1.00 47.06 ? 2911 HIS A CD2 1 
ATOM   1063 C CE1 . HIS A 1 123 ? -16.973 -8.888  -12.880 1.00 47.31 ? 2911 HIS A CE1 1 
ATOM   1064 N NE2 . HIS A 1 123 ? -15.767 -9.033  -13.398 1.00 47.59 ? 2911 HIS A NE2 1 
HETATM 1065 S S   . DMS B 2 .   ? -6.528  -2.880  12.363  1.00 36.55 ? 3001 DMS A S   1 
HETATM 1066 O O   . DMS B 2 .   ? -7.345  -1.697  12.727  1.00 37.09 ? 3001 DMS A O   1 
HETATM 1067 C C1  . DMS B 2 .   ? -4.891  -2.399  12.246  1.00 36.11 ? 3001 DMS A C1  1 
HETATM 1068 C C2  . DMS B 2 .   ? -6.537  -3.952  13.693  1.00 36.39 ? 3001 DMS A C2  1 
HETATM 1069 C C   . TRS C 3 .   ? -12.461 -7.522  5.245   1.00 49.00 ? 3002 TRS A C   1 
HETATM 1070 C C1  . TRS C 3 .   ? -13.555 -6.456  5.378   1.00 49.21 ? 3002 TRS A C1  1 
HETATM 1071 C C2  . TRS C 3 .   ? -11.501 -7.001  4.208   1.00 47.40 ? 3002 TRS A C2  1 
HETATM 1072 C C3  . TRS C 3 .   ? -12.988 -8.896  4.824   1.00 49.62 ? 3002 TRS A C3  1 
HETATM 1073 N N   . TRS C 3 .   ? -11.692 -7.678  6.523   1.00 49.51 ? 3002 TRS A N   1 
HETATM 1074 O O1  . TRS C 3 .   ? -13.016 -5.123  5.438   1.00 48.48 ? 3002 TRS A O1  1 
HETATM 1075 O O2  . TRS C 3 .   ? -10.586 -6.162  4.912   1.00 47.67 ? 3002 TRS A O2  1 
HETATM 1076 O O3  . TRS C 3 .   ? -12.148 -9.949  5.317   1.00 50.16 ? 3002 TRS A O3  1 
HETATM 1077 C C1  . M25 D 4 .   ? 13.153  -0.955  15.397  0.52 22.63 ? 3003 M25 A C1  1 
HETATM 1078 C C2  . M25 D 4 .   ? 13.183  -1.397  14.085  0.52 22.11 ? 3003 M25 A C2  1 
HETATM 1079 C C3  . M25 D 4 .   ? 12.151  -1.060  13.227  0.52 21.52 ? 3003 M25 A C3  1 
HETATM 1080 C C4  . M25 D 4 .   ? 11.080  -0.281  13.650  0.52 20.87 ? 3003 M25 A C4  1 
HETATM 1081 C C5  . M25 D 4 .   ? 11.080  0.155   14.968  0.52 21.48 ? 3003 M25 A C5  1 
HETATM 1082 C C6  . M25 D 4 .   ? 12.100  -0.173  15.841  0.52 22.03 ? 3003 M25 A C6  1 
HETATM 1083 S S   . M25 D 4 .   ? 14.466  -1.374  16.501  0.52 23.76 ? 3003 M25 A S   1 
HETATM 1084 O O1  . M25 D 4 .   ? 15.018  -2.622  16.062  0.52 23.82 ? 3003 M25 A O1  1 
HETATM 1085 O O2  . M25 D 4 .   ? 13.959  -1.275  17.838  0.52 23.78 ? 3003 M25 A O2  1 
HETATM 1086 N N1  . M25 D 4 .   ? 15.619  -0.271  16.350  0.52 23.82 ? 3003 M25 A N1  1 
HETATM 1087 C C7  . M25 D 4 .   ? 9.943   0.108   12.730  0.52 19.86 ? 3003 M25 A C7  1 
HETATM 1088 C C8  . M25 D 4 .   ? 9.921   -0.612  11.398  0.52 18.89 ? 3003 M25 A C8  1 
HETATM 1089 N N2  . M25 D 4 .   ? 8.724   -0.307  10.627  0.52 17.91 ? 3003 M25 A N2  1 
HETATM 1090 C C9  . M25 D 4 .   ? 8.603   -0.592  9.324   0.52 17.14 ? 3003 M25 A C9  1 
HETATM 1091 C C10 . M25 D 4 .   ? 7.290   -0.271  8.683   0.52 17.02 ? 3003 M25 A C10 1 
HETATM 1092 O O3  . M25 D 4 .   ? 9.525   -1.097  8.684   0.52 15.77 ? 3003 M25 A O3  1 
HETATM 1093 O O   . HOH E 5 .   ? -9.484  -6.184  6.851   1.00 19.83 ? 3101 HOH A O   1 
HETATM 1094 O O   . HOH E 5 .   ? 0.253   10.539  9.662   1.00 29.81 ? 3102 HOH A O   1 
HETATM 1095 O O   . HOH E 5 .   ? -12.364 -5.582  7.852   1.00 22.55 ? 3103 HOH A O   1 
HETATM 1096 O O   . HOH E 5 .   ? -5.750  2.752   -14.524 1.00 11.14 ? 3104 HOH A O   1 
HETATM 1097 O O   . HOH E 5 .   ? 16.130  -7.148  4.812   1.00 14.36 ? 3105 HOH A O   1 
HETATM 1098 O O   . HOH E 5 .   ? -9.307  5.314   4.546   1.00 21.86 ? 3106 HOH A O   1 
HETATM 1099 O O   . HOH E 5 .   ? 5.597   8.066   -4.483  1.00 37.77 ? 3107 HOH A O   1 
HETATM 1100 O O   . HOH E 5 .   ? 14.733  -8.415  2.018   1.00 43.77 ? 3108 HOH A O   1 
HETATM 1101 O O   . HOH E 5 .   ? 19.579  2.373   0.924   1.00 21.40 ? 3109 HOH A O   1 
HETATM 1102 O O   . HOH E 5 .   ? 9.612   0.072   6.199   1.00 10.37 ? 3110 HOH A O   1 
HETATM 1103 O O   . HOH E 5 .   ? 9.548   -12.888 9.365   1.00 28.67 ? 3111 HOH A O   1 
HETATM 1104 O O   . HOH E 5 .   ? -15.324 9.038   -5.935  1.00 24.28 ? 3112 HOH A O   1 
HETATM 1105 O O   . HOH E 5 .   ? 18.071  -5.596  3.239   1.00 14.87 ? 3113 HOH A O   1 
HETATM 1106 O O   . HOH E 5 .   ? -17.897 2.478   1.099   1.00 23.47 ? 3114 HOH A O   1 
HETATM 1107 O O   . HOH E 5 .   ? 13.896  10.955  16.680  1.00 73.58 ? 3115 HOH A O   1 
HETATM 1108 O O   . HOH E 5 .   ? 0.793   -8.352  -15.559 1.00 37.47 ? 3116 HOH A O   1 
HETATM 1109 O O   . HOH E 5 .   ? 14.344  9.386   3.918   1.00 16.95 ? 3117 HOH A O   1 
HETATM 1110 O O   . HOH E 5 .   ? 16.290  -16.586 12.639  1.00 40.66 ? 3118 HOH A O   1 
HETATM 1111 O O   . HOH E 5 .   ? 0.720   4.838   -16.771 1.00 52.57 ? 3119 HOH A O   1 
HETATM 1112 O O   . HOH E 5 .   ? 14.099  -4.635  12.506  1.00 28.25 ? 3120 HOH A O   1 
HETATM 1113 O O   . HOH E 5 .   ? -11.143 8.641   4.051   1.00 26.76 ? 3121 HOH A O   1 
HETATM 1114 O O   . HOH E 5 .   ? 3.846   8.418   -6.034  1.00 12.84 ? 3122 HOH A O   1 
HETATM 1115 O O   . HOH E 5 .   ? -9.604  -7.273  10.542  1.00 42.77 ? 3123 HOH A O   1 
HETATM 1116 O O   . HOH E 5 .   ? 1.046   6.314   -14.540 1.00 38.36 ? 3124 HOH A O   1 
HETATM 1117 O O   . HOH E 5 .   ? -11.102 6.101   -17.647 1.00 34.38 ? 3125 HOH A O   1 
HETATM 1118 O O   . HOH E 5 .   ? 18.160  2.993   14.487  1.00 50.58 ? 3126 HOH A O   1 
HETATM 1119 O O   . HOH E 5 .   ? 15.579  -15.419 14.991  1.00 58.49 ? 3127 HOH A O   1 
HETATM 1120 O O   . HOH E 5 .   ? 12.644  11.260  -0.945  1.00 16.26 ? 3128 HOH A O   1 
HETATM 1121 O O   . HOH E 5 .   ? 2.065   -4.950  -4.086  1.00 17.57 ? 3129 HOH A O   1 
HETATM 1122 O O   . HOH E 5 .   ? 22.160  -1.493  1.187   1.00 13.61 ? 3130 HOH A O   1 
HETATM 1123 O O   . HOH E 5 .   ? -5.487  -5.373  16.368  1.00 61.12 ? 3131 HOH A O   1 
HETATM 1124 O O   . HOH E 5 .   ? -6.874  1.342   11.138  1.00 18.44 ? 3132 HOH A O   1 
HETATM 1125 O O   . HOH E 5 .   ? -4.027  6.391   -21.845 1.00 47.17 ? 3133 HOH A O   1 
HETATM 1126 O O   . HOH E 5 .   ? 3.100   -7.087  -17.588 1.00 47.26 ? 3134 HOH A O   1 
HETATM 1127 O O   . HOH E 5 .   ? 3.158   -12.112 0.079   1.00 20.81 ? 3135 HOH A O   1 
HETATM 1128 O O   . HOH E 5 .   ? -15.253 0.954   -8.027  1.00 35.94 ? 3136 HOH A O   1 
HETATM 1129 O O   . HOH E 5 .   ? -0.588  9.391   -15.439 1.00 36.19 ? 3137 HOH A O   1 
HETATM 1130 O O   . HOH E 5 .   ? 8.243   3.353   4.433   1.00 11.81 ? 3138 HOH A O   1 
HETATM 1131 O O   . HOH E 5 .   ? 3.712   -2.192  -15.276 1.00 53.10 ? 3139 HOH A O   1 
HETATM 1132 O O   . HOH E 5 .   ? -13.335 -4.753  0.775   1.00 16.65 ? 3140 HOH A O   1 
HETATM 1133 O O   . HOH E 5 .   ? 17.486  -13.534 5.155   1.00 21.00 ? 3141 HOH A O   1 
HETATM 1134 O O   . HOH E 5 .   ? -2.467  17.780  1.490   1.00 21.74 ? 3142 HOH A O   1 
HETATM 1135 O O   . HOH E 5 .   ? 5.762   5.228   -5.462  1.00 20.07 ? 3143 HOH A O   1 
HETATM 1136 O O   . HOH E 5 .   ? -20.111 -9.546  -13.084 1.00 82.61 ? 3144 HOH A O   1 
HETATM 1137 O O   . HOH E 5 .   ? 6.972   0.891   -5.982  1.00 13.50 ? 3145 HOH A O   1 
HETATM 1138 O O   . HOH E 5 .   ? -5.422  10.630  -16.523 1.00 48.19 ? 3146 HOH A O   1 
HETATM 1139 O O   . HOH E 5 .   ? -7.870  10.273  -12.666 1.00 30.72 ? 3147 HOH A O   1 
HETATM 1140 O O   . HOH E 5 .   ? 8.482   9.047   -0.391  1.00 11.38 ? 3148 HOH A O   1 
HETATM 1141 O O   . HOH E 5 .   ? -5.852  -15.446 -9.868  1.00 23.70 ? 3149 HOH A O   1 
HETATM 1142 O O   . HOH E 5 .   ? 5.113   2.817   8.760   1.00 11.37 ? 3150 HOH A O   1 
HETATM 1143 O O   . HOH E 5 .   ? 6.042   7.861   5.144   1.00 13.55 ? 3151 HOH A O   1 
HETATM 1144 O O   . HOH E 5 .   ? 5.021   1.907   6.155   1.00 12.59 ? 3152 HOH A O   1 
HETATM 1145 O O   . HOH E 5 .   ? -15.647 3.903   -14.368 1.00 26.15 ? 3153 HOH A O   1 
HETATM 1146 O O   . HOH E 5 .   ? 18.552  -1.948  7.743   1.00 28.86 ? 3154 HOH A O   1 
HETATM 1147 O O   . HOH E 5 .   ? 17.811  8.784   2.827   1.00 32.88 ? 3155 HOH A O   1 
HETATM 1148 O O   . HOH E 5 .   ? 4.252   12.138  -8.443  1.00 21.58 ? 3156 HOH A O   1 
HETATM 1149 O O   . HOH E 5 .   ? -8.840  -9.380  -11.755 1.00 19.31 ? 3157 HOH A O   1 
HETATM 1150 O O   . HOH E 5 .   ? -16.407 10.978  -2.857  1.00 27.11 ? 3158 HOH A O   1 
HETATM 1151 O O   . HOH E 5 .   ? 3.351   12.176  4.372   1.00 14.01 ? 3159 HOH A O   1 
HETATM 1152 O O   . HOH E 5 .   ? -9.964  -3.756  12.401  1.00 18.42 ? 3160 HOH A O   1 
HETATM 1153 O O   . HOH E 5 .   ? -3.705  4.753   8.016   1.00 14.75 ? 3161 HOH A O   1 
HETATM 1154 O O   . HOH E 5 .   ? 9.029   -0.442  -4.489  1.00 15.13 ? 3162 HOH A O   1 
HETATM 1155 O O   . HOH E 5 .   ? -4.370  16.181  -6.682  1.00 23.35 ? 3163 HOH A O   1 
HETATM 1156 O O   . HOH E 5 .   ? -11.667 -5.924  -3.822  1.00 14.23 ? 3164 HOH A O   1 
HETATM 1157 O O   . HOH E 5 .   ? 12.739  -4.703  -0.953  1.00 11.51 ? 3165 HOH A O   1 
HETATM 1158 O O   . HOH E 5 .   ? -9.495  -3.951  -14.922 1.00 19.71 ? 3166 HOH A O   1 
HETATM 1159 O O   . HOH E 5 .   ? -15.783 3.793   -0.925  1.00 33.26 ? 3167 HOH A O   1 
HETATM 1160 O O   . HOH E 5 .   ? -10.265 15.977  -3.959  1.00 14.54 ? 3168 HOH A O   1 
HETATM 1161 O O   . HOH E 5 .   ? 7.166   0.622   5.047   1.00 12.31 ? 3169 HOH A O   1 
HETATM 1162 O O   . HOH E 5 .   ? -3.813  -7.868  -10.440 1.00 22.04 ? 3170 HOH A O   1 
HETATM 1163 O O   . HOH E 5 .   ? -13.349 14.731  -7.499  1.00 44.83 ? 3171 HOH A O   1 
HETATM 1164 O O   . HOH E 5 .   ? 8.525   -6.426  -4.930  1.00 23.23 ? 3172 HOH A O   1 
HETATM 1165 O O   . HOH E 5 .   ? -14.787 -8.263  -8.050  1.00 17.70 ? 3173 HOH A O   1 
HETATM 1166 O O   . HOH E 5 .   ? 2.938   6.569   -7.776  1.00 21.95 ? 3174 HOH A O   1 
HETATM 1167 O O   . HOH E 5 .   ? 17.179  -11.072 6.135   1.00 22.56 ? 3175 HOH A O   1 
HETATM 1168 O O   . HOH E 5 .   ? -2.375  -13.091 -2.908  1.00 13.51 ? 3176 HOH A O   1 
HETATM 1169 O O   . HOH E 5 .   ? -12.460 2.820   -15.450 1.00 28.48 ? 3177 HOH A O   1 
HETATM 1170 O O   . HOH E 5 .   ? -1.110  11.968  5.802   1.00 26.73 ? 3178 HOH A O   1 
HETATM 1171 O O   . HOH E 5 .   ? -5.552  -12.202 5.647   1.00 17.10 ? 3179 HOH A O   1 
HETATM 1172 O O   . HOH E 5 .   ? -10.645 0.842   7.994   1.00 14.12 ? 3180 HOH A O   1 
HETATM 1173 O O   . HOH E 5 .   ? -16.744 5.636   0.486   1.00 42.64 ? 3181 HOH A O   1 
HETATM 1174 O O   . HOH E 5 .   ? -3.664  -6.236  -14.819 1.00 21.96 ? 3182 HOH A O   1 
HETATM 1175 O O   . HOH E 5 .   ? 2.637   -0.313  -10.436 1.00 14.70 ? 3183 HOH A O   1 
HETATM 1176 O O   . HOH E 5 .   ? -0.155  15.686  -0.455  1.00 19.44 ? 3184 HOH A O   1 
HETATM 1177 O O   . HOH E 5 .   ? 15.345  7.881   11.151  1.00 22.39 ? 3185 HOH A O   1 
HETATM 1178 O O   . HOH E 5 .   ? -14.400 0.881   -10.605 1.00 31.79 ? 3186 HOH A O   1 
HETATM 1179 O O   . HOH E 5 .   ? 10.970  -6.889  -1.329  1.00 18.53 ? 3187 HOH A O   1 
HETATM 1180 O O   . HOH E 5 .   ? -7.345  -2.200  -14.451 1.00 23.43 ? 3188 HOH A O   1 
HETATM 1181 O O   . HOH E 5 .   ? -3.296  -5.646  -22.033 1.00 52.15 ? 3189 HOH A O   1 
HETATM 1182 O O   . HOH E 5 .   ? -0.160  11.456  -10.397 1.00 32.82 ? 3190 HOH A O   1 
HETATM 1183 O O   . HOH E 5 .   ? 1.956   2.674   12.166  1.00 17.47 ? 3191 HOH A O   1 
HETATM 1184 O O   . HOH E 5 .   ? -1.168  -4.095  -10.875 1.00 22.22 ? 3192 HOH A O   1 
HETATM 1185 O O   . HOH E 5 .   ? 1.871   13.690  2.558   1.00 17.53 ? 3193 HOH A O   1 
HETATM 1186 O O   . HOH E 5 .   ? 1.688   13.455  -0.298  1.00 17.15 ? 3194 HOH A O   1 
HETATM 1187 O O   . HOH E 5 .   ? 10.641  0.806   -2.417  1.00 16.26 ? 3195 HOH A O   1 
HETATM 1188 O O   . HOH E 5 .   ? -14.410 -2.163  -6.438  1.00 25.66 ? 3196 HOH A O   1 
HETATM 1189 O O   . HOH E 5 .   ? -7.119  -9.394  9.802   1.00 23.04 ? 3197 HOH A O   1 
HETATM 1190 O O   . HOH E 5 .   ? -7.372  11.979  -10.598 1.00 22.54 ? 3198 HOH A O   1 
HETATM 1191 O O   . HOH E 5 .   ? 6.006   -7.322  -5.156  1.00 21.07 ? 3199 HOH A O   1 
HETATM 1192 O O   . HOH E 5 .   ? -10.026 -11.779 4.109   1.00 24.18 ? 3200 HOH A O   1 
HETATM 1193 O O   . HOH E 5 .   ? -15.249 10.351  -13.620 1.00 28.24 ? 3201 HOH A O   1 
HETATM 1194 O O   . HOH E 5 .   ? 2.812   -3.079  -18.928 1.00 37.89 ? 3202 HOH A O   1 
HETATM 1195 O O   . HOH E 5 .   ? 7.052   5.574   6.702   1.00 14.96 ? 3203 HOH A O   1 
HETATM 1196 O O   . HOH E 5 .   ? 4.652   1.007   -11.898 1.00 29.42 ? 3204 HOH A O   1 
HETATM 1197 O O   . HOH E 5 .   ? -10.017 5.336   1.954   1.00 22.19 ? 3205 HOH A O   1 
HETATM 1198 O O   . HOH E 5 .   ? -11.441 10.984  -10.805 1.00 37.12 ? 3206 HOH A O   1 
HETATM 1199 O O   . HOH E 5 .   ? -10.928 10.665  -15.175 1.00 43.70 ? 3207 HOH A O   1 
HETATM 1200 O O   . HOH E 5 .   ? 14.648  -9.996  13.983  1.00 36.54 ? 3208 HOH A O   1 
HETATM 1201 O O   . HOH E 5 .   ? 3.516   -4.449  -7.947  1.00 22.67 ? 3209 HOH A O   1 
HETATM 1202 O O   . HOH E 5 .   ? 19.189  -2.052  4.472   1.00 22.50 ? 3210 HOH A O   1 
HETATM 1203 O O   . HOH E 5 .   ? 0.815   10.419  7.039   1.00 22.22 ? 3211 HOH A O   1 
HETATM 1204 O O   . HOH E 5 .   ? 8.007   10.705  10.863  1.00 24.54 ? 3212 HOH A O   1 
HETATM 1205 O O   . HOH E 5 .   ? 7.141   3.198   13.527  0.52 17.55 ? 3213 HOH A O   1 
HETATM 1206 O O   . HOH E 5 .   ? 2.374   -4.666  -10.681 1.00 31.87 ? 3214 HOH A O   1 
HETATM 1207 O O   . HOH E 5 .   ? 3.359   8.587   -13.339 1.00 46.36 ? 3215 HOH A O   1 
HETATM 1208 O O   . HOH E 5 .   ? -17.283 7.626   -12.893 1.00 25.12 ? 3216 HOH A O   1 
HETATM 1209 O O   . HOH E 5 .   ? -16.376 0.035   -4.021  1.00 36.13 ? 3217 HOH A O   1 
HETATM 1210 O O   . HOH E 5 .   ? -6.078  -14.629 -5.720  1.00 5.22  ? 3218 HOH A O   1 
HETATM 1211 O O   . HOH E 5 .   ? -8.733  -8.778  7.504   1.00 17.40 ? 3219 HOH A O   1 
HETATM 1212 O O   . HOH E 5 .   ? -12.765 -2.483  -4.396  1.00 39.70 ? 3220 HOH A O   1 
HETATM 1213 O O   . HOH E 5 .   ? -15.477 -5.127  -6.105  1.00 26.95 ? 3221 HOH A O   1 
HETATM 1214 O O   . HOH E 5 .   ? -5.035  7.686   8.988   1.00 46.14 ? 3222 HOH A O   1 
HETATM 1215 O O   . HOH E 5 .   ? 4.228   -1.579  -8.444  1.00 17.16 ? 3223 HOH A O   1 
HETATM 1216 O O   . HOH E 5 .   ? 18.655  -6.034  5.978   1.00 26.58 ? 3224 HOH A O   1 
HETATM 1217 O O   . HOH E 5 .   ? 3.531   4.038   -11.710 1.00 32.31 ? 3225 HOH A O   1 
HETATM 1218 O O   . HOH E 5 .   ? 17.689  -13.158 9.154   1.00 25.39 ? 3226 HOH A O   1 
HETATM 1219 O O   . HOH E 5 .   ? 2.096   0.713   15.904  1.00 34.12 ? 3227 HOH A O   1 
HETATM 1220 O O   . HOH E 5 .   ? 1.899   -11.053 -2.604  1.00 22.83 ? 3228 HOH A O   1 
HETATM 1221 O O   . HOH E 5 .   ? -21.732 -1.582  -3.670  1.00 24.58 ? 3229 HOH A O   1 
HETATM 1222 O O   . HOH E 5 .   ? -9.625  0.846   10.568  1.00 18.71 ? 3230 HOH A O   1 
HETATM 1223 O O   . HOH E 5 .   ? -8.134  -11.372 6.376   1.00 21.14 ? 3231 HOH A O   1 
HETATM 1224 O O   . HOH E 5 .   ? -12.033 -3.837  -1.755  1.00 25.78 ? 3232 HOH A O   1 
HETATM 1225 O O   . HOH E 5 .   ? -9.785  -8.664  -14.324 1.00 26.07 ? 3233 HOH A O   1 
HETATM 1226 O O   . HOH E 5 .   ? 7.658   3.460   -6.618  1.00 24.86 ? 3234 HOH A O   1 
HETATM 1227 O O   . HOH E 5 .   ? -2.468  8.916   14.934  1.00 41.11 ? 3235 HOH A O   1 
HETATM 1228 O O   . HOH E 5 .   ? 1.281   -5.854  -6.676  1.00 24.10 ? 3236 HOH A O   1 
HETATM 1229 O O   . HOH E 5 .   ? -5.827  -4.146  18.758  1.00 31.76 ? 3237 HOH A O   1 
HETATM 1230 O O   . HOH E 5 .   ? -17.738 5.958   -15.015 1.00 44.19 ? 3238 HOH A O   1 
HETATM 1231 O O   . HOH E 5 .   ? -2.533  4.546   14.153  1.00 28.83 ? 3239 HOH A O   1 
HETATM 1232 O O   . HOH E 5 .   ? -11.852 8.787   -17.478 1.00 60.56 ? 3240 HOH A O   1 
HETATM 1233 O O   . HOH E 5 .   ? 0.003   3.644   14.140  1.00 26.74 ? 3241 HOH A O   1 
HETATM 1234 O O   . HOH E 5 .   ? -9.848  13.080  -10.115 1.00 51.26 ? 3242 HOH A O   1 
HETATM 1235 O O   . HOH E 5 .   ? 21.698  -2.694  3.720   1.00 22.17 ? 3243 HOH A O   1 
HETATM 1236 O O   . HOH E 5 .   ? -6.265  -7.675  17.553  1.00 55.27 ? 3244 HOH A O   1 
HETATM 1237 O O   . HOH E 5 .   ? -7.107  11.830  -14.778 1.00 49.87 ? 3245 HOH A O   1 
HETATM 1238 O O   . HOH E 5 .   ? -1.762  14.688  -2.390  1.00 14.10 ? 3246 HOH A O   1 
HETATM 1239 O O   . HOH E 5 .   ? -5.858  -9.365  -11.977 1.00 34.55 ? 3247 HOH A O   1 
HETATM 1240 O O   . HOH E 5 .   ? 6.757   -0.639  -8.198  1.00 24.33 ? 3248 HOH A O   1 
HETATM 1241 O O   . HOH E 5 .   ? -23.178 1.053   -11.559 1.00 38.57 ? 3249 HOH A O   1 
HETATM 1242 O O   . HOH E 5 .   ? 5.533   -0.202  14.812  1.00 24.50 ? 3250 HOH A O   1 
HETATM 1243 O O   . HOH E 5 .   ? -0.669  -7.760  -8.021  1.00 32.82 ? 3251 HOH A O   1 
# 
